data_7M2A
# 
_entry.id   7M2A 
# 
_audit_conform.dict_name       mmcif_pdbx.dic 
_audit_conform.dict_version    5.397 
_audit_conform.dict_location   http://mmcif.pdb.org/dictionaries/ascii/mmcif_pdbx.dic 
# 
loop_
_database_2.database_id 
_database_2.database_code 
_database_2.pdbx_database_accession 
_database_2.pdbx_DOI 
PDB   7M2A         pdb_00007m2a 10.2210/pdb7m2a/pdb 
WWPDB D_1000255407 ?            ?                   
BMRB  30885        ?            10.13018/BMR30885   
# 
loop_
_pdbx_audit_revision_history.ordinal 
_pdbx_audit_revision_history.data_content_type 
_pdbx_audit_revision_history.major_revision 
_pdbx_audit_revision_history.minor_revision 
_pdbx_audit_revision_history.revision_date 
1 'Structure model' 1 0 2021-03-24 
2 'Structure model' 1 1 2021-11-10 
3 'Structure model' 1 2 2021-12-08 
4 'Structure model' 1 3 2023-06-14 
5 'Structure model' 1 4 2024-10-09 
# 
_pdbx_audit_revision_details.ordinal             1 
_pdbx_audit_revision_details.revision_ordinal    1 
_pdbx_audit_revision_details.data_content_type   'Structure model' 
_pdbx_audit_revision_details.provider            repository 
_pdbx_audit_revision_details.type                'Initial release' 
_pdbx_audit_revision_details.description         ? 
_pdbx_audit_revision_details.details             ? 
# 
loop_
_pdbx_audit_revision_group.ordinal 
_pdbx_audit_revision_group.revision_ordinal 
_pdbx_audit_revision_group.data_content_type 
_pdbx_audit_revision_group.group 
1 2 'Structure model' 'Database references' 
2 3 'Structure model' 'Database references' 
3 4 'Structure model' Other                 
4 5 'Structure model' 'Data collection'     
5 5 'Structure model' 'Database references' 
6 5 'Structure model' 'Structure summary'   
# 
loop_
_pdbx_audit_revision_category.ordinal 
_pdbx_audit_revision_category.revision_ordinal 
_pdbx_audit_revision_category.data_content_type 
_pdbx_audit_revision_category.category 
1  2 'Structure model' citation                  
2  2 'Structure model' database_2                
3  3 'Structure model' citation                  
4  3 'Structure model' citation_author           
5  4 'Structure model' pdbx_database_status      
6  5 'Structure model' chem_comp_atom            
7  5 'Structure model' chem_comp_bond            
8  5 'Structure model' database_2                
9  5 'Structure model' pdbx_entry_details        
10 5 'Structure model' pdbx_modification_feature 
# 
loop_
_pdbx_audit_revision_item.ordinal 
_pdbx_audit_revision_item.revision_ordinal 
_pdbx_audit_revision_item.data_content_type 
_pdbx_audit_revision_item.item 
1  2 'Structure model' '_citation.country'                          
2  2 'Structure model' '_citation.journal_abbrev'                   
3  2 'Structure model' '_citation.journal_id_CSD'                   
4  2 'Structure model' '_citation.journal_id_ISSN'                  
5  2 'Structure model' '_citation.pdbx_database_id_DOI'             
6  2 'Structure model' '_citation.pdbx_database_id_PubMed'          
7  2 'Structure model' '_citation.title'                            
8  2 'Structure model' '_citation.year'                             
9  2 'Structure model' '_database_2.pdbx_DOI'                       
10 2 'Structure model' '_database_2.pdbx_database_accession'        
11 3 'Structure model' '_citation.journal_volume'                   
12 3 'Structure model' '_citation.page_first'                       
13 3 'Structure model' '_citation.page_last'                        
14 3 'Structure model' '_citation_author.identifier_ORCID'          
15 4 'Structure model' '_pdbx_database_status.status_code_nmr_data' 
16 5 'Structure model' '_database_2.pdbx_DOI'                       
# 
_pdbx_database_status.status_code                     REL 
_pdbx_database_status.status_code_sf                  ? 
_pdbx_database_status.status_code_mr                  REL 
_pdbx_database_status.entry_id                        7M2A 
_pdbx_database_status.recvd_initial_deposition_date   2021-03-16 
_pdbx_database_status.SG_entry                        N 
_pdbx_database_status.deposit_site                    RCSB 
_pdbx_database_status.process_site                    RCSB 
_pdbx_database_status.status_code_cs                  REL 
_pdbx_database_status.status_code_nmr_data            REL 
_pdbx_database_status.methods_development_category    ? 
_pdbx_database_status.pdb_format_compatible           Y 
# 
loop_
_pdbx_database_related.db_name 
_pdbx_database_related.details 
_pdbx_database_related.db_id 
_pdbx_database_related.content_type 
PDB  'Structure published in same article'                   7M25  unspecified 
PDB  'Structure published in same article'                   7M27  unspecified 
PDB  'Structure published in same article'                   7M28  unspecified 
PDB  'Structure published in same article'                   7M29  unspecified 
BMRB 'Solution NMR Structure of PawL-Derived Peptide PLP-38' 30885 unspecified 
# 
loop_
_audit_author.name 
_audit_author.pdbx_ordinal 
_audit_author.identifier_ORCID 
'Payne, C.D.'     1 0000-0002-9316-1465 
'Rosengren, K.J.' 2 0000-0002-5007-8434 
# 
_citation.abstract                  ? 
_citation.abstract_id_CAS           ? 
_citation.book_id_ISBN              ? 
_citation.book_publisher            ? 
_citation.book_publisher_city       ? 
_citation.book_title                ? 
_citation.coordinate_linkage        ? 
_citation.country                   US 
_citation.database_id_Medline       ? 
_citation.details                   ? 
_citation.id                        primary 
_citation.journal_abbrev            J.Nat.Prod. 
_citation.journal_id_ASTM           ? 
_citation.journal_id_CSD            ? 
_citation.journal_id_ISSN           1520-6025 
_citation.journal_full              ? 
_citation.journal_issue             ? 
_citation.journal_volume            84 
_citation.language                  ? 
_citation.page_first                2914 
_citation.page_last                 2922 
_citation.title                     
'Structural Characterization of the PawL-Derived Peptide Family, an Ancient Subfamily of Orbitides.' 
_citation.year                      2021 
_citation.database_id_CSD           ? 
_citation.pdbx_database_id_DOI      10.1021/acs.jnatprod.1c00672 
_citation.pdbx_database_id_PubMed   34672199 
_citation.pdbx_database_id_patent   ? 
_citation.unpublished_flag          ? 
# 
loop_
_citation_author.citation_id 
_citation_author.name 
_citation_author.ordinal 
_citation_author.identifier_ORCID 
primary 'Payne, C.D.'     1 ? 
primary 'Fisher, M.F.'    2 ? 
primary 'Mylne, J.S.'     3 ? 
primary 'Rosengren, K.J.' 4 ? 
# 
_entity.id                         1 
_entity.type                       polymer 
_entity.src_method                 syn 
_entity.pdbx_description           'PawL-Derived Peptide PLP-38' 
_entity.formula_weight             823.890 
_entity.pdbx_number_of_molecules   1 
_entity.pdbx_ec                    ? 
_entity.pdbx_mutation              ? 
_entity.pdbx_fragment              ? 
_entity.details                    ? 
# 
_entity_poly.entity_id                      1 
_entity_poly.type                           'polypeptide(L)' 
_entity_poly.nstd_linkage                   no 
_entity_poly.nstd_monomer                   no 
_entity_poly.pdbx_seq_one_letter_code       GLYPYPD 
_entity_poly.pdbx_seq_one_letter_code_can   GLYPYPD 
_entity_poly.pdbx_strand_id                 A 
_entity_poly.pdbx_target_identifier         ? 
# 
loop_
_entity_poly_seq.entity_id 
_entity_poly_seq.num 
_entity_poly_seq.mon_id 
_entity_poly_seq.hetero 
1 1 GLY n 
1 2 LEU n 
1 3 TYR n 
1 4 PRO n 
1 5 TYR n 
1 6 PRO n 
1 7 ASP n 
# 
_pdbx_entity_src_syn.entity_id              1 
_pdbx_entity_src_syn.pdbx_src_id            1 
_pdbx_entity_src_syn.pdbx_alt_source_flag   sample 
_pdbx_entity_src_syn.pdbx_beg_seq_num       1 
_pdbx_entity_src_syn.pdbx_end_seq_num       7 
_pdbx_entity_src_syn.organism_scientific    'Rudbeckia hirta' 
_pdbx_entity_src_syn.organism_common_name   ? 
_pdbx_entity_src_syn.ncbi_taxonomy_id       52299 
_pdbx_entity_src_syn.details                ? 
# 
loop_
_chem_comp.id 
_chem_comp.type 
_chem_comp.mon_nstd_flag 
_chem_comp.name 
_chem_comp.pdbx_synonyms 
_chem_comp.formula 
_chem_comp.formula_weight 
ASP 'L-peptide linking' y 'ASPARTIC ACID' ? 'C4 H7 N O4'  133.103 
GLY 'peptide linking'   y GLYCINE         ? 'C2 H5 N O2'  75.067  
LEU 'L-peptide linking' y LEUCINE         ? 'C6 H13 N O2' 131.173 
PRO 'L-peptide linking' y PROLINE         ? 'C5 H9 N O2'  115.130 
TYR 'L-peptide linking' y TYROSINE        ? 'C9 H11 N O3' 181.189 
# 
loop_
_pdbx_poly_seq_scheme.asym_id 
_pdbx_poly_seq_scheme.entity_id 
_pdbx_poly_seq_scheme.seq_id 
_pdbx_poly_seq_scheme.mon_id 
_pdbx_poly_seq_scheme.ndb_seq_num 
_pdbx_poly_seq_scheme.pdb_seq_num 
_pdbx_poly_seq_scheme.auth_seq_num 
_pdbx_poly_seq_scheme.pdb_mon_id 
_pdbx_poly_seq_scheme.auth_mon_id 
_pdbx_poly_seq_scheme.pdb_strand_id 
_pdbx_poly_seq_scheme.pdb_ins_code 
_pdbx_poly_seq_scheme.hetero 
A 1 1 GLY 1 1 1 GLY GLY A . n 
A 1 2 LEU 2 2 2 LEU LEU A . n 
A 1 3 TYR 3 3 3 TYR TYR A . n 
A 1 4 PRO 4 4 4 PRO PRO A . n 
A 1 5 TYR 5 5 5 TYR TYR A . n 
A 1 6 PRO 6 6 6 PRO PRO A . n 
A 1 7 ASP 7 7 7 ASP ASP A . n 
# 
_exptl.absorpt_coefficient_mu     ? 
_exptl.absorpt_correction_T_max   ? 
_exptl.absorpt_correction_T_min   ? 
_exptl.absorpt_correction_type    ? 
_exptl.absorpt_process_details    ? 
_exptl.entry_id                   7M2A 
_exptl.crystals_number            ? 
_exptl.details                    ? 
_exptl.method                     'SOLUTION NMR' 
_exptl.method_details             ? 
# 
_struct.entry_id                     7M2A 
_struct.title                        'Solution NMR Structure of PawL-Derived Peptide PLP-38' 
_struct.pdbx_model_details           ? 
_struct.pdbx_formula_weight          ? 
_struct.pdbx_formula_weight_method   ? 
_struct.pdbx_model_type_details      ? 
_struct.pdbx_CASP_flag               N 
# 
_struct_keywords.entry_id        7M2A 
_struct_keywords.text            'Cyclic, PLP, Orbitide, AEP-processed, PLANT PROTEIN' 
_struct_keywords.pdbx_keywords   'PLANT PROTEIN' 
# 
_struct_asym.id                            A 
_struct_asym.pdbx_blank_PDB_chainid_flag   N 
_struct_asym.pdbx_modified                 N 
_struct_asym.entity_id                     1 
_struct_asym.details                       ? 
# 
_struct_ref.id                         1 
_struct_ref.db_name                    PDB 
_struct_ref.db_code                    7M2A 
_struct_ref.pdbx_db_accession          7M2A 
_struct_ref.pdbx_db_isoform            ? 
_struct_ref.entity_id                  1 
_struct_ref.pdbx_seq_one_letter_code   ? 
_struct_ref.pdbx_align_begin           1 
# 
_struct_ref_seq.align_id                      1 
_struct_ref_seq.ref_id                        1 
_struct_ref_seq.pdbx_PDB_id_code              7M2A 
_struct_ref_seq.pdbx_strand_id                A 
_struct_ref_seq.seq_align_beg                 1 
_struct_ref_seq.pdbx_seq_align_beg_ins_code   ? 
_struct_ref_seq.seq_align_end                 7 
_struct_ref_seq.pdbx_seq_align_end_ins_code   ? 
_struct_ref_seq.pdbx_db_accession             7M2A 
_struct_ref_seq.db_align_beg                  1 
_struct_ref_seq.pdbx_db_align_beg_ins_code    ? 
_struct_ref_seq.db_align_end                  7 
_struct_ref_seq.pdbx_db_align_end_ins_code    ? 
_struct_ref_seq.pdbx_auth_seq_align_beg       1 
_struct_ref_seq.pdbx_auth_seq_align_end       7 
# 
_pdbx_struct_assembly.id                   1 
_pdbx_struct_assembly.details              author_defined_assembly 
_pdbx_struct_assembly.method_details       ? 
_pdbx_struct_assembly.oligomeric_details   monomeric 
_pdbx_struct_assembly.oligomeric_count     1 
# 
_pdbx_struct_assembly_gen.assembly_id       1 
_pdbx_struct_assembly_gen.oper_expression   1 
_pdbx_struct_assembly_gen.asym_id_list      A 
# 
_pdbx_struct_assembly_auth_evidence.id                     1 
_pdbx_struct_assembly_auth_evidence.assembly_id            1 
_pdbx_struct_assembly_auth_evidence.experimental_support   none 
_pdbx_struct_assembly_auth_evidence.details                'Monomeric structure is fully consistent with NOESY data' 
# 
_pdbx_struct_oper_list.id                   1 
_pdbx_struct_oper_list.type                 'identity operation' 
_pdbx_struct_oper_list.name                 1_555 
_pdbx_struct_oper_list.symmetry_operation   ? 
_pdbx_struct_oper_list.matrix[1][1]         1.0000000000 
_pdbx_struct_oper_list.matrix[1][2]         0.0000000000 
_pdbx_struct_oper_list.matrix[1][3]         0.0000000000 
_pdbx_struct_oper_list.vector[1]            0.0000000000 
_pdbx_struct_oper_list.matrix[2][1]         0.0000000000 
_pdbx_struct_oper_list.matrix[2][2]         1.0000000000 
_pdbx_struct_oper_list.matrix[2][3]         0.0000000000 
_pdbx_struct_oper_list.vector[2]            0.0000000000 
_pdbx_struct_oper_list.matrix[3][1]         0.0000000000 
_pdbx_struct_oper_list.matrix[3][2]         0.0000000000 
_pdbx_struct_oper_list.matrix[3][3]         1.0000000000 
_pdbx_struct_oper_list.vector[3]            0.0000000000 
# 
_struct_conn.id                            covale1 
_struct_conn.conn_type_id                  covale 
_struct_conn.pdbx_leaving_atom_flag        both 
_struct_conn.pdbx_PDB_id                   ? 
_struct_conn.ptnr1_label_asym_id           A 
_struct_conn.ptnr1_label_comp_id           GLY 
_struct_conn.ptnr1_label_seq_id            1 
_struct_conn.ptnr1_label_atom_id           N 
_struct_conn.pdbx_ptnr1_label_alt_id       ? 
_struct_conn.pdbx_ptnr1_PDB_ins_code       ? 
_struct_conn.pdbx_ptnr1_standard_comp_id   ? 
_struct_conn.ptnr1_symmetry                1_555 
_struct_conn.ptnr2_label_asym_id           A 
_struct_conn.ptnr2_label_comp_id           ASP 
_struct_conn.ptnr2_label_seq_id            7 
_struct_conn.ptnr2_label_atom_id           C 
_struct_conn.pdbx_ptnr2_label_alt_id       ? 
_struct_conn.pdbx_ptnr2_PDB_ins_code       ? 
_struct_conn.ptnr1_auth_asym_id            A 
_struct_conn.ptnr1_auth_comp_id            GLY 
_struct_conn.ptnr1_auth_seq_id             1 
_struct_conn.ptnr2_auth_asym_id            A 
_struct_conn.ptnr2_auth_comp_id            ASP 
_struct_conn.ptnr2_auth_seq_id             7 
_struct_conn.ptnr2_symmetry                1_555 
_struct_conn.pdbx_ptnr3_label_atom_id      ? 
_struct_conn.pdbx_ptnr3_label_seq_id       ? 
_struct_conn.pdbx_ptnr3_label_comp_id      ? 
_struct_conn.pdbx_ptnr3_label_asym_id      ? 
_struct_conn.pdbx_ptnr3_label_alt_id       ? 
_struct_conn.pdbx_ptnr3_PDB_ins_code       ? 
_struct_conn.details                       ? 
_struct_conn.pdbx_dist_value               1.315 
_struct_conn.pdbx_value_order              ? 
_struct_conn.pdbx_role                     ? 
# 
_struct_conn_type.id          covale 
_struct_conn_type.criteria    ? 
_struct_conn_type.reference   ? 
# 
_pdbx_modification_feature.ordinal                            1 
_pdbx_modification_feature.label_comp_id                      GLY 
_pdbx_modification_feature.label_asym_id                      A 
_pdbx_modification_feature.label_seq_id                       1 
_pdbx_modification_feature.label_alt_id                       ? 
_pdbx_modification_feature.modified_residue_label_comp_id     ASP 
_pdbx_modification_feature.modified_residue_label_asym_id     A 
_pdbx_modification_feature.modified_residue_label_seq_id      7 
_pdbx_modification_feature.modified_residue_label_alt_id      ? 
_pdbx_modification_feature.auth_comp_id                       GLY 
_pdbx_modification_feature.auth_asym_id                       A 
_pdbx_modification_feature.auth_seq_id                        1 
_pdbx_modification_feature.PDB_ins_code                       ? 
_pdbx_modification_feature.symmetry                           1_555 
_pdbx_modification_feature.modified_residue_auth_comp_id      ASP 
_pdbx_modification_feature.modified_residue_auth_asym_id      A 
_pdbx_modification_feature.modified_residue_auth_seq_id       7 
_pdbx_modification_feature.modified_residue_PDB_ins_code      ? 
_pdbx_modification_feature.modified_residue_symmetry          1_555 
_pdbx_modification_feature.comp_id_linking_atom               N 
_pdbx_modification_feature.modified_residue_id_linking_atom   C 
_pdbx_modification_feature.modified_residue_id                . 
_pdbx_modification_feature.ref_pcm_id                         . 
_pdbx_modification_feature.ref_comp_id                        . 
_pdbx_modification_feature.type                               None 
_pdbx_modification_feature.category                           'Non-standard linkage' 
# 
loop_
_struct_mon_prot_cis.pdbx_id 
_struct_mon_prot_cis.label_comp_id 
_struct_mon_prot_cis.label_seq_id 
_struct_mon_prot_cis.label_asym_id 
_struct_mon_prot_cis.label_alt_id 
_struct_mon_prot_cis.pdbx_PDB_ins_code 
_struct_mon_prot_cis.auth_comp_id 
_struct_mon_prot_cis.auth_seq_id 
_struct_mon_prot_cis.auth_asym_id 
_struct_mon_prot_cis.pdbx_label_comp_id_2 
_struct_mon_prot_cis.pdbx_label_seq_id_2 
_struct_mon_prot_cis.pdbx_label_asym_id_2 
_struct_mon_prot_cis.pdbx_PDB_ins_code_2 
_struct_mon_prot_cis.pdbx_auth_comp_id_2 
_struct_mon_prot_cis.pdbx_auth_seq_id_2 
_struct_mon_prot_cis.pdbx_auth_asym_id_2 
_struct_mon_prot_cis.pdbx_PDB_model_num 
_struct_mon_prot_cis.pdbx_omega_angle 
1  TYR 5 A . ? TYR 5 A PRO 6 A ? PRO 6 A 1  -2.22 
2  TYR 5 A . ? TYR 5 A PRO 6 A ? PRO 6 A 2  1.30  
3  TYR 5 A . ? TYR 5 A PRO 6 A ? PRO 6 A 3  -2.57 
4  TYR 5 A . ? TYR 5 A PRO 6 A ? PRO 6 A 4  -0.15 
5  TYR 5 A . ? TYR 5 A PRO 6 A ? PRO 6 A 5  -0.75 
6  TYR 5 A . ? TYR 5 A PRO 6 A ? PRO 6 A 6  2.40  
7  TYR 5 A . ? TYR 5 A PRO 6 A ? PRO 6 A 7  -1.81 
8  TYR 5 A . ? TYR 5 A PRO 6 A ? PRO 6 A 8  -0.63 
9  TYR 5 A . ? TYR 5 A PRO 6 A ? PRO 6 A 9  4.68  
10 TYR 5 A . ? TYR 5 A PRO 6 A ? PRO 6 A 10 -4.14 
11 TYR 5 A . ? TYR 5 A PRO 6 A ? PRO 6 A 11 2.04  
12 TYR 5 A . ? TYR 5 A PRO 6 A ? PRO 6 A 12 3.71  
13 TYR 5 A . ? TYR 5 A PRO 6 A ? PRO 6 A 13 3.63  
14 TYR 5 A . ? TYR 5 A PRO 6 A ? PRO 6 A 14 -3.42 
15 TYR 5 A . ? TYR 5 A PRO 6 A ? PRO 6 A 15 5.60  
16 TYR 5 A . ? TYR 5 A PRO 6 A ? PRO 6 A 16 2.18  
17 TYR 5 A . ? TYR 5 A PRO 6 A ? PRO 6 A 17 4.75  
18 TYR 5 A . ? TYR 5 A PRO 6 A ? PRO 6 A 18 -2.70 
19 TYR 5 A . ? TYR 5 A PRO 6 A ? PRO 6 A 19 -0.36 
20 TYR 5 A . ? TYR 5 A PRO 6 A ? PRO 6 A 20 3.03  
# 
_pdbx_entry_details.entry_id                   7M2A 
_pdbx_entry_details.compound_details           ? 
_pdbx_entry_details.source_details             ? 
_pdbx_entry_details.nonpolymer_details         ? 
_pdbx_entry_details.sequence_details           ? 
_pdbx_entry_details.has_ligand_of_interest     ? 
_pdbx_entry_details.has_protein_modification   Y 
# 
_pdbx_nmr_ensemble.entry_id                                      7M2A 
_pdbx_nmr_ensemble.conformers_calculated_total_number            50 
_pdbx_nmr_ensemble.conformers_submitted_total_number             20 
_pdbx_nmr_ensemble.conformer_selection_criteria                  'structures with the least restraint violations' 
_pdbx_nmr_ensemble.representative_conformer                      ? 
_pdbx_nmr_ensemble.average_constraints_per_residue               ? 
_pdbx_nmr_ensemble.average_constraint_violations_per_residue     ? 
_pdbx_nmr_ensemble.maximum_distance_constraint_violation         ? 
_pdbx_nmr_ensemble.average_distance_constraint_violation         ? 
_pdbx_nmr_ensemble.maximum_upper_distance_constraint_violation   ? 
_pdbx_nmr_ensemble.maximum_lower_distance_constraint_violation   ? 
_pdbx_nmr_ensemble.distance_constraint_violation_method          ? 
_pdbx_nmr_ensemble.maximum_torsion_angle_constraint_violation    ? 
_pdbx_nmr_ensemble.average_torsion_angle_constraint_violation    ? 
_pdbx_nmr_ensemble.torsion_angle_constraint_violation_method     ? 
# 
_pdbx_nmr_representative.entry_id             7M2A 
_pdbx_nmr_representative.conformer_id         1 
_pdbx_nmr_representative.selection_criteria   'closest to the average' 
# 
_pdbx_nmr_sample_details.solution_id      1 
_pdbx_nmr_sample_details.contents         '4 mg/mL PLP-38, 50% H2O/50% CD3CN' 
_pdbx_nmr_sample_details.solvent_system   '50% H2O/50% CD3CN' 
_pdbx_nmr_sample_details.label            PLP-38 
_pdbx_nmr_sample_details.type             solution 
_pdbx_nmr_sample_details.details          ? 
# 
_pdbx_nmr_exptl_sample.solution_id           1 
_pdbx_nmr_exptl_sample.component             PLP-38 
_pdbx_nmr_exptl_sample.concentration         4 
_pdbx_nmr_exptl_sample.concentration_range   ? 
_pdbx_nmr_exptl_sample.concentration_units   mg/mL 
_pdbx_nmr_exptl_sample.isotopic_labeling     'natural abundance' 
# 
loop_
_pdbx_nmr_exptl_sample_conditions.conditions_id 
_pdbx_nmr_exptl_sample_conditions.temperature 
_pdbx_nmr_exptl_sample_conditions.pressure_units 
_pdbx_nmr_exptl_sample_conditions.pressure 
_pdbx_nmr_exptl_sample_conditions.pH 
_pdbx_nmr_exptl_sample_conditions.ionic_strength 
_pdbx_nmr_exptl_sample_conditions.details 
_pdbx_nmr_exptl_sample_conditions.ionic_strength_err 
_pdbx_nmr_exptl_sample_conditions.ionic_strength_units 
_pdbx_nmr_exptl_sample_conditions.label 
_pdbx_nmr_exptl_sample_conditions.pH_err 
_pdbx_nmr_exptl_sample_conditions.pH_units 
_pdbx_nmr_exptl_sample_conditions.pressure_err 
_pdbx_nmr_exptl_sample_conditions.temperature_err 
_pdbx_nmr_exptl_sample_conditions.temperature_units 
1 288 atm 1 3.5 0 ? ? mM 288K ? pH ? ? K 
2 293 atm 1 3.5 0 ? ? mM 293K ? pH ? ? K 
3 298 atm 1 3.5 0 ? ? mM 298K ? pH ? ? K 
4 303 atm 1 3.5 0 ? ? mM 303K ? pH ? ? K 
5 308 atm 1 3.5 0 ? ? mM 308K ? pH ? ? K 
# 
loop_
_pdbx_nmr_exptl.experiment_id 
_pdbx_nmr_exptl.conditions_id 
_pdbx_nmr_exptl.solution_id 
_pdbx_nmr_exptl.type 
_pdbx_nmr_exptl.spectrometer_id 
_pdbx_nmr_exptl.sample_state 
1 3 1 '2D 1H-1H NOESY' 1 isotropic 
2 3 1 '2D 1H-1H TOCSY' 1 isotropic 
3 3 1 '2D 1H-13C HSQC' 1 isotropic 
4 3 1 '2D 1H-15N HSQC' 1 isotropic 
5 1 1 '2D 1H-1H TOCSY' 1 isotropic 
8 2 1 '2D 1H-1H TOCSY' 1 isotropic 
7 4 1 '2D 1H-1H TOCSY' 1 isotropic 
6 5 1 '2D 1H-1H TOCSY' 1 isotropic 
# 
loop_
_pdbx_nmr_refine.entry_id 
_pdbx_nmr_refine.method 
_pdbx_nmr_refine.details 
_pdbx_nmr_refine.software_ordinal 
7M2A 'simulated annealing' 'using torsion angle dynamics'                         5 
7M2A 'simulated annealing' 'using torsion angle dynamics and Cartesian space'     2 
7M2A 'simulated annealing' 'minimized in explicit water using Cartesian dynamics' 1 
# 
loop_
_pdbx_nmr_software.ordinal 
_pdbx_nmr_software.classification 
_pdbx_nmr_software.name 
_pdbx_nmr_software.version 
_pdbx_nmr_software.authors 
1 refinement                  CNS   ? 'Brunger, Adams, Clore, Gros, Nilges and Read' 
2 'structure calculation'     CNS   ? 'Brunger, Adams, Clore, Gros, Nilges and Read' 
5 'structure calculation'     CYANA ? 'Guntert, Mumenthaler and Wuthrich'            
3 'chemical shift assignment' CARA  ? 'Keller and Wuthrich'                          
4 'peak picking'              CARA  ? 'Keller and Wuthrich'                          
# 
loop_
_chem_comp_atom.comp_id 
_chem_comp_atom.atom_id 
_chem_comp_atom.type_symbol 
_chem_comp_atom.pdbx_aromatic_flag 
_chem_comp_atom.pdbx_stereo_config 
_chem_comp_atom.pdbx_ordinal 
ASP N    N N N 1  
ASP CA   C N S 2  
ASP C    C N N 3  
ASP O    O N N 4  
ASP CB   C N N 5  
ASP CG   C N N 6  
ASP OD1  O N N 7  
ASP OD2  O N N 8  
ASP OXT  O N N 9  
ASP H    H N N 10 
ASP H2   H N N 11 
ASP HA   H N N 12 
ASP HB2  H N N 13 
ASP HB3  H N N 14 
ASP HD2  H N N 15 
ASP HXT  H N N 16 
GLY N    N N N 17 
GLY CA   C N N 18 
GLY C    C N N 19 
GLY O    O N N 20 
GLY OXT  O N N 21 
GLY H    H N N 22 
GLY H2   H N N 23 
GLY HA2  H N N 24 
GLY HA3  H N N 25 
GLY HXT  H N N 26 
LEU N    N N N 27 
LEU CA   C N S 28 
LEU C    C N N 29 
LEU O    O N N 30 
LEU CB   C N N 31 
LEU CG   C N N 32 
LEU CD1  C N N 33 
LEU CD2  C N N 34 
LEU OXT  O N N 35 
LEU H    H N N 36 
LEU H2   H N N 37 
LEU HA   H N N 38 
LEU HB2  H N N 39 
LEU HB3  H N N 40 
LEU HG   H N N 41 
LEU HD11 H N N 42 
LEU HD12 H N N 43 
LEU HD13 H N N 44 
LEU HD21 H N N 45 
LEU HD22 H N N 46 
LEU HD23 H N N 47 
LEU HXT  H N N 48 
PRO N    N N N 49 
PRO CA   C N S 50 
PRO C    C N N 51 
PRO O    O N N 52 
PRO CB   C N N 53 
PRO CG   C N N 54 
PRO CD   C N N 55 
PRO OXT  O N N 56 
PRO H    H N N 57 
PRO HA   H N N 58 
PRO HB2  H N N 59 
PRO HB3  H N N 60 
PRO HG2  H N N 61 
PRO HG3  H N N 62 
PRO HD2  H N N 63 
PRO HD3  H N N 64 
PRO HXT  H N N 65 
TYR N    N N N 66 
TYR CA   C N S 67 
TYR C    C N N 68 
TYR O    O N N 69 
TYR CB   C N N 70 
TYR CG   C Y N 71 
TYR CD1  C Y N 72 
TYR CD2  C Y N 73 
TYR CE1  C Y N 74 
TYR CE2  C Y N 75 
TYR CZ   C Y N 76 
TYR OH   O N N 77 
TYR OXT  O N N 78 
TYR H    H N N 79 
TYR H2   H N N 80 
TYR HA   H N N 81 
TYR HB2  H N N 82 
TYR HB3  H N N 83 
TYR HD1  H N N 84 
TYR HD2  H N N 85 
TYR HE1  H N N 86 
TYR HE2  H N N 87 
TYR HH   H N N 88 
TYR HXT  H N N 89 
# 
loop_
_chem_comp_bond.comp_id 
_chem_comp_bond.atom_id_1 
_chem_comp_bond.atom_id_2 
_chem_comp_bond.value_order 
_chem_comp_bond.pdbx_aromatic_flag 
_chem_comp_bond.pdbx_stereo_config 
_chem_comp_bond.pdbx_ordinal 
ASP N   CA   sing N N 1  
ASP N   H    sing N N 2  
ASP N   H2   sing N N 3  
ASP CA  C    sing N N 4  
ASP CA  CB   sing N N 5  
ASP CA  HA   sing N N 6  
ASP C   O    doub N N 7  
ASP C   OXT  sing N N 8  
ASP CB  CG   sing N N 9  
ASP CB  HB2  sing N N 10 
ASP CB  HB3  sing N N 11 
ASP CG  OD1  doub N N 12 
ASP CG  OD2  sing N N 13 
ASP OD2 HD2  sing N N 14 
ASP OXT HXT  sing N N 15 
GLY N   CA   sing N N 16 
GLY N   H    sing N N 17 
GLY N   H2   sing N N 18 
GLY CA  C    sing N N 19 
GLY CA  HA2  sing N N 20 
GLY CA  HA3  sing N N 21 
GLY C   O    doub N N 22 
GLY C   OXT  sing N N 23 
GLY OXT HXT  sing N N 24 
LEU N   CA   sing N N 25 
LEU N   H    sing N N 26 
LEU N   H2   sing N N 27 
LEU CA  C    sing N N 28 
LEU CA  CB   sing N N 29 
LEU CA  HA   sing N N 30 
LEU C   O    doub N N 31 
LEU C   OXT  sing N N 32 
LEU CB  CG   sing N N 33 
LEU CB  HB2  sing N N 34 
LEU CB  HB3  sing N N 35 
LEU CG  CD1  sing N N 36 
LEU CG  CD2  sing N N 37 
LEU CG  HG   sing N N 38 
LEU CD1 HD11 sing N N 39 
LEU CD1 HD12 sing N N 40 
LEU CD1 HD13 sing N N 41 
LEU CD2 HD21 sing N N 42 
LEU CD2 HD22 sing N N 43 
LEU CD2 HD23 sing N N 44 
LEU OXT HXT  sing N N 45 
PRO N   CA   sing N N 46 
PRO N   CD   sing N N 47 
PRO N   H    sing N N 48 
PRO CA  C    sing N N 49 
PRO CA  CB   sing N N 50 
PRO CA  HA   sing N N 51 
PRO C   O    doub N N 52 
PRO C   OXT  sing N N 53 
PRO CB  CG   sing N N 54 
PRO CB  HB2  sing N N 55 
PRO CB  HB3  sing N N 56 
PRO CG  CD   sing N N 57 
PRO CG  HG2  sing N N 58 
PRO CG  HG3  sing N N 59 
PRO CD  HD2  sing N N 60 
PRO CD  HD3  sing N N 61 
PRO OXT HXT  sing N N 62 
TYR N   CA   sing N N 63 
TYR N   H    sing N N 64 
TYR N   H2   sing N N 65 
TYR CA  C    sing N N 66 
TYR CA  CB   sing N N 67 
TYR CA  HA   sing N N 68 
TYR C   O    doub N N 69 
TYR C   OXT  sing N N 70 
TYR CB  CG   sing N N 71 
TYR CB  HB2  sing N N 72 
TYR CB  HB3  sing N N 73 
TYR CG  CD1  doub Y N 74 
TYR CG  CD2  sing Y N 75 
TYR CD1 CE1  sing Y N 76 
TYR CD1 HD1  sing N N 77 
TYR CD2 CE2  doub Y N 78 
TYR CD2 HD2  sing N N 79 
TYR CE1 CZ   doub Y N 80 
TYR CE1 HE1  sing N N 81 
TYR CE2 CZ   sing Y N 82 
TYR CE2 HE2  sing N N 83 
TYR CZ  OH   sing N N 84 
TYR OH  HH   sing N N 85 
TYR OXT HXT  sing N N 86 
# 
_pdbx_audit_support.funding_organization   'Australian Research Council (ARC)' 
_pdbx_audit_support.country                Australia 
_pdbx_audit_support.grant_number           DP190102058 
_pdbx_audit_support.ordinal                1 
# 
_pdbx_nmr_spectrometer.spectrometer_id   1 
_pdbx_nmr_spectrometer.model             'AVANCE III' 
_pdbx_nmr_spectrometer.type              ? 
_pdbx_nmr_spectrometer.manufacturer      Bruker 
_pdbx_nmr_spectrometer.field_strength    900 
_pdbx_nmr_spectrometer.details           ? 
# 
_atom_sites.entry_id                    7M2A 
_atom_sites.Cartn_transf_matrix[1][1]   ? 
_atom_sites.Cartn_transf_matrix[1][2]   ? 
_atom_sites.Cartn_transf_matrix[1][3]   ? 
_atom_sites.Cartn_transf_matrix[2][1]   ? 
_atom_sites.Cartn_transf_matrix[2][2]   ? 
_atom_sites.Cartn_transf_matrix[2][3]   ? 
_atom_sites.Cartn_transf_matrix[3][1]   ? 
_atom_sites.Cartn_transf_matrix[3][2]   ? 
_atom_sites.Cartn_transf_matrix[3][3]   ? 
_atom_sites.Cartn_transf_vector[1]      ? 
_atom_sites.Cartn_transf_vector[2]      ? 
_atom_sites.Cartn_transf_vector[3]      ? 
_atom_sites.fract_transf_matrix[1][1]   1.000000 
_atom_sites.fract_transf_matrix[1][2]   0.000000 
_atom_sites.fract_transf_matrix[1][3]   0.000000 
_atom_sites.fract_transf_matrix[2][1]   0.000000 
_atom_sites.fract_transf_matrix[2][2]   1.000000 
_atom_sites.fract_transf_matrix[2][3]   0.000000 
_atom_sites.fract_transf_matrix[3][1]   0.000000 
_atom_sites.fract_transf_matrix[3][2]   0.000000 
_atom_sites.fract_transf_matrix[3][3]   1.000000 
_atom_sites.fract_transf_vector[1]      0.00000 
_atom_sites.fract_transf_vector[2]      0.00000 
_atom_sites.fract_transf_vector[3]      0.00000 
_atom_sites.solution_primary            ? 
_atom_sites.solution_secondary          ? 
_atom_sites.solution_hydrogens          ? 
_atom_sites.special_details             ? 
# 
loop_
_atom_type.symbol 
C 
H 
N 
O 
# 
loop_
_atom_site.group_PDB 
_atom_site.id 
_atom_site.type_symbol 
_atom_site.label_atom_id 
_atom_site.label_alt_id 
_atom_site.label_comp_id 
_atom_site.label_asym_id 
_atom_site.label_entity_id 
_atom_site.label_seq_id 
_atom_site.pdbx_PDB_ins_code 
_atom_site.Cartn_x 
_atom_site.Cartn_y 
_atom_site.Cartn_z 
_atom_site.occupancy 
_atom_site.B_iso_or_equiv 
_atom_site.pdbx_formal_charge 
_atom_site.auth_seq_id 
_atom_site.auth_comp_id 
_atom_site.auth_asym_id 
_atom_site.auth_atom_id 
_atom_site.pdbx_PDB_model_num 
ATOM 1    N N    . GLY A 1 1 ? -1.624 2.418  -2.176 1.00 0.00 ? 1 GLY A N    1  
ATOM 2    C CA   . GLY A 1 1 ? -1.368 2.007  -3.531 1.00 0.00 ? 1 GLY A CA   1  
ATOM 3    C C    . GLY A 1 1 ? 0.003  1.379  -3.615 1.00 0.00 ? 1 GLY A C    1  
ATOM 4    O O    . GLY A 1 1 ? 0.349  0.700  -4.587 1.00 0.00 ? 1 GLY A O    1  
ATOM 5    H H1   . GLY A 1 1 ? -1.434 3.343  -1.909 1.00 0.00 ? 1 GLY A H1   1  
ATOM 6    H HA2  . GLY A 1 1 ? -2.118 1.290  -3.833 1.00 0.00 ? 1 GLY A HA2  1  
ATOM 7    H HA3  . GLY A 1 1 ? -1.402 2.868  -4.179 1.00 0.00 ? 1 GLY A HA3  1  
ATOM 8    N N    . LEU A 1 2 ? 0.795  1.641  -2.596 1.00 0.00 ? 2 LEU A N    1  
ATOM 9    C CA   . LEU A 1 2 ? 2.097  1.031  -2.431 1.00 0.00 ? 2 LEU A CA   1  
ATOM 10   C C    . LEU A 1 2 ? 1.916  -0.417 -1.974 1.00 0.00 ? 2 LEU A C    1  
ATOM 11   O O    . LEU A 1 2 ? 0.819  -0.804 -1.553 1.00 0.00 ? 2 LEU A O    1  
ATOM 12   C CB   . LEU A 1 2 ? 2.932  1.806  -1.402 1.00 0.00 ? 2 LEU A CB   1  
ATOM 13   C CG   . LEU A 1 2 ? 3.251  3.267  -1.738 1.00 0.00 ? 2 LEU A CG   1  
ATOM 14   C CD1  . LEU A 1 2 ? 4.006  3.916  -0.590 1.00 0.00 ? 2 LEU A CD1  1  
ATOM 15   C CD2  . LEU A 1 2 ? 4.064  3.364  -3.025 1.00 0.00 ? 2 LEU A CD2  1  
ATOM 16   H H    . LEU A 1 2 ? 0.480  2.283  -1.923 1.00 0.00 ? 2 LEU A H    1  
ATOM 17   H HA   . LEU A 1 2 ? 2.602  1.036  -3.384 1.00 0.00 ? 2 LEU A HA   1  
ATOM 18   H HB2  . LEU A 1 2 ? 2.403  1.786  -0.460 1.00 0.00 ? 2 LEU A HB2  1  
ATOM 19   H HB3  . LEU A 1 2 ? 3.867  1.281  -1.276 1.00 0.00 ? 2 LEU A HB3  1  
ATOM 20   H HG   . LEU A 1 2 ? 2.325  3.803  -1.877 1.00 0.00 ? 2 LEU A HG   1  
ATOM 21   H HD11 . LEU A 1 2 ? 4.930  3.385  -0.420 1.00 0.00 ? 2 LEU A HD11 1  
ATOM 22   H HD12 . LEU A 1 2 ? 3.400  3.881  0.304  1.00 0.00 ? 2 LEU A HD12 1  
ATOM 23   H HD13 . LEU A 1 2 ? 4.221  4.945  -0.839 1.00 0.00 ? 2 LEU A HD13 1  
ATOM 24   H HD21 . LEU A 1 2 ? 3.493  2.960  -3.846 1.00 0.00 ? 2 LEU A HD21 1  
ATOM 25   H HD22 . LEU A 1 2 ? 4.982  2.806  -2.914 1.00 0.00 ? 2 LEU A HD22 1  
ATOM 26   H HD23 . LEU A 1 2 ? 4.297  4.401  -3.224 1.00 0.00 ? 2 LEU A HD23 1  
ATOM 27   N N    . TYR A 1 3 ? 2.969  -1.212 -2.093 1.00 0.00 ? 3 TYR A N    1  
ATOM 28   C CA   . TYR A 1 3 ? 2.942  -2.633 -1.686 1.00 0.00 ? 3 TYR A CA   1  
ATOM 29   C C    . TYR A 1 3 ? 2.476  -2.799 -0.225 1.00 0.00 ? 3 TYR A C    1  
ATOM 30   O O    . TYR A 1 3 ? 1.623  -3.636 0.037  1.00 0.00 ? 3 TYR A O    1  
ATOM 31   C CB   . TYR A 1 3 ? 4.305  -3.316 -1.845 1.00 0.00 ? 3 TYR A CB   1  
ATOM 32   C CG   . TYR A 1 3 ? 5.006  -3.027 -3.127 1.00 0.00 ? 3 TYR A CG   1  
ATOM 33   C CD1  . TYR A 1 3 ? 4.808  -3.805 -4.249 1.00 0.00 ? 3 TYR A CD1  1  
ATOM 34   C CD2  . TYR A 1 3 ? 5.887  -1.976 -3.201 1.00 0.00 ? 3 TYR A CD2  1  
ATOM 35   C CE1  . TYR A 1 3 ? 5.481  -3.542 -5.421 1.00 0.00 ? 3 TYR A CE1  1  
ATOM 36   C CE2  . TYR A 1 3 ? 6.562  -1.695 -4.365 1.00 0.00 ? 3 TYR A CE2  1  
ATOM 37   C CZ   . TYR A 1 3 ? 6.357  -2.485 -5.475 1.00 0.00 ? 3 TYR A CZ   1  
ATOM 38   O OH   . TYR A 1 3 ? 7.034  -2.215 -6.643 1.00 0.00 ? 3 TYR A OH   1  
ATOM 39   H H    . TYR A 1 3 ? 3.798  -0.839 -2.458 1.00 0.00 ? 3 TYR A H    1  
ATOM 40   H HA   . TYR A 1 3 ? 2.224  -3.128 -2.323 1.00 0.00 ? 3 TYR A HA   1  
ATOM 41   H HB2  . TYR A 1 3 ? 4.963  -3.039 -1.038 1.00 0.00 ? 3 TYR A HB2  1  
ATOM 42   H HB3  . TYR A 1 3 ? 4.148  -4.384 -1.793 1.00 0.00 ? 3 TYR A HB3  1  
ATOM 43   H HD1  . TYR A 1 3 ? 4.116  -4.630 -4.191 1.00 0.00 ? 3 TYR A HD1  1  
ATOM 44   H HD2  . TYR A 1 3 ? 6.012  -1.383 -2.305 1.00 0.00 ? 3 TYR A HD2  1  
ATOM 45   H HE1  . TYR A 1 3 ? 5.317  -4.161 -6.292 1.00 0.00 ? 3 TYR A HE1  1  
ATOM 46   H HE2  . TYR A 1 3 ? 7.249  -0.864 -4.404 1.00 0.00 ? 3 TYR A HE2  1  
ATOM 47   H HH   . TYR A 1 3 ? 7.953  -2.011 -6.417 1.00 0.00 ? 3 TYR A HH   1  
ATOM 48   N N    . PRO A 1 4 ? 3.042  -2.028 0.764  1.00 0.00 ? 4 PRO A N    1  
ATOM 49   C CA   . PRO A 1 4 ? 2.590  -2.102 2.141  1.00 0.00 ? 4 PRO A CA   1  
ATOM 50   C C    . PRO A 1 4 ? 1.160  -1.563 2.277  1.00 0.00 ? 4 PRO A C    1  
ATOM 51   O O    . PRO A 1 4 ? 0.903  -0.358 2.091  1.00 0.00 ? 4 PRO A O    1  
ATOM 52   C CB   . PRO A 1 4 ? 3.591  -1.202 2.892  1.00 0.00 ? 4 PRO A CB   1  
ATOM 53   C CG   . PRO A 1 4 ? 4.755  -1.111 1.995  1.00 0.00 ? 4 PRO A CG   1  
ATOM 54   C CD   . PRO A 1 4 ? 4.160  -1.064 0.645  1.00 0.00 ? 4 PRO A CD   1  
ATOM 55   H HA   . PRO A 1 4 ? 2.635  -3.112 2.522  1.00 0.00 ? 4 PRO A HA   1  
ATOM 56   H HB2  . PRO A 1 4 ? 3.160  -0.222 3.017  1.00 0.00 ? 4 PRO A HB2  1  
ATOM 57   H HB3  . PRO A 1 4 ? 3.862  -1.642 3.837  1.00 0.00 ? 4 PRO A HB3  1  
ATOM 58   H HG2  . PRO A 1 4 ? 5.318  -0.212 2.200  1.00 0.00 ? 4 PRO A HG2  1  
ATOM 59   H HG3  . PRO A 1 4 ? 5.379  -1.986 2.101  1.00 0.00 ? 4 PRO A HG3  1  
ATOM 60   H HD2  . PRO A 1 4 ? 3.794  -0.069 0.437  1.00 0.00 ? 4 PRO A HD2  1  
ATOM 61   H HD3  . PRO A 1 4 ? 4.867  -1.373 -0.109 1.00 0.00 ? 4 PRO A HD3  1  
ATOM 62   N N    . TYR A 1 5 ? 0.243  -2.455 2.560  1.00 0.00 ? 5 TYR A N    1  
ATOM 63   C CA   . TYR A 1 5 ? -1.158 -2.121 2.692  1.00 0.00 ? 5 TYR A CA   1  
ATOM 64   C C    . TYR A 1 5 ? -1.423 -1.423 4.027  1.00 0.00 ? 5 TYR A C    1  
ATOM 65   O O    . TYR A 1 5 ? -0.672 -1.631 4.997  1.00 0.00 ? 5 TYR A O    1  
ATOM 66   C CB   . TYR A 1 5 ? -2.017 -3.392 2.578  1.00 0.00 ? 5 TYR A CB   1  
ATOM 67   C CG   . TYR A 1 5 ? -1.957 -4.064 1.224  1.00 0.00 ? 5 TYR A CG   1  
ATOM 68   C CD1  . TYR A 1 5 ? -2.791 -3.661 0.203  1.00 0.00 ? 5 TYR A CD1  1  
ATOM 69   C CD2  . TYR A 1 5 ? -1.075 -5.107 0.969  1.00 0.00 ? 5 TYR A CD2  1  
ATOM 70   C CE1  . TYR A 1 5 ? -2.751 -4.269 -1.029 1.00 0.00 ? 5 TYR A CE1  1  
ATOM 71   C CE2  . TYR A 1 5 ? -1.034 -5.718 -0.268 1.00 0.00 ? 5 TYR A CE2  1  
ATOM 72   C CZ   . TYR A 1 5 ? -1.876 -5.291 -1.260 1.00 0.00 ? 5 TYR A CZ   1  
ATOM 73   O OH   . TYR A 1 5 ? -1.840 -5.886 -2.505 1.00 0.00 ? 5 TYR A OH   1  
ATOM 74   H H    . TYR A 1 5 ? 0.527  -3.386 2.688  1.00 0.00 ? 5 TYR A H    1  
ATOM 75   H HA   . TYR A 1 5 ? -1.414 -1.455 1.882  1.00 0.00 ? 5 TYR A HA   1  
ATOM 76   H HB2  . TYR A 1 5 ? -1.679 -4.106 3.313  1.00 0.00 ? 5 TYR A HB2  1  
ATOM 77   H HB3  . TYR A 1 5 ? -3.047 -3.142 2.784  1.00 0.00 ? 5 TYR A HB3  1  
ATOM 78   H HD1  . TYR A 1 5 ? -3.481 -2.851 0.380  1.00 0.00 ? 5 TYR A HD1  1  
ATOM 79   H HD2  . TYR A 1 5 ? -0.413 -5.443 1.752  1.00 0.00 ? 5 TYR A HD2  1  
ATOM 80   H HE1  . TYR A 1 5 ? -3.412 -3.943 -1.818 1.00 0.00 ? 5 TYR A HE1  1  
ATOM 81   H HE2  . TYR A 1 5 ? -0.343 -6.527 -0.453 1.00 0.00 ? 5 TYR A HE2  1  
ATOM 82   H HH   . TYR A 1 5 ? -1.928 -5.171 -3.153 1.00 0.00 ? 5 TYR A HH   1  
ATOM 83   N N    . PRO A 1 6 ? -2.460 -0.574 4.108  1.00 0.00 ? 6 PRO A N    1  
ATOM 84   C CA   . PRO A 1 6 ? -3.332 -0.236 2.982  1.00 0.00 ? 6 PRO A CA   1  
ATOM 85   C C    . PRO A 1 6 ? -2.885 1.052  2.271  1.00 0.00 ? 6 PRO A C    1  
ATOM 86   O O    . PRO A 1 6 ? -2.776 2.110  2.902  1.00 0.00 ? 6 PRO A O    1  
ATOM 87   C CB   . PRO A 1 6 ? -4.697 -0.016 3.666  1.00 0.00 ? 6 PRO A CB   1  
ATOM 88   C CG   . PRO A 1 6 ? -4.410 0.110  5.149  1.00 0.00 ? 6 PRO A CG   1  
ATOM 89   C CD   . PRO A 1 6 ? -2.909 0.100  5.318  1.00 0.00 ? 6 PRO A CD   1  
ATOM 90   H HA   . PRO A 1 6 ? -3.409 -1.044 2.268  1.00 0.00 ? 6 PRO A HA   1  
ATOM 91   H HB2  . PRO A 1 6 ? -5.147 0.885  3.275  1.00 0.00 ? 6 PRO A HB2  1  
ATOM 92   H HB3  . PRO A 1 6 ? -5.344 -0.856 3.462  1.00 0.00 ? 6 PRO A HB3  1  
ATOM 93   H HG2  . PRO A 1 6 ? -4.818 1.038  5.523  1.00 0.00 ? 6 PRO A HG2  1  
ATOM 94   H HG3  . PRO A 1 6 ? -4.851 -0.723 5.675  1.00 0.00 ? 6 PRO A HG3  1  
ATOM 95   H HD2  . PRO A 1 6 ? -2.526 1.109  5.365  1.00 0.00 ? 6 PRO A HD2  1  
ATOM 96   H HD3  . PRO A 1 6 ? -2.626 -0.457 6.200  1.00 0.00 ? 6 PRO A HD3  1  
ATOM 97   N N    . ASP A 1 7 ? -2.639 0.958  0.975  1.00 0.00 ? 7 ASP A N    1  
ATOM 98   C CA   . ASP A 1 7 ? -2.202 2.090  0.153  1.00 0.00 ? 7 ASP A CA   1  
ATOM 99   C C    . ASP A 1 7 ? -2.059 1.573  -1.268 1.00 0.00 ? 7 ASP A C    1  
ATOM 100  O O    . ASP A 1 7 ? -2.344 0.398  -1.522 1.00 0.00 ? 7 ASP A O    1  
ATOM 101  C CB   . ASP A 1 7 ? -0.831 2.654  0.645  1.00 0.00 ? 7 ASP A CB   1  
ATOM 102  C CG   . ASP A 1 7 ? -0.519 4.042  0.100  1.00 0.00 ? 7 ASP A CG   1  
ATOM 103  O OD1  . ASP A 1 7 ? -0.877 5.034  0.752  1.00 0.00 ? 7 ASP A OD1  1  
ATOM 104  O OD2  . ASP A 1 7 ? 0.059  4.169  -1.006 1.00 0.00 ? 7 ASP A OD2  1  
ATOM 105  H H    . ASP A 1 7 ? -2.770 0.111  0.497  1.00 0.00 ? 7 ASP A H    1  
ATOM 106  H HA   . ASP A 1 7 ? -2.958 2.861  0.186  1.00 0.00 ? 7 ASP A HA   1  
ATOM 107  H HB2  . ASP A 1 7 ? -0.842 2.711  1.723  1.00 0.00 ? 7 ASP A HB2  1  
ATOM 108  H HB3  . ASP A 1 7 ? -0.046 1.977  0.337  1.00 0.00 ? 7 ASP A HB3  1  
ATOM 109  N N    . GLY A 1 1 ? -1.974 1.803  -2.527 1.00 0.00 ? 1 GLY A N    2  
ATOM 110  C CA   . GLY A 1 1 ? -1.169 2.488  -3.488 1.00 0.00 ? 1 GLY A CA   2  
ATOM 111  C C    . GLY A 1 1 ? 0.191  1.865  -3.555 1.00 0.00 ? 1 GLY A C    2  
ATOM 112  O O    . GLY A 1 1 ? 0.757  1.674  -4.632 1.00 0.00 ? 1 GLY A O    2  
ATOM 113  H H1   . GLY A 1 1 ? -2.248 0.880  -2.716 1.00 0.00 ? 1 GLY A H1   2  
ATOM 114  H HA2  . GLY A 1 1 ? -1.641 2.438  -4.458 1.00 0.00 ? 1 GLY A HA2  2  
ATOM 115  H HA3  . GLY A 1 1 ? -1.064 3.518  -3.187 1.00 0.00 ? 1 GLY A HA3  2  
ATOM 116  N N    . LEU A 1 2 ? 0.683  1.501  -2.407 1.00 0.00 ? 2 LEU A N    2  
ATOM 117  C CA   . LEU A 1 2 ? 1.995  0.926  -2.247 1.00 0.00 ? 2 LEU A CA   2  
ATOM 118  C C    . LEU A 1 2 ? 1.840  -0.558 -1.954 1.00 0.00 ? 2 LEU A C    2  
ATOM 119  O O    . LEU A 1 2 ? 0.720  -1.017 -1.680 1.00 0.00 ? 2 LEU A O    2  
ATOM 120  C CB   . LEU A 1 2 ? 2.714  1.592  -1.069 1.00 0.00 ? 2 LEU A CB   2  
ATOM 121  C CG   . LEU A 1 2 ? 2.678  3.128  -1.012 1.00 0.00 ? 2 LEU A CG   2  
ATOM 122  C CD1  . LEU A 1 2 ? 3.395  3.626  0.228  1.00 0.00 ? 2 LEU A CD1  2  
ATOM 123  C CD2  . LEU A 1 2 ? 3.281  3.751  -2.264 1.00 0.00 ? 2 LEU A CD2  2  
ATOM 124  H H    . LEU A 1 2 ? 0.128  1.610  -1.605 1.00 0.00 ? 2 LEU A H    2  
ATOM 125  H HA   . LEU A 1 2 ? 2.566  1.079  -3.149 1.00 0.00 ? 2 LEU A HA   2  
ATOM 126  H HB2  . LEU A 1 2 ? 2.287  1.208  -0.155 1.00 0.00 ? 2 LEU A HB2  2  
ATOM 127  H HB3  . LEU A 1 2 ? 3.749  1.283  -1.117 1.00 0.00 ? 2 LEU A HB3  2  
ATOM 128  H HG   . LEU A 1 2 ? 1.647  3.436  -0.938 1.00 0.00 ? 2 LEU A HG   2  
ATOM 129  H HD11 . LEU A 1 2 ? 2.921  3.216  1.106  1.00 0.00 ? 2 LEU A HD11 2  
ATOM 130  H HD12 . LEU A 1 2 ? 3.338  4.704  0.264  1.00 0.00 ? 2 LEU A HD12 2  
ATOM 131  H HD13 . LEU A 1 2 ? 4.431  3.319  0.199  1.00 0.00 ? 2 LEU A HD13 2  
ATOM 132  H HD21 . LEU A 1 2 ? 2.708  3.442  -3.127 1.00 0.00 ? 2 LEU A HD21 2  
ATOM 133  H HD22 . LEU A 1 2 ? 4.302  3.425  -2.375 1.00 0.00 ? 2 LEU A HD22 2  
ATOM 134  H HD23 . LEU A 1 2 ? 3.252  4.826  -2.180 1.00 0.00 ? 2 LEU A HD23 2  
ATOM 135  N N    . TYR A 1 3 ? 2.922  -1.316 -2.095 1.00 0.00 ? 3 TYR A N    2  
ATOM 136  C CA   . TYR A 1 3 ? 2.927  -2.739 -1.697 1.00 0.00 ? 3 TYR A CA   2  
ATOM 137  C C    . TYR A 1 3 ? 2.487  -2.884 -0.222 1.00 0.00 ? 3 TYR A C    2  
ATOM 138  O O    . TYR A 1 3 ? 1.621  -3.708 0.083  1.00 0.00 ? 3 TYR A O    2  
ATOM 139  C CB   . TYR A 1 3 ? 4.302  -3.393 -1.891 1.00 0.00 ? 3 TYR A CB   2  
ATOM 140  C CG   . TYR A 1 3 ? 4.873  -3.229 -3.252 1.00 0.00 ? 3 TYR A CG   2  
ATOM 141  C CD1  . TYR A 1 3 ? 4.462  -4.032 -4.294 1.00 0.00 ? 3 TYR A CD1  2  
ATOM 142  C CD2  . TYR A 1 3 ? 5.827  -2.261 -3.494 1.00 0.00 ? 3 TYR A CD2  2  
ATOM 143  C CE1  . TYR A 1 3 ? 4.981  -3.880 -5.553 1.00 0.00 ? 3 TYR A CE1  2  
ATOM 144  C CE2  . TYR A 1 3 ? 6.363  -2.098 -4.759 1.00 0.00 ? 3 TYR A CE2  2  
ATOM 145  C CZ   . TYR A 1 3 ? 5.930  -2.914 -5.786 1.00 0.00 ? 3 TYR A CZ   2  
ATOM 146  O OH   . TYR A 1 3 ? 6.445  -2.759 -7.056 1.00 0.00 ? 3 TYR A OH   2  
ATOM 147  H H    . TYR A 1 3 ? 3.725  -0.920 -2.491 1.00 0.00 ? 3 TYR A H    2  
ATOM 148  H HA   . TYR A 1 3 ? 2.196  -3.240 -2.316 1.00 0.00 ? 3 TYR A HA   2  
ATOM 149  H HB2  . TYR A 1 3 ? 5.009  -2.970 -1.194 1.00 0.00 ? 3 TYR A HB2  2  
ATOM 150  H HB3  . TYR A 1 3 ? 4.215  -4.452 -1.696 1.00 0.00 ? 3 TYR A HB3  2  
ATOM 151  H HD1  . TYR A 1 3 ? 3.715  -4.787 -4.099 1.00 0.00 ? 3 TYR A HD1  2  
ATOM 152  H HD2  . TYR A 1 3 ? 6.130  -1.644 -2.657 1.00 0.00 ? 3 TYR A HD2  2  
ATOM 153  H HE1  . TYR A 1 3 ? 4.643  -4.518 -6.357 1.00 0.00 ? 3 TYR A HE1  2  
ATOM 154  H HE2  . TYR A 1 3 ? 7.108  -1.340 -4.944 1.00 0.00 ? 3 TYR A HE2  2  
ATOM 155  H HH   . TYR A 1 3 ? 5.690  -2.707 -7.660 1.00 0.00 ? 3 TYR A HH   2  
ATOM 156  N N    . PRO A 1 4 ? 3.092  -2.124 0.739  1.00 0.00 ? 4 PRO A N    2  
ATOM 157  C CA   . PRO A 1 4 ? 2.601  -2.099 2.103  1.00 0.00 ? 4 PRO A CA   2  
ATOM 158  C C    . PRO A 1 4 ? 1.400  -1.143 2.205  1.00 0.00 ? 4 PRO A C    2  
ATOM 159  O O    . PRO A 1 4 ? 1.129  -0.374 1.278  1.00 0.00 ? 4 PRO A O    2  
ATOM 160  C CB   . PRO A 1 4 ? 3.804  -1.552 2.869  1.00 0.00 ? 4 PRO A CB   2  
ATOM 161  C CG   . PRO A 1 4 ? 4.401  -0.587 1.925  1.00 0.00 ? 4 PRO A CG   2  
ATOM 162  C CD   . PRO A 1 4 ? 4.316  -1.270 0.603  1.00 0.00 ? 4 PRO A CD   2  
ATOM 163  H HA   . PRO A 1 4 ? 2.327  -3.079 2.464  1.00 0.00 ? 4 PRO A HA   2  
ATOM 164  H HB2  . PRO A 1 4 ? 3.506  -1.087 3.795  1.00 0.00 ? 4 PRO A HB2  2  
ATOM 165  H HB3  . PRO A 1 4 ? 4.494  -2.365 3.041  1.00 0.00 ? 4 PRO A HB3  2  
ATOM 166  H HG2  . PRO A 1 4 ? 3.826  0.328  1.921  1.00 0.00 ? 4 PRO A HG2  2  
ATOM 167  H HG3  . PRO A 1 4 ? 5.431  -0.391 2.185  1.00 0.00 ? 4 PRO A HG3  2  
ATOM 168  H HD2  . PRO A 1 4 ? 4.207  -0.551 -0.196 1.00 0.00 ? 4 PRO A HD2  2  
ATOM 169  H HD3  . PRO A 1 4 ? 5.192  -1.882 0.455  1.00 0.00 ? 4 PRO A HD3  2  
ATOM 170  N N    . TYR A 1 5 ? 0.684  -1.201 3.286  1.00 0.00 ? 5 TYR A N    2  
ATOM 171  C CA   . TYR A 1 5 ? -0.451 -0.324 3.492  1.00 0.00 ? 5 TYR A CA   2  
ATOM 172  C C    . TYR A 1 5 ? 0.065  1.000  4.024  1.00 0.00 ? 5 TYR A C    2  
ATOM 173  O O    . TYR A 1 5 ? 1.130  1.027  4.643  1.00 0.00 ? 5 TYR A O    2  
ATOM 174  C CB   . TYR A 1 5 ? -1.451 -0.955 4.469  1.00 0.00 ? 5 TYR A CB   2  
ATOM 175  C CG   . TYR A 1 5 ? -2.029 -2.271 3.992  1.00 0.00 ? 5 TYR A CG   2  
ATOM 176  C CD1  . TYR A 1 5 ? -1.425 -3.475 4.318  1.00 0.00 ? 5 TYR A CD1  2  
ATOM 177  C CD2  . TYR A 1 5 ? -3.183 -2.310 3.222  1.00 0.00 ? 5 TYR A CD2  2  
ATOM 178  C CE1  . TYR A 1 5 ? -1.949 -4.676 3.896  1.00 0.00 ? 5 TYR A CE1  2  
ATOM 179  C CE2  . TYR A 1 5 ? -3.714 -3.515 2.794  1.00 0.00 ? 5 TYR A CE2  2  
ATOM 180  C CZ   . TYR A 1 5 ? -3.095 -4.690 3.135  1.00 0.00 ? 5 TYR A CZ   2  
ATOM 181  O OH   . TYR A 1 5 ? -3.627 -5.900 2.713  1.00 0.00 ? 5 TYR A OH   2  
ATOM 182  H H    . TYR A 1 5 ? 0.938  -1.820 4.002  1.00 0.00 ? 5 TYR A H    2  
ATOM 183  H HA   . TYR A 1 5 ? -0.929 -0.141 2.542  1.00 0.00 ? 5 TYR A HA   2  
ATOM 184  H HB2  . TYR A 1 5 ? -0.956 -1.136 5.409  1.00 0.00 ? 5 TYR A HB2  2  
ATOM 185  H HB3  . TYR A 1 5 ? -2.271 -0.270 4.631  1.00 0.00 ? 5 TYR A HB3  2  
ATOM 186  H HD1  . TYR A 1 5 ? -0.527 -3.461 4.917  1.00 0.00 ? 5 TYR A HD1  2  
ATOM 187  H HD2  . TYR A 1 5 ? -3.667 -1.383 2.953  1.00 0.00 ? 5 TYR A HD2  2  
ATOM 188  H HE1  . TYR A 1 5 ? -1.459 -5.601 4.163  1.00 0.00 ? 5 TYR A HE1  2  
ATOM 189  H HE2  . TYR A 1 5 ? -4.613 -3.537 2.196  1.00 0.00 ? 5 TYR A HE2  2  
ATOM 190  H HH   . TYR A 1 5 ? -3.760 -5.868 1.755  1.00 0.00 ? 5 TYR A HH   2  
ATOM 191  N N    . PRO A 1 6 ? -0.629 2.129  3.800  1.00 0.00 ? 6 PRO A N    2  
ATOM 192  C CA   . PRO A 1 6 ? -1.917 2.218  3.077  1.00 0.00 ? 6 PRO A CA   2  
ATOM 193  C C    . PRO A 1 6 ? -1.816 1.980  1.552  1.00 0.00 ? 6 PRO A C    2  
ATOM 194  O O    . PRO A 1 6 ? -0.719 1.969  0.977  1.00 0.00 ? 6 PRO A O    2  
ATOM 195  C CB   . PRO A 1 6 ? -2.396 3.651  3.366  1.00 0.00 ? 6 PRO A CB   2  
ATOM 196  C CG   . PRO A 1 6 ? -1.510 4.145  4.454  1.00 0.00 ? 6 PRO A CG   2  
ATOM 197  C CD   . PRO A 1 6 ? -0.212 3.445  4.258  1.00 0.00 ? 6 PRO A CD   2  
ATOM 198  H HA   . PRO A 1 6 ? -2.629 1.518  3.488  1.00 0.00 ? 6 PRO A HA   2  
ATOM 199  H HB2  . PRO A 1 6 ? -2.290 4.247  2.474  1.00 0.00 ? 6 PRO A HB2  2  
ATOM 200  H HB3  . PRO A 1 6 ? -3.428 3.637  3.678  1.00 0.00 ? 6 PRO A HB3  2  
ATOM 201  H HG2  . PRO A 1 6 ? -1.382 5.215  4.370  1.00 0.00 ? 6 PRO A HG2  2  
ATOM 202  H HG3  . PRO A 1 6 ? -1.932 3.892  5.416  1.00 0.00 ? 6 PRO A HG3  2  
ATOM 203  H HD2  . PRO A 1 6 ? 0.380  3.941  3.503  1.00 0.00 ? 6 PRO A HD2  2  
ATOM 204  H HD3  . PRO A 1 6 ? 0.328  3.373  5.189  1.00 0.00 ? 6 PRO A HD3  2  
ATOM 205  N N    . ASP A 1 7 ? -2.988 1.765  0.939  1.00 0.00 ? 7 ASP A N    2  
ATOM 206  C CA   . ASP A 1 7 ? -3.172 1.479  -0.503 1.00 0.00 ? 7 ASP A CA   2  
ATOM 207  C C    . ASP A 1 7 ? -2.345 2.362  -1.408 1.00 0.00 ? 7 ASP A C    2  
ATOM 208  O O    . ASP A 1 7 ? -2.066 3.531  -1.101 1.00 0.00 ? 7 ASP A O    2  
ATOM 209  C CB   . ASP A 1 7 ? -4.645 1.598  -0.927 1.00 0.00 ? 7 ASP A CB   2  
ATOM 210  C CG   . ASP A 1 7 ? -5.530 0.498  -0.401 1.00 0.00 ? 7 ASP A CG   2  
ATOM 211  O OD1  . ASP A 1 7 ? -5.704 -0.526 -1.094 1.00 0.00 ? 7 ASP A OD1  2  
ATOM 212  O OD2  . ASP A 1 7 ? -6.082 0.635  0.711  1.00 0.00 ? 7 ASP A OD2  2  
ATOM 213  H H    . ASP A 1 7 ? -3.788 1.808  1.502  1.00 0.00 ? 7 ASP A H    2  
ATOM 214  H HA   . ASP A 1 7 ? -2.873 0.455  -0.662 1.00 0.00 ? 7 ASP A HA   2  
ATOM 215  H HB2  . ASP A 1 7 ? -5.037 2.536  -0.565 1.00 0.00 ? 7 ASP A HB2  2  
ATOM 216  H HB3  . ASP A 1 7 ? -4.696 1.595  -2.006 1.00 0.00 ? 7 ASP A HB3  2  
ATOM 217  N N    . GLY A 1 1 ? -1.611 2.195  -2.059 1.00 0.00 ? 1 GLY A N    3  
ATOM 218  C CA   . GLY A 1 1 ? -1.314 1.960  -3.440 1.00 0.00 ? 1 GLY A CA   3  
ATOM 219  C C    . GLY A 1 1 ? 0.046  1.353  -3.526 1.00 0.00 ? 1 GLY A C    3  
ATOM 220  O O    . GLY A 1 1 ? 0.385  0.655  -4.479 1.00 0.00 ? 1 GLY A O    3  
ATOM 221  H H1   . GLY A 1 1 ? -1.207 1.608  -1.386 1.00 0.00 ? 1 GLY A H1   3  
ATOM 222  H HA2  . GLY A 1 1 ? -2.049 1.285  -3.854 1.00 0.00 ? 1 GLY A HA2  3  
ATOM 223  H HA3  . GLY A 1 1 ? -1.326 2.890  -3.981 1.00 0.00 ? 1 GLY A HA3  3  
ATOM 224  N N    . LEU A 1 2 ? 0.832  1.639  -2.506 1.00 0.00 ? 2 LEU A N    3  
ATOM 225  C CA   . LEU A 1 2 ? 2.132  1.035  -2.322 1.00 0.00 ? 2 LEU A CA   3  
ATOM 226  C C    . LEU A 1 2 ? 1.934  -0.443 -1.970 1.00 0.00 ? 2 LEU A C    3  
ATOM 227  O O    . LEU A 1 2 ? 0.805  -0.858 -1.622 1.00 0.00 ? 2 LEU A O    3  
ATOM 228  C CB   . LEU A 1 2 ? 2.883  1.730  -1.174 1.00 0.00 ? 2 LEU A CB   3  
ATOM 229  C CG   . LEU A 1 2 ? 3.064  3.255  -1.273 1.00 0.00 ? 2 LEU A CG   3  
ATOM 230  C CD1  . LEU A 1 2 ? 3.765  3.785  -0.035 1.00 0.00 ? 2 LEU A CD1  3  
ATOM 231  C CD2  . LEU A 1 2 ? 3.840  3.639  -2.524 1.00 0.00 ? 2 LEU A CD2  3  
ATOM 232  H H    . LEU A 1 2 ? 0.526  2.313  -1.862 1.00 0.00 ? 2 LEU A H    3  
ATOM 233  H HA   . LEU A 1 2 ? 2.697  1.126  -3.236 1.00 0.00 ? 2 LEU A HA   3  
ATOM 234  H HB2  . LEU A 1 2 ? 2.359  1.512  -0.256 1.00 0.00 ? 2 LEU A HB2  3  
ATOM 235  H HB3  . LEU A 1 2 ? 3.863  1.278  -1.115 1.00 0.00 ? 2 LEU A HB3  3  
ATOM 236  H HG   . LEU A 1 2 ? 2.087  3.715  -1.320 1.00 0.00 ? 2 LEU A HG   3  
ATOM 237  H HD11 . LEU A 1 2 ? 3.175  3.559  0.840  1.00 0.00 ? 2 LEU A HD11 3  
ATOM 238  H HD12 . LEU A 1 2 ? 3.887  4.855  -0.121 1.00 0.00 ? 2 LEU A HD12 3  
ATOM 239  H HD13 . LEU A 1 2 ? 4.736  3.319  0.056  1.00 0.00 ? 2 LEU A HD13 3  
ATOM 240  H HD21 . LEU A 1 2 ? 4.815  3.178  -2.494 1.00 0.00 ? 2 LEU A HD21 3  
ATOM 241  H HD22 . LEU A 1 2 ? 3.953  4.713  -2.560 1.00 0.00 ? 2 LEU A HD22 3  
ATOM 242  H HD23 . LEU A 1 2 ? 3.306  3.304  -3.402 1.00 0.00 ? 2 LEU A HD23 3  
ATOM 243  N N    . TYR A 1 3 ? 2.987  -1.237 -2.092 1.00 0.00 ? 3 TYR A N    3  
ATOM 244  C CA   . TYR A 1 3 ? 2.922  -2.663 -1.727 1.00 0.00 ? 3 TYR A CA   3  
ATOM 245  C C    . TYR A 1 3 ? 2.437  -2.806 -0.268 1.00 0.00 ? 3 TYR A C    3  
ATOM 246  O O    . TYR A 1 3 ? 1.528  -3.593 -0.004 1.00 0.00 ? 3 TYR A O    3  
ATOM 247  C CB   . TYR A 1 3 ? 4.267  -3.370 -1.911 1.00 0.00 ? 3 TYR A CB   3  
ATOM 248  C CG   . TYR A 1 3 ? 4.938  -3.057 -3.203 1.00 0.00 ? 3 TYR A CG   3  
ATOM 249  C CD1  . TYR A 1 3 ? 4.520  -3.623 -4.395 1.00 0.00 ? 3 TYR A CD1  3  
ATOM 250  C CD2  . TYR A 1 3 ? 5.998  -2.188 -3.222 1.00 0.00 ? 3 TYR A CD2  3  
ATOM 251  C CE1  . TYR A 1 3 ? 5.156  -3.318 -5.579 1.00 0.00 ? 3 TYR A CE1  3  
ATOM 252  C CE2  . TYR A 1 3 ? 6.643  -1.875 -4.394 1.00 0.00 ? 3 TYR A CE2  3  
ATOM 253  C CZ   . TYR A 1 3 ? 6.219  -2.442 -5.571 1.00 0.00 ? 3 TYR A CZ   3  
ATOM 254  O OH   . TYR A 1 3 ? 6.861  -2.131 -6.747 1.00 0.00 ? 3 TYR A OH   3  
ATOM 255  H H    . TYR A 1 3 ? 3.826  -0.858 -2.429 1.00 0.00 ? 3 TYR A H    3  
ATOM 256  H HA   . TYR A 1 3 ? 2.178  -3.116 -2.367 1.00 0.00 ? 3 TYR A HA   3  
ATOM 257  H HB2  . TYR A 1 3 ? 4.936  -3.084 -1.113 1.00 0.00 ? 3 TYR A HB2  3  
ATOM 258  H HB3  . TYR A 1 3 ? 4.110  -4.438 -1.871 1.00 0.00 ? 3 TYR A HB3  3  
ATOM 259  H HD1  . TYR A 1 3 ? 3.686  -4.307 -4.383 1.00 0.00 ? 3 TYR A HD1  3  
ATOM 260  H HD2  . TYR A 1 3 ? 6.295  -1.762 -2.274 1.00 0.00 ? 3 TYR A HD2  3  
ATOM 261  H HE1  . TYR A 1 3 ? 4.822  -3.763 -6.505 1.00 0.00 ? 3 TYR A HE1  3  
ATOM 262  H HE2  . TYR A 1 3 ? 7.476  -1.188 -4.385 1.00 0.00 ? 3 TYR A HE2  3  
ATOM 263  H HH   . TYR A 1 3 ? 6.172  -2.022 -7.417 1.00 0.00 ? 3 TYR A HH   3  
ATOM 264  N N    . PRO A 1 4 ? 3.037  -2.060 0.718  1.00 0.00 ? 4 PRO A N    3  
ATOM 265  C CA   . PRO A 1 4 ? 2.474  -1.997 2.053  1.00 0.00 ? 4 PRO A CA   3  
ATOM 266  C C    . PRO A 1 4 ? 1.119  -1.256 1.994  1.00 0.00 ? 4 PRO A C    3  
ATOM 267  O O    . PRO A 1 4 ? 1.036  -0.097 1.551  1.00 0.00 ? 4 PRO A O    3  
ATOM 268  C CB   . PRO A 1 4 ? 3.528  -1.201 2.843  1.00 0.00 ? 4 PRO A CB   3  
ATOM 269  C CG   . PRO A 1 4 ? 4.232  -0.393 1.821  1.00 0.00 ? 4 PRO A CG   3  
ATOM 270  C CD   . PRO A 1 4 ? 4.304  -1.276 0.630  1.00 0.00 ? 4 PRO A CD   3  
ATOM 271  H HA   . PRO A 1 4 ? 2.328  -2.982 2.469  1.00 0.00 ? 4 PRO A HA   3  
ATOM 272  H HB2  . PRO A 1 4 ? 3.068  -0.587 3.599  1.00 0.00 ? 4 PRO A HB2  3  
ATOM 273  H HB3  . PRO A 1 4 ? 4.216  -1.904 3.290  1.00 0.00 ? 4 PRO A HB3  3  
ATOM 274  H HG2  . PRO A 1 4 ? 3.664  0.499  1.597  1.00 0.00 ? 4 PRO A HG2  3  
ATOM 275  H HG3  . PRO A 1 4 ? 5.225  -0.135 2.162  1.00 0.00 ? 4 PRO A HG3  3  
ATOM 276  H HD2  . PRO A 1 4 ? 4.336  -0.693 -0.280 1.00 0.00 ? 4 PRO A HD2  3  
ATOM 277  H HD3  . PRO A 1 4 ? 5.160  -1.932 0.695  1.00 0.00 ? 4 PRO A HD3  3  
ATOM 278  N N    . TYR A 1 5 ? 0.077  -1.924 2.397  1.00 0.00 ? 5 TYR A N    3  
ATOM 279  C CA   . TYR A 1 5 ? -1.273 -1.400 2.269  1.00 0.00 ? 5 TYR A CA   3  
ATOM 280  C C    . TYR A 1 5 ? -1.712 -0.713 3.563  1.00 0.00 ? 5 TYR A C    3  
ATOM 281  O O    . TYR A 1 5 ? -1.121 -0.952 4.616  1.00 0.00 ? 5 TYR A O    3  
ATOM 282  C CB   . TYR A 1 5 ? -2.244 -2.547 1.888  1.00 0.00 ? 5 TYR A CB   3  
ATOM 283  C CG   . TYR A 1 5 ? -2.384 -3.634 2.936  1.00 0.00 ? 5 TYR A CG   3  
ATOM 284  C CD1  . TYR A 1 5 ? -1.509 -4.710 2.983  1.00 0.00 ? 5 TYR A CD1  3  
ATOM 285  C CD2  . TYR A 1 5 ? -3.403 -3.582 3.874  1.00 0.00 ? 5 TYR A CD2  3  
ATOM 286  C CE1  . TYR A 1 5 ? -1.648 -5.698 3.933  1.00 0.00 ? 5 TYR A CE1  3  
ATOM 287  C CE2  . TYR A 1 5 ? -3.545 -4.559 4.827  1.00 0.00 ? 5 TYR A CE2  3  
ATOM 288  C CZ   . TYR A 1 5 ? -2.667 -5.617 4.854  1.00 0.00 ? 5 TYR A CZ   3  
ATOM 289  O OH   . TYR A 1 5 ? -2.817 -6.607 5.808  1.00 0.00 ? 5 TYR A OH   3  
ATOM 290  H H    . TYR A 1 5 ? 0.215  -2.797 2.822  1.00 0.00 ? 5 TYR A H    3  
ATOM 291  H HA   . TYR A 1 5 ? -1.268 -0.669 1.478  1.00 0.00 ? 5 TYR A HA   3  
ATOM 292  H HB2  . TYR A 1 5 ? -3.232 -2.150 1.712  1.00 0.00 ? 5 TYR A HB2  3  
ATOM 293  H HB3  . TYR A 1 5 ? -1.890 -3.012 0.979  1.00 0.00 ? 5 TYR A HB3  3  
ATOM 294  H HD1  . TYR A 1 5 ? -0.709 -4.769 2.261  1.00 0.00 ? 5 TYR A HD1  3  
ATOM 295  H HD2  . TYR A 1 5 ? -4.092 -2.751 3.852  1.00 0.00 ? 5 TYR A HD2  3  
ATOM 296  H HE1  . TYR A 1 5 ? -0.956 -6.527 3.954  1.00 0.00 ? 5 TYR A HE1  3  
ATOM 297  H HE2  . TYR A 1 5 ? -4.345 -4.490 5.548  1.00 0.00 ? 5 TYR A HE2  3  
ATOM 298  H HH   . TYR A 1 5 ? -1.947 -6.749 6.207  1.00 0.00 ? 5 TYR A HH   3  
ATOM 299  N N    . PRO A 1 6 ? -2.737 0.144  3.531  1.00 0.00 ? 6 PRO A N    3  
ATOM 300  C CA   . PRO A 1 6 ? -3.464 0.535  2.323  1.00 0.00 ? 6 PRO A CA   3  
ATOM 301  C C    . PRO A 1 6 ? -3.049 1.925  1.797  1.00 0.00 ? 6 PRO A C    3  
ATOM 302  O O    . PRO A 1 6 ? -2.905 2.877  2.578  1.00 0.00 ? 6 PRO A O    3  
ATOM 303  C CB   . PRO A 1 6 ? -4.906 0.574  2.833  1.00 0.00 ? 6 PRO A CB   3  
ATOM 304  C CG   . PRO A 1 6 ? -4.801 0.833  4.324  1.00 0.00 ? 6 PRO A CG   3  
ATOM 305  C CD   . PRO A 1 6 ? -3.338 0.766  4.702  1.00 0.00 ? 6 PRO A CD   3  
ATOM 306  H HA   . PRO A 1 6 ? -3.381 -0.189 1.527  1.00 0.00 ? 6 PRO A HA   3  
ATOM 307  H HB2  . PRO A 1 6 ? -5.438 1.365  2.328  1.00 0.00 ? 6 PRO A HB2  3  
ATOM 308  H HB3  . PRO A 1 6 ? -5.387 -0.372 2.634  1.00 0.00 ? 6 PRO A HB3  3  
ATOM 309  H HG2  . PRO A 1 6 ? -5.183 1.819  4.547  1.00 0.00 ? 6 PRO A HG2  3  
ATOM 310  H HG3  . PRO A 1 6 ? -5.365 0.088  4.866  1.00 0.00 ? 6 PRO A HG3  3  
ATOM 311  H HD2  . PRO A 1 6 ? -2.937 1.757  4.859  1.00 0.00 ? 6 PRO A HD2  3  
ATOM 312  H HD3  . PRO A 1 6 ? -3.194 0.155  5.580  1.00 0.00 ? 6 PRO A HD3  3  
ATOM 313  N N    . ASP A 1 7 ? -2.870 2.031  0.493  1.00 0.00 ? 7 ASP A N    3  
ATOM 314  C CA   . ASP A 1 7 ? -2.482 3.289  -0.161 1.00 0.00 ? 7 ASP A CA   3  
ATOM 315  C C    . ASP A 1 7 ? -2.423 3.112  -1.663 1.00 0.00 ? 7 ASP A C    3  
ATOM 316  O O    . ASP A 1 7 ? -3.129 3.773  -2.430 1.00 0.00 ? 7 ASP A O    3  
ATOM 317  C CB   . ASP A 1 7 ? -1.098 3.773  0.325  1.00 0.00 ? 7 ASP A CB   3  
ATOM 318  C CG   . ASP A 1 7 ? -0.616 4.980  -0.441 1.00 0.00 ? 7 ASP A CG   3  
ATOM 319  O OD1  . ASP A 1 7 ? -1.054 6.109  -0.134 1.00 0.00 ? 7 ASP A OD1  3  
ATOM 320  O OD2  . ASP A 1 7 ? 0.199  4.819  -1.375 1.00 0.00 ? 7 ASP A OD2  3  
ATOM 321  H H    . ASP A 1 7 ? -3.025 1.235  -0.065 1.00 0.00 ? 7 ASP A H    3  
ATOM 322  H HA   . ASP A 1 7 ? -3.217 4.039  0.085  1.00 0.00 ? 7 ASP A HA   3  
ATOM 323  H HB2  . ASP A 1 7 ? -1.159 4.033  1.371  1.00 0.00 ? 7 ASP A HB2  3  
ATOM 324  H HB3  . ASP A 1 7 ? -0.380 2.975  0.197  1.00 0.00 ? 7 ASP A HB3  3  
ATOM 325  N N    . GLY A 1 1 ? -1.889 1.717  -2.432 1.00 0.00 ? 1 GLY A N    4  
ATOM 326  C CA   . GLY A 1 1 ? -1.169 2.291  -3.531 1.00 0.00 ? 1 GLY A CA   4  
ATOM 327  C C    . GLY A 1 1 ? 0.226  1.764  -3.545 1.00 0.00 ? 1 GLY A C    4  
ATOM 328  O O    . GLY A 1 1 ? 0.822  1.545  -4.600 1.00 0.00 ? 1 GLY A O    4  
ATOM 329  H H1   . GLY A 1 1 ? -2.024 0.745  -2.422 1.00 0.00 ? 1 GLY A H1   4  
ATOM 330  H HA2  . GLY A 1 1 ? -1.659 2.039  -4.460 1.00 0.00 ? 1 GLY A HA2  4  
ATOM 331  H HA3  . GLY A 1 1 ? -1.134 3.363  -3.416 1.00 0.00 ? 1 GLY A HA3  4  
ATOM 332  N N    . LEU A 1 2 ? 0.736  1.550  -2.371 1.00 0.00 ? 2 LEU A N    4  
ATOM 333  C CA   . LEU A 1 2 ? 2.039  0.993  -2.175 1.00 0.00 ? 2 LEU A CA   4  
ATOM 334  C C    . LEU A 1 2 ? 1.853  -0.482 -1.948 1.00 0.00 ? 2 LEU A C    4  
ATOM 335  O O    . LEU A 1 2 ? 0.719  -0.921 -1.717 1.00 0.00 ? 2 LEU A O    4  
ATOM 336  C CB   . LEU A 1 2 ? 2.696  1.613  -0.935 1.00 0.00 ? 2 LEU A CB   4  
ATOM 337  C CG   . LEU A 1 2 ? 2.776  3.135  -0.894 1.00 0.00 ? 2 LEU A CG   4  
ATOM 338  C CD1  . LEU A 1 2 ? 3.429  3.594  0.399  1.00 0.00 ? 2 LEU A CD1  4  
ATOM 339  C CD2  . LEU A 1 2 ? 3.534  3.661  -2.096 1.00 0.00 ? 2 LEU A CD2  4  
ATOM 340  H H    . LEU A 1 2 ? 0.203  1.750  -1.573 1.00 0.00 ? 2 LEU A H    4  
ATOM 341  H HA   . LEU A 1 2 ? 2.651  1.175  -3.045 1.00 0.00 ? 2 LEU A HA   4  
ATOM 342  H HB2  . LEU A 1 2 ? 2.151  1.283  -0.065 1.00 0.00 ? 2 LEU A HB2  4  
ATOM 343  H HB3  . LEU A 1 2 ? 3.702  1.229  -0.871 1.00 0.00 ? 2 LEU A HB3  4  
ATOM 344  H HG   . LEU A 1 2 ? 1.773  3.538  -0.918 1.00 0.00 ? 2 LEU A HG   4  
ATOM 345  H HD11 . LEU A 1 2 ? 4.432  3.197  0.458  1.00 0.00 ? 2 LEU A HD11 4  
ATOM 346  H HD12 . LEU A 1 2 ? 2.853  3.231  1.238  1.00 0.00 ? 2 LEU A HD12 4  
ATOM 347  H HD13 . LEU A 1 2 ? 3.465  4.672  0.425  1.00 0.00 ? 2 LEU A HD13 4  
ATOM 348  H HD21 . LEU A 1 2 ? 3.584  4.738  -2.049 1.00 0.00 ? 2 LEU A HD21 4  
ATOM 349  H HD22 . LEU A 1 2 ? 3.017  3.369  -2.997 1.00 0.00 ? 2 LEU A HD22 4  
ATOM 350  H HD23 . LEU A 1 2 ? 4.532  3.251  -2.106 1.00 0.00 ? 2 LEU A HD23 4  
ATOM 351  N N    . TYR A 1 3 ? 2.916  -1.258 -2.072 1.00 0.00 ? 3 TYR A N    4  
ATOM 352  C CA   . TYR A 1 3 ? 2.852  -2.682 -1.751 1.00 0.00 ? 3 TYR A CA   4  
ATOM 353  C C    . TYR A 1 3 ? 2.370  -2.845 -0.297 1.00 0.00 ? 3 TYR A C    4  
ATOM 354  O O    . TYR A 1 3 ? 1.377  -3.546 -0.060 1.00 0.00 ? 3 TYR A O    4  
ATOM 355  C CB   . TYR A 1 3 ? 4.198  -3.393 -1.989 1.00 0.00 ? 3 TYR A CB   4  
ATOM 356  C CG   . TYR A 1 3 ? 4.766  -3.142 -3.352 1.00 0.00 ? 3 TYR A CG   4  
ATOM 357  C CD1  . TYR A 1 3 ? 4.456  -3.958 -4.421 1.00 0.00 ? 3 TYR A CD1  4  
ATOM 358  C CD2  . TYR A 1 3 ? 5.606  -2.064 -3.564 1.00 0.00 ? 3 TYR A CD2  4  
ATOM 359  C CE1  . TYR A 1 3 ? 4.968  -3.711 -5.676 1.00 0.00 ? 3 TYR A CE1  4  
ATOM 360  C CE2  . TYR A 1 3 ? 6.127  -1.804 -4.813 1.00 0.00 ? 3 TYR A CE2  4  
ATOM 361  C CZ   . TYR A 1 3 ? 5.806  -2.631 -5.869 1.00 0.00 ? 3 TYR A CZ   4  
ATOM 362  O OH   . TYR A 1 3 ? 6.316  -2.374 -7.124 1.00 0.00 ? 3 TYR A OH   4  
ATOM 363  H H    . TYR A 1 3 ? 3.752  -0.866 -2.397 1.00 0.00 ? 3 TYR A H    4  
ATOM 364  H HA   . TYR A 1 3 ? 2.094  -3.107 -2.392 1.00 0.00 ? 3 TYR A HA   4  
ATOM 365  H HB2  . TYR A 1 3 ? 4.928  -3.064 -1.268 1.00 0.00 ? 3 TYR A HB2  4  
ATOM 366  H HB3  . TYR A 1 3 ? 4.055  -4.459 -1.883 1.00 0.00 ? 3 TYR A HB3  4  
ATOM 367  H HD1  . TYR A 1 3 ? 3.799  -4.800 -4.258 1.00 0.00 ? 3 TYR A HD1  4  
ATOM 368  H HD2  . TYR A 1 3 ? 5.835  -1.440 -2.711 1.00 0.00 ? 3 TYR A HD2  4  
ATOM 369  H HE1  . TYR A 1 3 ? 4.716  -4.359 -6.501 1.00 0.00 ? 3 TYR A HE1  4  
ATOM 370  H HE2  . TYR A 1 3 ? 6.783  -0.958 -4.961 1.00 0.00 ? 3 TYR A HE2  4  
ATOM 371  H HH   . TYR A 1 3 ? 7.215  -2.042 -7.018 1.00 0.00 ? 3 TYR A HH   4  
ATOM 372  N N    . PRO A 1 4 ? 3.026  -2.177 0.704  1.00 0.00 ? 4 PRO A N    4  
ATOM 373  C CA   . PRO A 1 4 ? 2.525  -2.151 2.062  1.00 0.00 ? 4 PRO A CA   4  
ATOM 374  C C    . PRO A 1 4 ? 1.509  -1.000 2.212  1.00 0.00 ? 4 PRO A C    4  
ATOM 375  O O    . PRO A 1 4 ? 1.245  -0.272 1.250  1.00 0.00 ? 4 PRO A O    4  
ATOM 376  C CB   . PRO A 1 4 ? 3.792  -1.860 2.857  1.00 0.00 ? 4 PRO A CB   4  
ATOM 377  C CG   . PRO A 1 4 ? 4.523  -0.902 2.006  1.00 0.00 ? 4 PRO A CG   4  
ATOM 378  C CD   . PRO A 1 4 ? 4.320  -1.409 0.614  1.00 0.00 ? 4 PRO A CD   4  
ATOM 379  H HA   . PRO A 1 4 ? 2.083  -3.090 2.362  1.00 0.00 ? 4 PRO A HA   4  
ATOM 380  H HB2  . PRO A 1 4 ? 3.552  -1.446 3.823  1.00 0.00 ? 4 PRO A HB2  4  
ATOM 381  H HB3  . PRO A 1 4 ? 4.354  -2.778 2.948  1.00 0.00 ? 4 PRO A HB3  4  
ATOM 382  H HG2  . PRO A 1 4 ? 4.101  0.087  2.118  1.00 0.00 ? 4 PRO A HG2  4  
ATOM 383  H HG3  . PRO A 1 4 ? 5.573  -0.899 2.257  1.00 0.00 ? 4 PRO A HG3  4  
ATOM 384  H HD2  . PRO A 1 4 ? 4.247  -0.592 -0.089 1.00 0.00 ? 4 PRO A HD2  4  
ATOM 385  H HD3  . PRO A 1 4 ? 5.134  -2.066 0.352  1.00 0.00 ? 4 PRO A HD3  4  
ATOM 386  N N    . TYR A 1 5 ? 0.915  -0.863 3.365  1.00 0.00 ? 5 TYR A N    4  
ATOM 387  C CA   . TYR A 1 5 ? -0.010 0.239  3.612  1.00 0.00 ? 5 TYR A CA   4  
ATOM 388  C C    . TYR A 1 5 ? 0.763  1.564  3.701  1.00 0.00 ? 5 TYR A C    4  
ATOM 389  O O    . TYR A 1 5 ? 1.935  1.557  4.090  1.00 0.00 ? 5 TYR A O    4  
ATOM 390  C CB   . TYR A 1 5 ? -0.848 -0.014 4.887  1.00 0.00 ? 5 TYR A CB   4  
ATOM 391  C CG   . TYR A 1 5 ? -0.046 -0.299 6.144  1.00 0.00 ? 5 TYR A CG   4  
ATOM 392  C CD1  . TYR A 1 5 ? 0.314  -1.596 6.474  1.00 0.00 ? 5 TYR A CD1  4  
ATOM 393  C CD2  . TYR A 1 5 ? 0.334  0.724  7.001  1.00 0.00 ? 5 TYR A CD2  4  
ATOM 394  C CE1  . TYR A 1 5 ? 1.031  -1.865 7.613  1.00 0.00 ? 5 TYR A CE1  4  
ATOM 395  C CE2  . TYR A 1 5 ? 1.057  0.461  8.147  1.00 0.00 ? 5 TYR A CE2  4  
ATOM 396  C CZ   . TYR A 1 5 ? 1.402  -0.836 8.446  1.00 0.00 ? 5 TYR A CZ   4  
ATOM 397  O OH   . TYR A 1 5 ? 2.124  -1.108 9.583  1.00 0.00 ? 5 TYR A OH   4  
ATOM 398  H H    . TYR A 1 5 ? 1.102  -1.507 4.078  1.00 0.00 ? 5 TYR A H    4  
ATOM 399  H HA   . TYR A 1 5 ? -0.669 0.299  2.758  1.00 0.00 ? 5 TYR A HA   4  
ATOM 400  H HB2  . TYR A 1 5 ? -1.464 0.849  5.087  1.00 0.00 ? 5 TYR A HB2  4  
ATOM 401  H HB3  . TYR A 1 5 ? -1.488 -0.864 4.705  1.00 0.00 ? 5 TYR A HB3  4  
ATOM 402  H HD1  . TYR A 1 5 ? 0.024  -2.403 5.818  1.00 0.00 ? 5 TYR A HD1  4  
ATOM 403  H HD2  . TYR A 1 5 ? 0.058  1.740  6.758  1.00 0.00 ? 5 TYR A HD2  4  
ATOM 404  H HE1  . TYR A 1 5 ? 1.301  -2.884 7.850  1.00 0.00 ? 5 TYR A HE1  4  
ATOM 405  H HE2  . TYR A 1 5 ? 1.348  1.270  8.801  1.00 0.00 ? 5 TYR A HE2  4  
ATOM 406  H HH   . TYR A 1 5 ? 1.699  -0.659 10.323 1.00 0.00 ? 5 TYR A HH   4  
ATOM 407  N N    . PRO A 1 6 ? 0.155  2.715  3.335  1.00 0.00 ? 6 PRO A N    4  
ATOM 408  C CA   . PRO A 1 6 ? -1.231 2.807  2.840  1.00 0.00 ? 6 PRO A CA   4  
ATOM 409  C C    . PRO A 1 6 ? -1.397 2.338  1.381  1.00 0.00 ? 6 PRO A C    4  
ATOM 410  O O    . PRO A 1 6 ? -0.411 2.158  0.651  1.00 0.00 ? 6 PRO A O    4  
ATOM 411  C CB   . PRO A 1 6 ? -1.543 4.296  2.953  1.00 0.00 ? 6 PRO A CB   4  
ATOM 412  C CG   . PRO A 1 6 ? -0.229 4.956  2.759  1.00 0.00 ? 6 PRO A CG   4  
ATOM 413  C CD   . PRO A 1 6 ? 0.789  4.047  3.395  1.00 0.00 ? 6 PRO A CD   4  
ATOM 414  H HA   . PRO A 1 6 ? -1.906 2.248  3.471  1.00 0.00 ? 6 PRO A HA   4  
ATOM 415  H HB2  . PRO A 1 6 ? -2.252 4.578  2.189  1.00 0.00 ? 6 PRO A HB2  4  
ATOM 416  H HB3  . PRO A 1 6 ? -1.951 4.511  3.930  1.00 0.00 ? 6 PRO A HB3  4  
ATOM 417  H HG2  . PRO A 1 6 ? -0.028 5.063  1.703  1.00 0.00 ? 6 PRO A HG2  4  
ATOM 418  H HG3  . PRO A 1 6 ? -0.225 5.921  3.242  1.00 0.00 ? 6 PRO A HG3  4  
ATOM 419  H HD2  . PRO A 1 6 ? 1.711  4.060  2.833  1.00 0.00 ? 6 PRO A HD2  4  
ATOM 420  H HD3  . PRO A 1 6 ? 0.967  4.338  4.419  1.00 0.00 ? 6 PRO A HD3  4  
ATOM 421  N N    . ASP A 1 7 ? -2.654 2.118  0.995  1.00 0.00 ? 7 ASP A N    4  
ATOM 422  C CA   . ASP A 1 7 ? -3.044 1.672  -0.357 1.00 0.00 ? 7 ASP A CA   4  
ATOM 423  C C    . ASP A 1 7 ? -2.342 2.442  -1.447 1.00 0.00 ? 7 ASP A C    4  
ATOM 424  O O    . ASP A 1 7 ? -2.196 3.675  -1.375 1.00 0.00 ? 7 ASP A O    4  
ATOM 425  C CB   . ASP A 1 7 ? -4.556 1.772  -0.563 1.00 0.00 ? 7 ASP A CB   4  
ATOM 426  C CG   . ASP A 1 7 ? -5.326 0.770  0.247  1.00 0.00 ? 7 ASP A CG   4  
ATOM 427  O OD1  . ASP A 1 7 ? -5.681 1.069  1.402  1.00 0.00 ? 7 ASP A OD1  4  
ATOM 428  O OD2  . ASP A 1 7 ? -5.581 -0.352 -0.250 1.00 0.00 ? 7 ASP A OD2  4  
ATOM 429  H H    . ASP A 1 7 ? -3.359 2.255  1.662  1.00 0.00 ? 7 ASP A H    4  
ATOM 430  H HA   . ASP A 1 7 ? -2.764 0.633  -0.448 1.00 0.00 ? 7 ASP A HA   4  
ATOM 431  H HB2  . ASP A 1 7 ? -4.882 2.759  -0.275 1.00 0.00 ? 7 ASP A HB2  4  
ATOM 432  H HB3  . ASP A 1 7 ? -4.776 1.620  -1.608 1.00 0.00 ? 7 ASP A HB3  4  
ATOM 433  N N    . GLY A 1 1 ? -1.549 2.473  -2.060 1.00 0.00 ? 1 GLY A N    5  
ATOM 434  C CA   . GLY A 1 1 ? -1.387 2.028  -3.409 1.00 0.00 ? 1 GLY A CA   5  
ATOM 435  C C    . GLY A 1 1 ? -0.111 1.243  -3.499 1.00 0.00 ? 1 GLY A C    5  
ATOM 436  O O    . GLY A 1 1 ? 0.017  0.315  -4.312 1.00 0.00 ? 1 GLY A O    5  
ATOM 437  H H1   . GLY A 1 1 ? -1.134 3.315  -1.770 1.00 0.00 ? 1 GLY A H1   5  
ATOM 438  H HA2  . GLY A 1 1 ? -2.224 1.408  -3.691 1.00 0.00 ? 1 GLY A HA2  5  
ATOM 439  H HA3  . GLY A 1 1 ? -1.322 2.881  -4.068 1.00 0.00 ? 1 GLY A HA3  5  
ATOM 440  N N    . LEU A 1 2 ? 0.819  1.608  -2.617 1.00 0.00 ? 2 LEU A N    5  
ATOM 441  C CA   . LEU A 1 2 ? 2.119  0.978  -2.494 1.00 0.00 ? 2 LEU A CA   5  
ATOM 442  C C    . LEU A 1 2 ? 1.972  -0.443 -1.971 1.00 0.00 ? 2 LEU A C    5  
ATOM 443  O O    . LEU A 1 2 ? 0.914  -0.807 -1.465 1.00 0.00 ? 2 LEU A O    5  
ATOM 444  C CB   . LEU A 1 2 ? 3.012  1.771  -1.539 1.00 0.00 ? 2 LEU A CB   5  
ATOM 445  C CG   . LEU A 1 2 ? 3.308  3.221  -1.909 1.00 0.00 ? 2 LEU A CG   5  
ATOM 446  C CD1  . LEU A 1 2 ? 4.149  3.866  -0.826 1.00 0.00 ? 2 LEU A CD1  5  
ATOM 447  C CD2  . LEU A 1 2 ? 4.014  3.308  -3.254 1.00 0.00 ? 2 LEU A CD2  5  
ATOM 448  H H    . LEU A 1 2 ? 0.608  2.343  -2.000 1.00 0.00 ? 2 LEU A H    5  
ATOM 449  H HA   . LEU A 1 2 ? 2.576  0.964  -3.471 1.00 0.00 ? 2 LEU A HA   5  
ATOM 450  H HB2  . LEU A 1 2 ? 2.550  1.764  -0.565 1.00 0.00 ? 2 LEU A HB2  5  
ATOM 451  H HB3  . LEU A 1 2 ? 3.954  1.247  -1.469 1.00 0.00 ? 2 LEU A HB3  5  
ATOM 452  H HG   . LEU A 1 2 ? 2.376  3.763  -1.974 1.00 0.00 ? 2 LEU A HG   5  
ATOM 453  H HD11 . LEU A 1 2 ? 3.596  3.872  0.102  1.00 0.00 ? 2 LEU A HD11 5  
ATOM 454  H HD12 . LEU A 1 2 ? 4.397  4.878  -1.110 1.00 0.00 ? 2 LEU A HD12 5  
ATOM 455  H HD13 . LEU A 1 2 ? 5.058  3.300  -0.691 1.00 0.00 ? 2 LEU A HD13 5  
ATOM 456  H HD21 . LEU A 1 2 ? 3.381  2.895  -4.026 1.00 0.00 ? 2 LEU A HD21 5  
ATOM 457  H HD22 . LEU A 1 2 ? 4.936  2.745  -3.209 1.00 0.00 ? 2 LEU A HD22 5  
ATOM 458  H HD23 . LEU A 1 2 ? 4.234  4.340  -3.481 1.00 0.00 ? 2 LEU A HD23 5  
ATOM 459  N N    . TYR A 1 3 ? 3.035  -1.236 -2.131 1.00 0.00 ? 3 TYR A N    5  
ATOM 460  C CA   . TYR A 1 3 ? 3.087  -2.643 -1.674 1.00 0.00 ? 3 TYR A CA   5  
ATOM 461  C C    . TYR A 1 3 ? 2.544  -2.803 -0.242 1.00 0.00 ? 3 TYR A C    5  
ATOM 462  O O    . TYR A 1 3 ? 1.717  -3.677 -0.007 1.00 0.00 ? 3 TYR A O    5  
ATOM 463  C CB   . TYR A 1 3 ? 4.516  -3.204 -1.738 1.00 0.00 ? 3 TYR A CB   5  
ATOM 464  C CG   . TYR A 1 3 ? 5.203  -2.954 -3.033 1.00 0.00 ? 3 TYR A CG   5  
ATOM 465  C CD1  . TYR A 1 3 ? 4.958  -3.746 -4.133 1.00 0.00 ? 3 TYR A CD1  5  
ATOM 466  C CD2  . TYR A 1 3 ? 6.100  -1.911 -3.155 1.00 0.00 ? 3 TYR A CD2  5  
ATOM 467  C CE1  . TYR A 1 3 ? 5.585  -3.510 -5.334 1.00 0.00 ? 3 TYR A CE1  5  
ATOM 468  C CE2  . TYR A 1 3 ? 6.738  -1.661 -4.350 1.00 0.00 ? 3 TYR A CE2  5  
ATOM 469  C CZ   . TYR A 1 3 ? 6.474  -2.469 -5.438 1.00 0.00 ? 3 TYR A CZ   5  
ATOM 470  O OH   . TYR A 1 3 ? 7.097  -2.228 -6.638 1.00 0.00 ? 3 TYR A OH   5  
ATOM 471  H H    . TYR A 1 3 ? 3.816  -0.860 -2.586 1.00 0.00 ? 3 TYR A H    5  
ATOM 472  H HA   . TYR A 1 3 ? 2.458  -3.219 -2.338 1.00 0.00 ? 3 TYR A HA   5  
ATOM 473  H HB2  . TYR A 1 3 ? 5.113  -2.755 -0.959 1.00 0.00 ? 3 TYR A HB2  5  
ATOM 474  H HB3  . TYR A 1 3 ? 4.480  -4.270 -1.580 1.00 0.00 ? 3 TYR A HB3  5  
ATOM 475  H HD1  . TYR A 1 3 ? 4.257  -4.561 -4.032 1.00 0.00 ? 3 TYR A HD1  5  
ATOM 476  H HD2  . TYR A 1 3 ? 6.280  -1.302 -2.279 1.00 0.00 ? 3 TYR A HD2  5  
ATOM 477  H HE1  . TYR A 1 3 ? 5.378  -4.142 -6.185 1.00 0.00 ? 3 TYR A HE1  5  
ATOM 478  H HE2  . TYR A 1 3 ? 7.436  -0.842 -4.432 1.00 0.00 ? 3 TYR A HE2  5  
ATOM 479  H HH   . TYR A 1 3 ? 8.038  -2.123 -6.461 1.00 0.00 ? 3 TYR A HH   5  
ATOM 480  N N    . PRO A 1 4 ? 3.009  -1.995 0.756  1.00 0.00 ? 4 PRO A N    5  
ATOM 481  C CA   . PRO A 1 4 ? 2.440  -2.047 2.086  1.00 0.00 ? 4 PRO A CA   5  
ATOM 482  C C    . PRO A 1 4 ? 1.018  -1.444 2.109  1.00 0.00 ? 4 PRO A C    5  
ATOM 483  O O    . PRO A 1 4 ? 0.827  -0.227 1.935  1.00 0.00 ? 4 PRO A O    5  
ATOM 484  C CB   . PRO A 1 4 ? 3.417  -1.215 2.913  1.00 0.00 ? 4 PRO A CB   5  
ATOM 485  C CG   . PRO A 1 4 ? 3.972  -0.242 1.951  1.00 0.00 ? 4 PRO A CG   5  
ATOM 486  C CD   . PRO A 1 4 ? 4.133  -1.015 0.693  1.00 0.00 ? 4 PRO A CD   5  
ATOM 487  H HA   . PRO A 1 4 ? 2.409  -3.062 2.450  1.00 0.00 ? 4 PRO A HA   5  
ATOM 488  H HB2  . PRO A 1 4 ? 2.915  -0.729 3.734  1.00 0.00 ? 4 PRO A HB2  5  
ATOM 489  H HB3  . PRO A 1 4 ? 4.200  -1.869 3.264  1.00 0.00 ? 4 PRO A HB3  5  
ATOM 490  H HG2  . PRO A 1 4 ? 3.283  0.577  1.812  1.00 0.00 ? 4 PRO A HG2  5  
ATOM 491  H HG3  . PRO A 1 4 ? 4.930  0.118  2.294  1.00 0.00 ? 4 PRO A HG3  5  
ATOM 492  H HD2  . PRO A 1 4 ? 4.040  -0.372 -0.168 1.00 0.00 ? 4 PRO A HD2  5  
ATOM 493  H HD3  . PRO A 1 4 ? 5.083  -1.526 0.690  1.00 0.00 ? 4 PRO A HD3  5  
ATOM 494  N N    . TYR A 1 5 ? 0.039  -2.290 2.307  1.00 0.00 ? 5 TYR A N    5  
ATOM 495  C CA   . TYR A 1 5 ? -1.349 -1.874 2.292  1.00 0.00 ? 5 TYR A CA   5  
ATOM 496  C C    . TYR A 1 5 ? -1.819 -1.566 3.716  1.00 0.00 ? 5 TYR A C    5  
ATOM 497  O O    . TYR A 1 5 ? -1.172 -1.997 4.681  1.00 0.00 ? 5 TYR A O    5  
ATOM 498  C CB   . TYR A 1 5 ? -2.218 -2.961 1.622  1.00 0.00 ? 5 TYR A CB   5  
ATOM 499  C CG   . TYR A 1 5 ? -1.832 -3.220 0.182  1.00 0.00 ? 5 TYR A CG   5  
ATOM 500  C CD1  . TYR A 1 5 ? -2.007 -2.244 -0.786 1.00 0.00 ? 5 TYR A CD1  5  
ATOM 501  C CD2  . TYR A 1 5 ? -1.287 -4.431 -0.207 1.00 0.00 ? 5 TYR A CD2  5  
ATOM 502  C CE1  . TYR A 1 5 ? -1.638 -2.460 -2.098 1.00 0.00 ? 5 TYR A CE1  5  
ATOM 503  C CE2  . TYR A 1 5 ? -0.919 -4.658 -1.520 1.00 0.00 ? 5 TYR A CE2  5  
ATOM 504  C CZ   . TYR A 1 5 ? -1.096 -3.668 -2.458 1.00 0.00 ? 5 TYR A CZ   5  
ATOM 505  O OH   . TYR A 1 5 ? -0.714 -3.886 -3.774 1.00 0.00 ? 5 TYR A OH   5  
ATOM 506  H H    . TYR A 1 5 ? 0.260  -3.228 2.485  1.00 0.00 ? 5 TYR A H    5  
ATOM 507  H HA   . TYR A 1 5 ? -1.409 -0.966 1.711  1.00 0.00 ? 5 TYR A HA   5  
ATOM 508  H HB2  . TYR A 1 5 ? -2.094 -3.887 2.164  1.00 0.00 ? 5 TYR A HB2  5  
ATOM 509  H HB3  . TYR A 1 5 ? -3.259 -2.681 1.647  1.00 0.00 ? 5 TYR A HB3  5  
ATOM 510  H HD1  . TYR A 1 5 ? -2.431 -1.293 -0.499 1.00 0.00 ? 5 TYR A HD1  5  
ATOM 511  H HD2  . TYR A 1 5 ? -1.150 -5.210 0.531  1.00 0.00 ? 5 TYR A HD2  5  
ATOM 512  H HE1  . TYR A 1 5 ? -1.782 -1.684 -2.836 1.00 0.00 ? 5 TYR A HE1  5  
ATOM 513  H HE2  . TYR A 1 5 ? -0.490 -5.605 -1.806 1.00 0.00 ? 5 TYR A HE2  5  
ATOM 514  H HH   . TYR A 1 5 ? -0.195 -3.116 -4.044 1.00 0.00 ? 5 TYR A HH   5  
ATOM 515  N N    . PRO A 1 6 ? -2.906 -0.781 3.898  1.00 0.00 ? 6 PRO A N    5  
ATOM 516  C CA   . PRO A 1 6 ? -3.688 -0.168 2.810  1.00 0.00 ? 6 PRO A CA   5  
ATOM 517  C C    . PRO A 1 6 ? -3.039 1.105  2.267  1.00 0.00 ? 6 PRO A C    5  
ATOM 518  O O    . PRO A 1 6 ? -2.772 2.059  3.017  1.00 0.00 ? 6 PRO A O    5  
ATOM 519  C CB   . PRO A 1 6 ? -5.036 0.178  3.482  1.00 0.00 ? 6 PRO A CB   5  
ATOM 520  C CG   . PRO A 1 6 ? -4.942 -0.357 4.881  1.00 0.00 ? 6 PRO A CG   5  
ATOM 521  C CD   . PRO A 1 6 ? -3.481 -0.440 5.195  1.00 0.00 ? 6 PRO A CD   5  
ATOM 522  H HA   . PRO A 1 6 ? -3.858 -0.852 1.994  1.00 0.00 ? 6 PRO A HA   5  
ATOM 523  H HB2  . PRO A 1 6 ? -5.167 1.251  3.479  1.00 0.00 ? 6 PRO A HB2  5  
ATOM 524  H HB3  . PRO A 1 6 ? -5.845 -0.283 2.936  1.00 0.00 ? 6 PRO A HB3  5  
ATOM 525  H HG2  . PRO A 1 6 ? -5.433 0.318  5.569  1.00 0.00 ? 6 PRO A HG2  5  
ATOM 526  H HG3  . PRO A 1 6 ? -5.394 -1.335 4.930  1.00 0.00 ? 6 PRO A HG3  5  
ATOM 527  H HD2  . PRO A 1 6 ? -3.106 0.509  5.546  1.00 0.00 ? 6 PRO A HD2  5  
ATOM 528  H HD3  . PRO A 1 6 ? -3.287 -1.219 5.918  1.00 0.00 ? 6 PRO A HD3  5  
ATOM 529  N N    . ASP A 1 7 ? -2.798 1.102  0.978  1.00 0.00 ? 7 ASP A N    5  
ATOM 530  C CA   . ASP A 1 7 ? -2.213 2.211  0.242  1.00 0.00 ? 7 ASP A CA   5  
ATOM 531  C C    . ASP A 1 7 ? -2.204 1.758  -1.201 1.00 0.00 ? 7 ASP A C    5  
ATOM 532  O O    . ASP A 1 7 ? -2.843 0.744  -1.517 1.00 0.00 ? 7 ASP A O    5  
ATOM 533  C CB   . ASP A 1 7 ? -0.760 2.495  0.724  1.00 0.00 ? 7 ASP A CB   5  
ATOM 534  C CG   . ASP A 1 7 ? -0.217 3.841  0.265  1.00 0.00 ? 7 ASP A CG   5  
ATOM 535  O OD1  . ASP A 1 7 ? -0.357 4.831  1.012  1.00 0.00 ? 7 ASP A OD1  5  
ATOM 536  O OD2  . ASP A 1 7 ? 0.338  3.938  -0.842 1.00 0.00 ? 7 ASP A OD2  5  
ATOM 537  H H    . ASP A 1 7 ? -3.031 0.320  0.431  1.00 0.00 ? 7 ASP A H    5  
ATOM 538  H HA   . ASP A 1 7 ? -2.837 3.085  0.350  1.00 0.00 ? 7 ASP A HA   5  
ATOM 539  H HB2  . ASP A 1 7 ? -0.745 2.483  1.804  1.00 0.00 ? 7 ASP A HB2  5  
ATOM 540  H HB3  . ASP A 1 7 ? -0.109 1.716  0.355  1.00 0.00 ? 7 ASP A HB3  5  
ATOM 541  N N    . GLY A 1 1 ? -1.571 2.570  -2.192 1.00 0.00 ? 1 GLY A N    6  
ATOM 542  C CA   . GLY A 1 1 ? -1.409 1.928  -3.476 1.00 0.00 ? 1 GLY A CA   6  
ATOM 543  C C    . GLY A 1 1 ? -0.029 1.311  -3.560 1.00 0.00 ? 1 GLY A C    6  
ATOM 544  O O    . GLY A 1 1 ? 0.335  0.664  -4.546 1.00 0.00 ? 1 GLY A O    6  
ATOM 545  H H1   . GLY A 1 1 ? -1.304 3.513  -2.092 1.00 0.00 ? 1 GLY A H1   6  
ATOM 546  H HA2  . GLY A 1 1 ? -2.159 1.160  -3.587 1.00 0.00 ? 1 GLY A HA2  6  
ATOM 547  H HA3  . GLY A 1 1 ? -1.516 2.660  -4.264 1.00 0.00 ? 1 GLY A HA3  6  
ATOM 548  N N    . LEU A 1 2 ? 0.751  1.571  -2.531 1.00 0.00 ? 2 LEU A N    6  
ATOM 549  C CA   . LEU A 1 2 ? 2.064  0.999  -2.333 1.00 0.00 ? 2 LEU A CA   6  
ATOM 550  C C    . LEU A 1 2 ? 1.933  -0.469 -1.977 1.00 0.00 ? 2 LEU A C    6  
ATOM 551  O O    . LEU A 1 2 ? 0.830  -0.941 -1.668 1.00 0.00 ? 2 LEU A O    6  
ATOM 552  C CB   . LEU A 1 2 ? 2.804  1.739  -1.218 1.00 0.00 ? 2 LEU A CB   6  
ATOM 553  C CG   . LEU A 1 2 ? 3.121  3.210  -1.476 1.00 0.00 ? 2 LEU A CG   6  
ATOM 554  C CD1  . LEU A 1 2 ? 3.714  3.843  -0.234 1.00 0.00 ? 2 LEU A CD1  6  
ATOM 555  C CD2  . LEU A 1 2 ? 4.079  3.350  -2.650 1.00 0.00 ? 2 LEU A CD2  6  
ATOM 556  H H    . LEU A 1 2 ? 0.401  2.194  -1.859 1.00 0.00 ? 2 LEU A H    6  
ATOM 557  H HA   . LEU A 1 2 ? 2.628  1.087  -3.249 1.00 0.00 ? 2 LEU A HA   6  
ATOM 558  H HB2  . LEU A 1 2 ? 2.209  1.675  -0.319 1.00 0.00 ? 2 LEU A HB2  6  
ATOM 559  H HB3  . LEU A 1 2 ? 3.737  1.224  -1.045 1.00 0.00 ? 2 LEU A HB3  6  
ATOM 560  H HG   . LEU A 1 2 ? 2.208  3.734  -1.715 1.00 0.00 ? 2 LEU A HG   6  
ATOM 561  H HD11 . LEU A 1 2 ? 3.929  4.884  -0.426 1.00 0.00 ? 2 LEU A HD11 6  
ATOM 562  H HD12 . LEU A 1 2 ? 4.626  3.329  0.030  1.00 0.00 ? 2 LEU A HD12 6  
ATOM 563  H HD13 . LEU A 1 2 ? 3.009  3.768  0.582  1.00 0.00 ? 2 LEU A HD13 6  
ATOM 564  H HD21 . LEU A 1 2 ? 4.985  2.800  -2.445 1.00 0.00 ? 2 LEU A HD21 6  
ATOM 565  H HD22 . LEU A 1 2 ? 4.323  4.392  -2.795 1.00 0.00 ? 2 LEU A HD22 6  
ATOM 566  H HD23 . LEU A 1 2 ? 3.618  2.966  -3.548 1.00 0.00 ? 2 LEU A HD23 6  
ATOM 567  N N    . TYR A 1 3 ? 3.036  -1.202 -2.085 1.00 0.00 ? 3 TYR A N    6  
ATOM 568  C CA   . TYR A 1 3 ? 3.065  -2.624 -1.713 1.00 0.00 ? 3 TYR A CA   6  
ATOM 569  C C    . TYR A 1 3 ? 2.510  -2.814 -0.283 1.00 0.00 ? 3 TYR A C    6  
ATOM 570  O O    . TYR A 1 3 ? 1.633  -3.650 -0.077 1.00 0.00 ? 3 TYR A O    6  
ATOM 571  C CB   . TYR A 1 3 ? 4.485  -3.223 -1.790 1.00 0.00 ? 3 TYR A CB   6  
ATOM 572  C CG   . TYR A 1 3 ? 5.269  -2.836 -3.009 1.00 0.00 ? 3 TYR A CG   6  
ATOM 573  C CD1  . TYR A 1 3 ? 5.234  -3.602 -4.159 1.00 0.00 ? 3 TYR A CD1  6  
ATOM 574  C CD2  . TYR A 1 3 ? 6.058  -1.696 -2.995 1.00 0.00 ? 3 TYR A CD2  6  
ATOM 575  C CE1  . TYR A 1 3 ? 5.967  -3.246 -5.273 1.00 0.00 ? 3 TYR A CE1  6  
ATOM 576  C CE2  . TYR A 1 3 ? 6.793  -1.328 -4.102 1.00 0.00 ? 3 TYR A CE2  6  
ATOM 577  C CZ   . TYR A 1 3 ? 6.744  -2.107 -5.240 1.00 0.00 ? 3 TYR A CZ   6  
ATOM 578  O OH   . TYR A 1 3 ? 7.482  -1.749 -6.350 1.00 0.00 ? 3 TYR A OH   6  
ATOM 579  H H    . TYR A 1 3 ? 3.851  -0.782 -2.424 1.00 0.00 ? 3 TYR A H    6  
ATOM 580  H HA   . TYR A 1 3 ? 2.416  -3.148 -2.400 1.00 0.00 ? 3 TYR A HA   6  
ATOM 581  H HB2  . TYR A 1 3 ? 5.064  -2.955 -0.920 1.00 0.00 ? 3 TYR A HB2  6  
ATOM 582  H HB3  . TYR A 1 3 ? 4.386  -4.298 -1.802 1.00 0.00 ? 3 TYR A HB3  6  
ATOM 583  H HD1  . TYR A 1 3 ? 4.620  -4.490 -4.176 1.00 0.00 ? 3 TYR A HD1  6  
ATOM 584  H HD2  . TYR A 1 3 ? 6.073  -1.108 -2.086 1.00 0.00 ? 3 TYR A HD2  6  
ATOM 585  H HE1  . TYR A 1 3 ? 5.930  -3.855 -6.163 1.00 0.00 ? 3 TYR A HE1  6  
ATOM 586  H HE2  . TYR A 1 3 ? 7.400  -0.435 -4.074 1.00 0.00 ? 3 TYR A HE2  6  
ATOM 587  H HH   . TYR A 1 3 ? 8.389  -1.591 -6.056 1.00 0.00 ? 3 TYR A HH   6  
ATOM 588  N N    . PRO A 1 4 ? 3.009  -2.060 0.747  1.00 0.00 ? 4 PRO A N    6  
ATOM 589  C CA   . PRO A 1 4 ? 2.463  -2.150 2.080  1.00 0.00 ? 4 PRO A CA   6  
ATOM 590  C C    . PRO A 1 4 ? 1.171  -1.341 2.178  1.00 0.00 ? 4 PRO A C    6  
ATOM 591  O O    . PRO A 1 4 ? 1.102  -0.180 1.742  1.00 0.00 ? 4 PRO A O    6  
ATOM 592  C CB   . PRO A 1 4 ? 3.568  -1.541 2.969  1.00 0.00 ? 4 PRO A CB   6  
ATOM 593  C CG   . PRO A 1 4 ? 4.723  -1.321 2.061  1.00 0.00 ? 4 PRO A CG   6  
ATOM 594  C CD   . PRO A 1 4 ? 4.121  -1.089 0.732  1.00 0.00 ? 4 PRO A CD   6  
ATOM 595  H HA   . PRO A 1 4 ? 2.274  -3.176 2.363  1.00 0.00 ? 4 PRO A HA   6  
ATOM 596  H HB2  . PRO A 1 4 ? 3.225  -0.601 3.372  1.00 0.00 ? 4 PRO A HB2  6  
ATOM 597  H HB3  . PRO A 1 4 ? 3.823  -2.227 3.761  1.00 0.00 ? 4 PRO A HB3  6  
ATOM 598  H HG2  . PRO A 1 4 ? 5.278  -0.451 2.377  1.00 0.00 ? 4 PRO A HG2  6  
ATOM 599  H HG3  . PRO A 1 4 ? 5.358  -2.195 2.041  1.00 0.00 ? 4 PRO A HG3  6  
ATOM 600  H HD2  . PRO A 1 4 ? 3.751  -0.076 0.675  1.00 0.00 ? 4 PRO A HD2  6  
ATOM 601  H HD3  . PRO A 1 4 ? 4.818  -1.285 -0.067 1.00 0.00 ? 4 PRO A HD3  6  
ATOM 602  N N    . TYR A 1 5 ? 0.169  -1.945 2.717  1.00 0.00 ? 5 TYR A N    6  
ATOM 603  C CA   . TYR A 1 5 ? -1.126 -1.332 2.838  1.00 0.00 ? 5 TYR A CA   6  
ATOM 604  C C    . TYR A 1 5 ? -1.249 -0.653 4.202  1.00 0.00 ? 5 TYR A C    6  
ATOM 605  O O    . TYR A 1 5 ? -0.525 -1.023 5.140  1.00 0.00 ? 5 TYR A O    6  
ATOM 606  C CB   . TYR A 1 5 ? -2.205 -2.401 2.639  1.00 0.00 ? 5 TYR A CB   6  
ATOM 607  C CG   . TYR A 1 5 ? -2.125 -3.066 1.286  1.00 0.00 ? 5 TYR A CG   6  
ATOM 608  C CD1  . TYR A 1 5 ? -2.629 -2.443 0.157  1.00 0.00 ? 5 TYR A CD1  6  
ATOM 609  C CD2  . TYR A 1 5 ? -1.526 -4.309 1.136  1.00 0.00 ? 5 TYR A CD2  6  
ATOM 610  C CE1  . TYR A 1 5 ? -2.538 -3.038 -1.079 1.00 0.00 ? 5 TYR A CE1  6  
ATOM 611  C CE2  . TYR A 1 5 ? -1.435 -4.911 -0.097 1.00 0.00 ? 5 TYR A CE2  6  
ATOM 612  C CZ   . TYR A 1 5 ? -1.942 -4.272 -1.200 1.00 0.00 ? 5 TYR A CZ   6  
ATOM 613  O OH   . TYR A 1 5 ? -1.839 -4.863 -2.444 1.00 0.00 ? 5 TYR A OH   6  
ATOM 614  H H    . TYR A 1 5 ? 0.298  -2.853 3.068  1.00 0.00 ? 5 TYR A H    6  
ATOM 615  H HA   . TYR A 1 5 ? -1.218 -0.587 2.061  1.00 0.00 ? 5 TYR A HA   6  
ATOM 616  H HB2  . TYR A 1 5 ? -2.077 -3.168 3.388  1.00 0.00 ? 5 TYR A HB2  6  
ATOM 617  H HB3  . TYR A 1 5 ? -3.191 -1.973 2.743  1.00 0.00 ? 5 TYR A HB3  6  
ATOM 618  H HD1  . TYR A 1 5 ? -3.099 -1.476 0.257  1.00 0.00 ? 5 TYR A HD1  6  
ATOM 619  H HD2  . TYR A 1 5 ? -1.129 -4.806 2.007  1.00 0.00 ? 5 TYR A HD2  6  
ATOM 620  H HE1  . TYR A 1 5 ? -2.937 -2.540 -1.950 1.00 0.00 ? 5 TYR A HE1  6  
ATOM 621  H HE2  . TYR A 1 5 ? -0.967 -5.880 -0.193 1.00 0.00 ? 5 TYR A HE2  6  
ATOM 622  H HH   . TYR A 1 5 ? -2.015 -5.804 -2.318 1.00 0.00 ? 5 TYR A HH   6  
ATOM 623  N N    . PRO A 1 6 ? -2.160 0.322  4.364  1.00 0.00 ? 6 PRO A N    6  
ATOM 624  C CA   . PRO A 1 6 ? -3.094 0.759  3.332  1.00 0.00 ? 6 PRO A CA   6  
ATOM 625  C C    . PRO A 1 6 ? -2.566 1.924  2.490  1.00 0.00 ? 6 PRO A C    6  
ATOM 626  O O    . PRO A 1 6 ? -2.225 2.997  3.032  1.00 0.00 ? 6 PRO A O    6  
ATOM 627  C CB   . PRO A 1 6 ? -4.310 1.218  4.153  1.00 0.00 ? 6 PRO A CB   6  
ATOM 628  C CG   . PRO A 1 6 ? -3.860 1.232  5.590  1.00 0.00 ? 6 PRO A CG   6  
ATOM 629  C CD   . PRO A 1 6 ? -2.372 1.072  5.584  1.00 0.00 ? 6 PRO A CD   6  
ATOM 630  H HA   . PRO A 1 6 ? -3.393 -0.045 2.679  1.00 0.00 ? 6 PRO A HA   6  
ATOM 631  H HB2  . PRO A 1 6 ? -4.608 2.204  3.826  1.00 0.00 ? 6 PRO A HB2  6  
ATOM 632  H HB3  . PRO A 1 6 ? -5.128 0.529  4.007  1.00 0.00 ? 6 PRO A HB3  6  
ATOM 633  H HG2  . PRO A 1 6 ? -4.131 2.166  6.058  1.00 0.00 ? 6 PRO A HG2  6  
ATOM 634  H HG3  . PRO A 1 6 ? -4.321 0.406  6.110  1.00 0.00 ? 6 PRO A HG3  6  
ATOM 635  H HD2  . PRO A 1 6 ? -1.883 2.035  5.541  1.00 0.00 ? 6 PRO A HD2  6  
ATOM 636  H HD3  . PRO A 1 6 ? -2.042 0.513  6.447  1.00 0.00 ? 6 PRO A HD3  6  
ATOM 637  N N    . ASP A 1 7 ? -2.526 1.707  1.182  1.00 0.00 ? 7 ASP A N    6  
ATOM 638  C CA   . ASP A 1 7 ? -2.067 2.680  0.188  1.00 0.00 ? 7 ASP A CA   6  
ATOM 639  C C    . ASP A 1 7 ? -2.034 1.929  -1.142 1.00 0.00 ? 7 ASP A C    6  
ATOM 640  O O    . ASP A 1 7 ? -2.444 0.756  -1.189 1.00 0.00 ? 7 ASP A O    6  
ATOM 641  C CB   . ASP A 1 7 ? -0.637 3.207  0.529  1.00 0.00 ? 7 ASP A CB   6  
ATOM 642  C CG   . ASP A 1 7 ? -0.261 4.489  -0.204 1.00 0.00 ? 7 ASP A CG   6  
ATOM 643  O OD1  . ASP A 1 7 ? 0.119  4.433  -1.375 1.00 0.00 ? 7 ASP A OD1  6  
ATOM 644  O OD2  . ASP A 1 7 ? -0.334 5.584  0.402  1.00 0.00 ? 7 ASP A OD2  6  
ATOM 645  H H    . ASP A 1 7 ? -2.832 0.849  0.814  1.00 0.00 ? 7 ASP A H    6  
ATOM 646  H HA   . ASP A 1 7 ? -2.777 3.493  0.136  1.00 0.00 ? 7 ASP A HA   6  
ATOM 647  H HB2  . ASP A 1 7 ? -0.585 3.406  1.588  1.00 0.00 ? 7 ASP A HB2  6  
ATOM 648  H HB3  . ASP A 1 7 ? 0.083  2.443  0.280  1.00 0.00 ? 7 ASP A HB3  6  
ATOM 649  N N    . GLY A 1 1 ? -1.633 2.383  -2.207 1.00 0.00 ? 1 GLY A N    7  
ATOM 650  C CA   . GLY A 1 1 ? -1.320 2.095  -3.586 1.00 0.00 ? 1 GLY A CA   7  
ATOM 651  C C    . GLY A 1 1 ? 0.035  1.436  -3.633 1.00 0.00 ? 1 GLY A C    7  
ATOM 652  O O    . GLY A 1 1 ? 0.418  0.802  -4.617 1.00 0.00 ? 1 GLY A O    7  
ATOM 653  H H1   . GLY A 1 1 ? -1.404 3.262  -1.830 1.00 0.00 ? 1 GLY A H1   7  
ATOM 654  H HA2  . GLY A 1 1 ? -2.068 1.433  -3.995 1.00 0.00 ? 1 GLY A HA2  7  
ATOM 655  H HA3  . GLY A 1 1 ? -1.284 3.008  -4.160 1.00 0.00 ? 1 GLY A HA3  7  
ATOM 656  N N    . LEU A 1 2 ? 0.754  1.608  -2.544 1.00 0.00 ? 2 LEU A N    7  
ATOM 657  C CA   . LEU A 1 2 ? 2.045  1.004  -2.320 1.00 0.00 ? 2 LEU A CA   7  
ATOM 658  C C    . LEU A 1 2 ? 1.854  -0.469 -1.958 1.00 0.00 ? 2 LEU A C    7  
ATOM 659  O O    . LEU A 1 2 ? 0.736  -0.888 -1.621 1.00 0.00 ? 2 LEU A O    7  
ATOM 660  C CB   . LEU A 1 2 ? 2.750  1.717  -1.163 1.00 0.00 ? 2 LEU A CB   7  
ATOM 661  C CG   . LEU A 1 2 ? 2.991  3.219  -1.322 1.00 0.00 ? 2 LEU A CG   7  
ATOM 662  C CD1  . LEU A 1 2 ? 3.568  3.791  -0.042 1.00 0.00 ? 2 LEU A CD1  7  
ATOM 663  C CD2  . LEU A 1 2 ? 3.925  3.499  -2.490 1.00 0.00 ? 2 LEU A CD2  7  
ATOM 664  H H    . LEU A 1 2 ? 0.381  2.183  -1.842 1.00 0.00 ? 2 LEU A H    7  
ATOM 665  H HA   . LEU A 1 2 ? 2.646  1.091  -3.213 1.00 0.00 ? 2 LEU A HA   7  
ATOM 666  H HB2  . LEU A 1 2 ? 2.163  1.567  -0.269 1.00 0.00 ? 2 LEU A HB2  7  
ATOM 667  H HB3  . LEU A 1 2 ? 3.708  1.243  -1.019 1.00 0.00 ? 2 LEU A HB3  7  
ATOM 668  H HG   . LEU A 1 2 ? 2.048  3.710  -1.511 1.00 0.00 ? 2 LEU A HG   7  
ATOM 669  H HD11 . LEU A 1 2 ? 4.491  3.283  0.194  1.00 0.00 ? 2 LEU A HD11 7  
ATOM 670  H HD12 . LEU A 1 2 ? 2.864  3.654  0.766  1.00 0.00 ? 2 LEU A HD12 7  
ATOM 671  H HD13 . LEU A 1 2 ? 3.763  4.843  -0.176 1.00 0.00 ? 2 LEU A HD13 7  
ATOM 672  H HD21 . LEU A 1 2 ? 4.872  3.011  -2.319 1.00 0.00 ? 2 LEU A HD21 7  
ATOM 673  H HD22 . LEU A 1 2 ? 4.082  4.563  -2.574 1.00 0.00 ? 2 LEU A HD22 7  
ATOM 674  H HD23 . LEU A 1 2 ? 3.486  3.128  -3.404 1.00 0.00 ? 2 LEU A HD23 7  
ATOM 675  N N    . TYR A 1 3 ? 2.924  -1.242 -2.049 1.00 0.00 ? 3 TYR A N    7  
ATOM 676  C CA   . TYR A 1 3 ? 2.897  -2.660 -1.673 1.00 0.00 ? 3 TYR A CA   7  
ATOM 677  C C    . TYR A 1 3 ? 2.496  -2.813 -0.204 1.00 0.00 ? 3 TYR A C    7  
ATOM 678  O O    . TYR A 1 3 ? 1.652  -3.662 0.100  1.00 0.00 ? 3 TYR A O    7  
ATOM 679  C CB   . TYR A 1 3 ? 4.233  -3.358 -1.936 1.00 0.00 ? 3 TYR A CB   7  
ATOM 680  C CG   . TYR A 1 3 ? 4.761  -3.162 -3.310 1.00 0.00 ? 3 TYR A CG   7  
ATOM 681  C CD1  . TYR A 1 3 ? 4.530  -4.088 -4.295 1.00 0.00 ? 3 TYR A CD1  7  
ATOM 682  C CD2  . TYR A 1 3 ? 5.507  -2.044 -3.611 1.00 0.00 ? 3 TYR A CD2  7  
ATOM 683  C CE1  . TYR A 1 3 ? 5.028  -3.914 -5.559 1.00 0.00 ? 3 TYR A CE1  7  
ATOM 684  C CE2  . TYR A 1 3 ? 6.011  -1.850 -4.877 1.00 0.00 ? 3 TYR A CE2  7  
ATOM 685  C CZ   . TYR A 1 3 ? 5.767  -2.796 -5.848 1.00 0.00 ? 3 TYR A CZ   7  
ATOM 686  O OH   . TYR A 1 3 ? 6.276  -2.629 -7.112 1.00 0.00 ? 3 TYR A OH   7  
ATOM 687  H H    . TYR A 1 3 ? 3.759  -0.854 -2.381 1.00 0.00 ? 3 TYR A H    7  
ATOM 688  H HA   . TYR A 1 3 ? 2.126  -3.124 -2.272 1.00 0.00 ? 3 TYR A HA   7  
ATOM 689  H HB2  . TYR A 1 3 ? 4.991  -3.010 -1.254 1.00 0.00 ? 3 TYR A HB2  7  
ATOM 690  H HB3  . TYR A 1 3 ? 4.099  -4.420 -1.789 1.00 0.00 ? 3 TYR A HB3  7  
ATOM 691  H HD1  . TYR A 1 3 ? 3.944  -4.963 -4.055 1.00 0.00 ? 3 TYR A HD1  7  
ATOM 692  H HD2  . TYR A 1 3 ? 5.662  -1.332 -2.810 1.00 0.00 ? 3 TYR A HD2  7  
ATOM 693  H HE1  . TYR A 1 3 ? 4.834  -4.654 -6.318 1.00 0.00 ? 3 TYR A HE1  7  
ATOM 694  H HE2  . TYR A 1 3 ? 6.594  -0.971 -5.104 1.00 0.00 ? 3 TYR A HE2  7  
ATOM 695  H HH   . TYR A 1 3 ? 5.578  -2.851 -7.742 1.00 0.00 ? 3 TYR A HH   7  
ATOM 696  N N    . PRO A 1 4 ? 3.136  -2.037 0.758  1.00 0.00 ? 4 PRO A N    7  
ATOM 697  C CA   . PRO A 1 4 ? 2.650  -1.961 2.129  1.00 0.00 ? 4 PRO A CA   7  
ATOM 698  C C    . PRO A 1 4 ? 1.156  -1.623 2.142  1.00 0.00 ? 4 PRO A C    7  
ATOM 699  O O    . PRO A 1 4 ? 0.747  -0.496 1.799  1.00 0.00 ? 4 PRO A O    7  
ATOM 700  C CB   . PRO A 1 4 ? 3.455  -0.792 2.683  1.00 0.00 ? 4 PRO A CB   7  
ATOM 701  C CG   . PRO A 1 4 ? 4.755  -0.941 2.031  1.00 0.00 ? 4 PRO A CG   7  
ATOM 702  C CD   . PRO A 1 4 ? 4.414  -1.276 0.622  1.00 0.00 ? 4 PRO A CD   7  
ATOM 703  H HA   . PRO A 1 4 ? 2.861  -2.862 2.681  1.00 0.00 ? 4 PRO A HA   7  
ATOM 704  H HB2  . PRO A 1 4 ? 2.998  0.120  2.328  1.00 0.00 ? 4 PRO A HB2  7  
ATOM 705  H HB3  . PRO A 1 4 ? 3.530  -0.822 3.758  1.00 0.00 ? 4 PRO A HB3  7  
ATOM 706  H HG2  . PRO A 1 4 ? 5.312  -0.017 2.085  1.00 0.00 ? 4 PRO A HG2  7  
ATOM 707  H HG3  . PRO A 1 4 ? 5.309  -1.749 2.483  1.00 0.00 ? 4 PRO A HG3  7  
ATOM 708  H HD2  . PRO A 1 4 ? 4.278  -0.376 0.041  1.00 0.00 ? 4 PRO A HD2  7  
ATOM 709  H HD3  . PRO A 1 4 ? 5.193  -1.891 0.206  1.00 0.00 ? 4 PRO A HD3  7  
ATOM 710  N N    . TYR A 1 5 ? 0.364  -2.578 2.529  1.00 0.00 ? 5 TYR A N    7  
ATOM 711  C CA   . TYR A 1 5 ? -1.063 -2.454 2.447  1.00 0.00 ? 5 TYR A CA   7  
ATOM 712  C C    . TYR A 1 5 ? -1.658 -1.955 3.754  1.00 0.00 ? 5 TYR A C    7  
ATOM 713  O O    . TYR A 1 5 ? -1.079 -2.172 4.839  1.00 0.00 ? 5 TYR A O    7  
ATOM 714  C CB   . TYR A 1 5 ? -1.707 -3.794 2.005  1.00 0.00 ? 5 TYR A CB   7  
ATOM 715  C CG   . TYR A 1 5 ? -1.471 -4.958 2.942  1.00 0.00 ? 5 TYR A CG   7  
ATOM 716  C CD1  . TYR A 1 5 ? -2.422 -5.316 3.886  1.00 0.00 ? 5 TYR A CD1  7  
ATOM 717  C CD2  . TYR A 1 5 ? -0.303 -5.698 2.880  1.00 0.00 ? 5 TYR A CD2  7  
ATOM 718  C CE1  . TYR A 1 5 ? -2.210 -6.372 4.740  1.00 0.00 ? 5 TYR A CE1  7  
ATOM 719  C CE2  . TYR A 1 5 ? -0.088 -6.755 3.731  1.00 0.00 ? 5 TYR A CE2  7  
ATOM 720  C CZ   . TYR A 1 5 ? -1.041 -7.087 4.659  1.00 0.00 ? 5 TYR A CZ   7  
ATOM 721  O OH   . TYR A 1 5 ? -0.820 -8.142 5.522  1.00 0.00 ? 5 TYR A OH   7  
ATOM 722  H H    . TYR A 1 5 ? 0.763  -3.396 2.895  1.00 0.00 ? 5 TYR A H    7  
ATOM 723  H HA   . TYR A 1 5 ? -1.263 -1.717 1.681  1.00 0.00 ? 5 TYR A HA   7  
ATOM 724  H HB2  . TYR A 1 5 ? -2.775 -3.669 1.919  1.00 0.00 ? 5 TYR A HB2  7  
ATOM 725  H HB3  . TYR A 1 5 ? -1.311 -4.065 1.037  1.00 0.00 ? 5 TYR A HB3  7  
ATOM 726  H HD1  . TYR A 1 5 ? -3.339 -4.751 3.948  1.00 0.00 ? 5 TYR A HD1  7  
ATOM 727  H HD2  . TYR A 1 5 ? 0.447  -5.434 2.149  1.00 0.00 ? 5 TYR A HD2  7  
ATOM 728  H HE1  . TYR A 1 5 ? -2.959 -6.639 5.470  1.00 0.00 ? 5 TYR A HE1  7  
ATOM 729  H HE2  . TYR A 1 5 ? 0.829  -7.322 3.672  1.00 0.00 ? 5 TYR A HE2  7  
ATOM 730  H HH   . TYR A 1 5 ? 0.084  -8.043 5.849  1.00 0.00 ? 5 TYR A HH   7  
ATOM 731  N N    . PRO A 1 6 ? -2.808 -1.280 3.686  1.00 0.00 ? 6 PRO A N    7  
ATOM 732  C CA   . PRO A 1 6 ? -3.491 -0.968 2.436  1.00 0.00 ? 6 PRO A CA   7  
ATOM 733  C C    . PRO A 1 6 ? -3.159 0.437  1.913  1.00 0.00 ? 6 PRO A C    7  
ATOM 734  O O    . PRO A 1 6 ? -3.332 1.427  2.620  1.00 0.00 ? 6 PRO A O    7  
ATOM 735  C CB   . PRO A 1 6 ? -4.968 -1.049 2.835  1.00 0.00 ? 6 PRO A CB   7  
ATOM 736  C CG   . PRO A 1 6 ? -4.996 -1.005 4.346  1.00 0.00 ? 6 PRO A CG   7  
ATOM 737  C CD   . PRO A 1 6 ? -3.580 -0.806 4.815  1.00 0.00 ? 6 PRO A CD   7  
ATOM 738  H HA   . PRO A 1 6 ? -3.289 -1.696 1.665  1.00 0.00 ? 6 PRO A HA   7  
ATOM 739  H HB2  . PRO A 1 6 ? -5.486 -0.202 2.409  1.00 0.00 ? 6 PRO A HB2  7  
ATOM 740  H HB3  . PRO A 1 6 ? -5.397 -1.965 2.458  1.00 0.00 ? 6 PRO A HB3  7  
ATOM 741  H HG2  . PRO A 1 6 ? -5.612 -0.183 4.679  1.00 0.00 ? 6 PRO A HG2  7  
ATOM 742  H HG3  . PRO A 1 6 ? -5.387 -1.939 4.725  1.00 0.00 ? 6 PRO A HG3  7  
ATOM 743  H HD2  . PRO A 1 6 ? -3.382 0.237  5.011  1.00 0.00 ? 6 PRO A HD2  7  
ATOM 744  H HD3  . PRO A 1 6 ? -3.384 -1.405 5.692  1.00 0.00 ? 6 PRO A HD3  7  
ATOM 745  N N    . ASP A 1 7 ? -2.675 0.508  0.695  1.00 0.00 ? 7 ASP A N    7  
ATOM 746  C CA   . ASP A 1 7 ? -2.348 1.776  0.047  1.00 0.00 ? 7 ASP A CA   7  
ATOM 747  C C    . ASP A 1 7 ? -2.177 1.470  -1.441 1.00 0.00 ? 7 ASP A C    7  
ATOM 748  O O    . ASP A 1 7 ? -2.566 0.395  -1.883 1.00 0.00 ? 7 ASP A O    7  
ATOM 749  C CB   . ASP A 1 7 ? -1.031 2.361  0.648  1.00 0.00 ? 7 ASP A CB   7  
ATOM 750  C CG   . ASP A 1 7 ? -0.774 3.809  0.258  1.00 0.00 ? 7 ASP A CG   7  
ATOM 751  O OD1  . ASP A 1 7 ? -0.087 4.058  -0.753 1.00 0.00 ? 7 ASP A OD1  7  
ATOM 752  O OD2  . ASP A 1 7 ? -1.276 4.715  0.940  1.00 0.00 ? 7 ASP A OD2  7  
ATOM 753  H H    . ASP A 1 7 ? -2.523 -0.309 0.169  1.00 0.00 ? 7 ASP A H    7  
ATOM 754  H HA   . ASP A 1 7 ? -3.168 2.463  0.191  1.00 0.00 ? 7 ASP A HA   7  
ATOM 755  H HB2  . ASP A 1 7 ? -1.086 2.311  1.725  1.00 0.00 ? 7 ASP A HB2  7  
ATOM 756  H HB3  . ASP A 1 7 ? -0.199 1.760  0.312  1.00 0.00 ? 7 ASP A HB3  7  
ATOM 757  N N    . GLY A 1 1 ? -1.601 2.469  -2.120 1.00 0.00 ? 1 GLY A N    8  
ATOM 758  C CA   . GLY A 1 1 ? -1.396 2.064  -3.479 1.00 0.00 ? 1 GLY A CA   8  
ATOM 759  C C    . GLY A 1 1 ? -0.057 1.368  -3.608 1.00 0.00 ? 1 GLY A C    8  
ATOM 760  O O    . GLY A 1 1 ? 0.206  0.657  -4.589 1.00 0.00 ? 1 GLY A O    8  
ATOM 761  H H1   . GLY A 1 1 ? -1.349 3.379  -1.847 1.00 0.00 ? 1 GLY A H1   8  
ATOM 762  H HA2  . GLY A 1 1 ? -2.187 1.391  -3.775 1.00 0.00 ? 1 GLY A HA2  8  
ATOM 763  H HA3  . GLY A 1 1 ? -1.399 2.932  -4.119 1.00 0.00 ? 1 GLY A HA3  8  
ATOM 764  N N    . LEU A 1 2 ? 0.787  1.608  -2.617 1.00 0.00 ? 2 LEU A N    8  
ATOM 765  C CA   . LEU A 1 2 ? 2.084  0.981  -2.489 1.00 0.00 ? 2 LEU A CA   8  
ATOM 766  C C    . LEU A 1 2 ? 1.933  -0.443 -1.963 1.00 0.00 ? 2 LEU A C    8  
ATOM 767  O O    . LEU A 1 2 ? 0.867  -0.815 -1.474 1.00 0.00 ? 2 LEU A O    8  
ATOM 768  C CB   . LEU A 1 2 ? 2.986  1.797  -1.556 1.00 0.00 ? 2 LEU A CB   8  
ATOM 769  C CG   . LEU A 1 2 ? 3.352  3.206  -2.030 1.00 0.00 ? 2 LEU A CG   8  
ATOM 770  C CD1  . LEU A 1 2 ? 4.081  3.956  -0.936 1.00 0.00 ? 2 LEU A CD1  8  
ATOM 771  C CD2  . LEU A 1 2 ? 4.215  3.145  -3.279 1.00 0.00 ? 2 LEU A CD2  8  
ATOM 772  H H    . LEU A 1 2 ? 0.516  2.254  -1.928 1.00 0.00 ? 2 LEU A H    8  
ATOM 773  H HA   . LEU A 1 2 ? 2.537  0.942  -3.470 1.00 0.00 ? 2 LEU A HA   8  
ATOM 774  H HB2  . LEU A 1 2 ? 2.493  1.880  -0.599 1.00 0.00 ? 2 LEU A HB2  8  
ATOM 775  H HB3  . LEU A 1 2 ? 3.906  1.246  -1.417 1.00 0.00 ? 2 LEU A HB3  8  
ATOM 776  H HG   . LEU A 1 2 ? 2.448  3.746  -2.266 1.00 0.00 ? 2 LEU A HG   8  
ATOM 777  H HD11 . LEU A 1 2 ? 3.458  4.010  -0.056 1.00 0.00 ? 2 LEU A HD11 8  
ATOM 778  H HD12 . LEU A 1 2 ? 4.308  4.955  -1.280 1.00 0.00 ? 2 LEU A HD12 8  
ATOM 779  H HD13 . LEU A 1 2 ? 4.999  3.441  -0.700 1.00 0.00 ? 2 LEU A HD13 8  
ATOM 780  H HD21 . LEU A 1 2 ? 4.476  4.147  -3.584 1.00 0.00 ? 2 LEU A HD21 8  
ATOM 781  H HD22 . LEU A 1 2 ? 3.668  2.662  -4.074 1.00 0.00 ? 2 LEU A HD22 8  
ATOM 782  H HD23 . LEU A 1 2 ? 5.116  2.587  -3.070 1.00 0.00 ? 2 LEU A HD23 8  
ATOM 783  N N    . TYR A 1 3 ? 2.996  -1.228 -2.106 1.00 0.00 ? 3 TYR A N    8  
ATOM 784  C CA   . TYR A 1 3 ? 3.043  -2.644 -1.675 1.00 0.00 ? 3 TYR A CA   8  
ATOM 785  C C    . TYR A 1 3 ? 2.548  -2.827 -0.212 1.00 0.00 ? 3 TYR A C    8  
ATOM 786  O O    . TYR A 1 3 ? 1.747  -3.726 0.043  1.00 0.00 ? 3 TYR A O    8  
ATOM 787  C CB   . TYR A 1 3 ? 4.468  -3.215 -1.812 1.00 0.00 ? 3 TYR A CB   8  
ATOM 788  C CG   . TYR A 1 3 ? 5.176  -2.803 -3.075 1.00 0.00 ? 3 TYR A CG   8  
ATOM 789  C CD1  . TYR A 1 3 ? 4.988  -3.479 -4.270 1.00 0.00 ? 3 TYR A CD1  8  
ATOM 790  C CD2  . TYR A 1 3 ? 6.038  -1.719 -3.060 1.00 0.00 ? 3 TYR A CD2  8  
ATOM 791  C CE1  . TYR A 1 3 ? 5.641  -3.079 -5.420 1.00 0.00 ? 3 TYR A CE1  8  
ATOM 792  C CE2  . TYR A 1 3 ? 6.695  -1.313 -4.196 1.00 0.00 ? 3 TYR A CE2  8  
ATOM 793  C CZ   . TYR A 1 3 ? 6.494  -1.994 -5.374 1.00 0.00 ? 3 TYR A CZ   8  
ATOM 794  O OH   . TYR A 1 3 ? 7.144  -1.583 -6.516 1.00 0.00 ? 3 TYR A OH   8  
ATOM 795  H H    . TYR A 1 3 ? 3.790  -0.838 -2.520 1.00 0.00 ? 3 TYR A H    8  
ATOM 796  H HA   . TYR A 1 3 ? 2.383  -3.196 -2.327 1.00 0.00 ? 3 TYR A HA   8  
ATOM 797  H HB2  . TYR A 1 3 ? 5.067  -2.883 -0.977 1.00 0.00 ? 3 TYR A HB2  8  
ATOM 798  H HB3  . TYR A 1 3 ? 4.415  -4.294 -1.796 1.00 0.00 ? 3 TYR A HB3  8  
ATOM 799  H HD1  . TYR A 1 3 ? 4.317  -4.325 -4.295 1.00 0.00 ? 3 TYR A HD1  8  
ATOM 800  H HD2  . TYR A 1 3 ? 6.182  -1.198 -2.125 1.00 0.00 ? 3 TYR A HD2  8  
ATOM 801  H HE1  . TYR A 1 3 ? 5.486  -3.613 -6.346 1.00 0.00 ? 3 TYR A HE1  8  
ATOM 802  H HE2  . TYR A 1 3 ? 7.361  -0.465 -4.160 1.00 0.00 ? 3 TYR A HE2  8  
ATOM 803  H HH   . TYR A 1 3 ? 6.475  -1.537 -7.211 1.00 0.00 ? 3 TYR A HH   8  
ATOM 804  N N    . PRO A 1 4 ? 3.053  -2.027 0.789  1.00 0.00 ? 4 PRO A N    8  
ATOM 805  C CA   . PRO A 1 4 ? 2.517  -2.080 2.146  1.00 0.00 ? 4 PRO A CA   8  
ATOM 806  C C    . PRO A 1 4 ? 1.088  -1.522 2.187  1.00 0.00 ? 4 PRO A C    8  
ATOM 807  O O    . PRO A 1 4 ? 0.850  -0.324 1.951  1.00 0.00 ? 4 PRO A O    8  
ATOM 808  C CB   . PRO A 1 4 ? 3.478  -1.193 2.952  1.00 0.00 ? 4 PRO A CB   8  
ATOM 809  C CG   . PRO A 1 4 ? 4.058  -0.267 1.953  1.00 0.00 ? 4 PRO A CG   8  
ATOM 810  C CD   . PRO A 1 4 ? 4.190  -1.071 0.704  1.00 0.00 ? 4 PRO A CD   8  
ATOM 811  H HA   . PRO A 1 4 ? 2.520  -3.089 2.531  1.00 0.00 ? 4 PRO A HA   8  
ATOM 812  H HB2  . PRO A 1 4 ? 2.938  -0.661 3.720  1.00 0.00 ? 4 PRO A HB2  8  
ATOM 813  H HB3  . PRO A 1 4 ? 4.246  -1.811 3.391  1.00 0.00 ? 4 PRO A HB3  8  
ATOM 814  H HG2  . PRO A 1 4 ? 3.392  0.568  1.796  1.00 0.00 ? 4 PRO A HG2  8  
ATOM 815  H HG3  . PRO A 1 4 ? 5.026  0.076  2.282  1.00 0.00 ? 4 PRO A HG3  8  
ATOM 816  H HD2  . PRO A 1 4 ? 4.100  -0.439 -0.169 1.00 0.00 ? 4 PRO A HD2  8  
ATOM 817  H HD3  . PRO A 1 4 ? 5.131  -1.598 0.697  1.00 0.00 ? 4 PRO A HD3  8  
ATOM 818  N N    . TYR A 1 5 ? 0.153  -2.378 2.475  1.00 0.00 ? 5 TYR A N    8  
ATOM 819  C CA   . TYR A 1 5 ? -1.238 -2.006 2.484  1.00 0.00 ? 5 TYR A CA   8  
ATOM 820  C C    . TYR A 1 5 ? -1.615 -1.517 3.874  1.00 0.00 ? 5 TYR A C    8  
ATOM 821  O O    . TYR A 1 5 ? -0.938 -1.857 4.844  1.00 0.00 ? 5 TYR A O    8  
ATOM 822  C CB   . TYR A 1 5 ? -2.105 -3.202 2.069  1.00 0.00 ? 5 TYR A CB   8  
ATOM 823  C CG   . TYR A 1 5 ? -1.755 -3.764 0.710  1.00 0.00 ? 5 TYR A CG   8  
ATOM 824  C CD1  . TYR A 1 5 ? -1.970 -3.028 -0.449 1.00 0.00 ? 5 TYR A CD1  8  
ATOM 825  C CD2  . TYR A 1 5 ? -1.211 -5.034 0.589  1.00 0.00 ? 5 TYR A CD2  8  
ATOM 826  C CE1  . TYR A 1 5 ? -1.647 -3.543 -1.689 1.00 0.00 ? 5 TYR A CE1  8  
ATOM 827  C CE2  . TYR A 1 5 ? -0.887 -5.556 -0.643 1.00 0.00 ? 5 TYR A CE2  8  
ATOM 828  C CZ   . TYR A 1 5 ? -1.103 -4.808 -1.779 1.00 0.00 ? 5 TYR A CZ   8  
ATOM 829  O OH   . TYR A 1 5 ? -0.778 -5.331 -3.015 1.00 0.00 ? 5 TYR A OH   8  
ATOM 830  H H    . TYR A 1 5 ? 0.403  -3.293 2.722  1.00 0.00 ? 5 TYR A H    8  
ATOM 831  H HA   . TYR A 1 5 ? -1.375 -1.202 1.775  1.00 0.00 ? 5 TYR A HA   8  
ATOM 832  H HB2  . TYR A 1 5 ? -1.975 -3.991 2.794  1.00 0.00 ? 5 TYR A HB2  8  
ATOM 833  H HB3  . TYR A 1 5 ? -3.145 -2.912 2.052  1.00 0.00 ? 5 TYR A HB3  8  
ATOM 834  H HD1  . TYR A 1 5 ? -2.393 -2.036 -0.371 1.00 0.00 ? 5 TYR A HD1  8  
ATOM 835  H HD2  . TYR A 1 5 ? -1.042 -5.619 1.481  1.00 0.00 ? 5 TYR A HD2  8  
ATOM 836  H HE1  . TYR A 1 5 ? -1.819 -2.957 -2.581 1.00 0.00 ? 5 TYR A HE1  8  
ATOM 837  H HE2  . TYR A 1 5 ? -0.463 -6.546 -0.715 1.00 0.00 ? 5 TYR A HE2  8  
ATOM 838  H HH   . TYR A 1 5 ? -0.275 -4.653 -3.486 1.00 0.00 ? 5 TYR A HH   8  
ATOM 839  N N    . PRO A 1 6 ? -2.668 -0.699 4.008  1.00 0.00 ? 6 PRO A N    8  
ATOM 840  C CA   . PRO A 1 6 ? -3.493 -0.219 2.903  1.00 0.00 ? 6 PRO A CA   8  
ATOM 841  C C    . PRO A 1 6 ? -2.926 1.056  2.276  1.00 0.00 ? 6 PRO A C    8  
ATOM 842  O O    . PRO A 1 6 ? -2.689 2.059  2.980  1.00 0.00 ? 6 PRO A O    8  
ATOM 843  C CB   . PRO A 1 6 ? -4.844 0.080  3.576  1.00 0.00 ? 6 PRO A CB   8  
ATOM 844  C CG   . PRO A 1 6 ? -4.641 -0.207 5.038  1.00 0.00 ? 6 PRO A CG   8  
ATOM 845  C CD   . PRO A 1 6 ? -3.166 -0.188 5.266  1.00 0.00 ? 6 PRO A CD   8  
ATOM 846  H HA   . PRO A 1 6 ? -3.622 -0.973 2.142  1.00 0.00 ? 6 PRO A HA   8  
ATOM 847  H HB2  . PRO A 1 6 ? -5.096 1.117  3.412  1.00 0.00 ? 6 PRO A HB2  8  
ATOM 848  H HB3  . PRO A 1 6 ? -5.612 -0.551 3.153  1.00 0.00 ? 6 PRO A HB3  8  
ATOM 849  H HG2  . PRO A 1 6 ? -5.118 0.553  5.637  1.00 0.00 ? 6 PRO A HG2  8  
ATOM 850  H HG3  . PRO A 1 6 ? -5.043 -1.179 5.276  1.00 0.00 ? 6 PRO A HG3  8  
ATOM 851  H HD2  . PRO A 1 6 ? -2.822 0.821  5.435  1.00 0.00 ? 6 PRO A HD2  8  
ATOM 852  H HD3  . PRO A 1 6 ? -2.892 -0.835 6.085  1.00 0.00 ? 6 PRO A HD3  8  
ATOM 853  N N    . ASP A 1 7 ? -2.695 1.007  0.983  1.00 0.00 ? 7 ASP A N    8  
ATOM 854  C CA   . ASP A 1 7 ? -2.157 2.121  0.208  1.00 0.00 ? 7 ASP A CA   8  
ATOM 855  C C    . ASP A 1 7 ? -2.069 1.637  -1.225 1.00 0.00 ? 7 ASP A C    8  
ATOM 856  O O    . ASP A 1 7 ? -2.456 0.493  -1.501 1.00 0.00 ? 7 ASP A O    8  
ATOM 857  C CB   . ASP A 1 7 ? -0.744 2.522  0.716  1.00 0.00 ? 7 ASP A CB   8  
ATOM 858  C CG   . ASP A 1 7 ? -0.260 3.860  0.193  1.00 0.00 ? 7 ASP A CG   8  
ATOM 859  O OD1  . ASP A 1 7 ? -0.515 4.890  0.858  1.00 0.00 ? 7 ASP A OD1  8  
ATOM 860  O OD2  . ASP A 1 7 ? 0.353  3.908  -0.878 1.00 0.00 ? 7 ASP A OD2  8  
ATOM 861  H H    . ASP A 1 7 ? -2.899 0.193  0.470  1.00 0.00 ? 7 ASP A H    8  
ATOM 862  H HA   . ASP A 1 7 ? -2.836 2.958  0.275  1.00 0.00 ? 7 ASP A HA   8  
ATOM 863  H HB2  . ASP A 1 7 ? -0.778 2.589  1.792  1.00 0.00 ? 7 ASP A HB2  8  
ATOM 864  H HB3  . ASP A 1 7 ? -0.034 1.759  0.429  1.00 0.00 ? 7 ASP A HB3  8  
ATOM 865  N N    . GLY A 1 1 ? -1.962 1.527  -2.575 1.00 0.00 ? 1 GLY A N    9  
ATOM 866  C CA   . GLY A 1 1 ? -1.166 2.403  -3.395 1.00 0.00 ? 1 GLY A CA   9  
ATOM 867  C C    . GLY A 1 1 ? 0.230  1.867  -3.493 1.00 0.00 ? 1 GLY A C    9  
ATOM 868  O O    . GLY A 1 1 ? 0.776  1.686  -4.587 1.00 0.00 ? 1 GLY A O    9  
ATOM 869  H H1   . GLY A 1 1 ? -1.932 0.562  -2.747 1.00 0.00 ? 1 GLY A H1   9  
ATOM 870  H HA2  . GLY A 1 1 ? -1.605 2.463  -4.381 1.00 0.00 ? 1 GLY A HA2  9  
ATOM 871  H HA3  . GLY A 1 1 ? -1.136 3.386  -2.950 1.00 0.00 ? 1 GLY A HA3  9  
ATOM 872  N N    . LEU A 1 2 ? 0.792  1.583  -2.354 1.00 0.00 ? 2 LEU A N    9  
ATOM 873  C CA   . LEU A 1 2 ? 2.099  0.979  -2.256 1.00 0.00 ? 2 LEU A CA   9  
ATOM 874  C C    . LEU A 1 2 ? 1.878  -0.479 -1.940 1.00 0.00 ? 2 LEU A C    9  
ATOM 875  O O    . LEU A 1 2 ? 0.747  -0.853 -1.596 1.00 0.00 ? 2 LEU A O    9  
ATOM 876  C CB   . LEU A 1 2 ? 2.932  1.611  -1.128 1.00 0.00 ? 2 LEU A CB   9  
ATOM 877  C CG   . LEU A 1 2 ? 3.126  3.133  -1.154 1.00 0.00 ? 2 LEU A CG   9  
ATOM 878  C CD1  . LEU A 1 2 ? 3.982  3.574  0.018  1.00 0.00 ? 2 LEU A CD1  9  
ATOM 879  C CD2  . LEU A 1 2 ? 3.748  3.594  -2.460 1.00 0.00 ? 2 LEU A CD2  9  
ATOM 880  H H    . LEU A 1 2 ? 0.304  1.762  -1.522 1.00 0.00 ? 2 LEU A H    9  
ATOM 881  H HA   . LEU A 1 2 ? 2.606  1.085  -3.203 1.00 0.00 ? 2 LEU A HA   9  
ATOM 882  H HB2  . LEU A 1 2 ? 2.472  1.347  -0.187 1.00 0.00 ? 2 LEU A HB2  9  
ATOM 883  H HB3  . LEU A 1 2 ? 3.909  1.150  -1.159 1.00 0.00 ? 2 LEU A HB3  9  
ATOM 884  H HG   . LEU A 1 2 ? 2.158  3.598  -1.050 1.00 0.00 ? 2 LEU A HG   9  
ATOM 885  H HD11 . LEU A 1 2 ? 3.508  3.288  0.945  1.00 0.00 ? 2 LEU A HD11 9  
ATOM 886  H HD12 . LEU A 1 2 ? 4.098  4.647  -0.007 1.00 0.00 ? 2 LEU A HD12 9  
ATOM 887  H HD13 . LEU A 1 2 ? 4.953  3.106  -0.048 1.00 0.00 ? 2 LEU A HD13 9  
ATOM 888  H HD21 . LEU A 1 2 ? 3.863  4.668  -2.441 1.00 0.00 ? 2 LEU A HD21 9  
ATOM 889  H HD22 . LEU A 1 2 ? 3.103  3.317  -3.281 1.00 0.00 ? 2 LEU A HD22 9  
ATOM 890  H HD23 . LEU A 1 2 ? 4.715  3.131  -2.584 1.00 0.00 ? 2 LEU A HD23 9  
ATOM 891  N N    . TYR A 1 3 ? 2.896  -1.314 -2.117 1.00 0.00 ? 3 TYR A N    9  
ATOM 892  C CA   . TYR A 1 3 ? 2.779  -2.731 -1.731 1.00 0.00 ? 3 TYR A CA   9  
ATOM 893  C C    . TYR A 1 3 ? 2.351  -2.827 -0.247 1.00 0.00 ? 3 TYR A C    9  
ATOM 894  O O    . TYR A 1 3 ? 1.368  -3.518 0.060  1.00 0.00 ? 3 TYR A O    9  
ATOM 895  C CB   . TYR A 1 3 ? 4.075  -3.520 -1.957 1.00 0.00 ? 3 TYR A CB   9  
ATOM 896  C CG   . TYR A 1 3 ? 4.696  -3.328 -3.302 1.00 0.00 ? 3 TYR A CG   9  
ATOM 897  C CD1  . TYR A 1 3 ? 4.231  -4.007 -4.417 1.00 0.00 ? 3 TYR A CD1  9  
ATOM 898  C CD2  . TYR A 1 3 ? 5.763  -2.471 -3.449 1.00 0.00 ? 3 TYR A CD2  9  
ATOM 899  C CE1  . TYR A 1 3 ? 4.822  -3.829 -5.652 1.00 0.00 ? 3 TYR A CE1  9  
ATOM 900  C CE2  . TYR A 1 3 ? 6.363  -2.282 -4.674 1.00 0.00 ? 3 TYR A CE2  9  
ATOM 901  C CZ   . TYR A 1 3 ? 5.890  -2.964 -5.775 1.00 0.00 ? 3 TYR A CZ   9  
ATOM 902  O OH   . TYR A 1 3 ? 6.484  -2.778 -7.000 1.00 0.00 ? 3 TYR A OH   9  
ATOM 903  H H    . TYR A 1 3 ? 3.726  -0.974 -2.515 1.00 0.00 ? 3 TYR A H    9  
ATOM 904  H HA   . TYR A 1 3 ? 1.983  -3.150 -2.330 1.00 0.00 ? 3 TYR A HA   9  
ATOM 905  H HB2  . TYR A 1 3 ? 4.805  -3.222 -1.220 1.00 0.00 ? 3 TYR A HB2  9  
ATOM 906  H HB3  . TYR A 1 3 ? 3.868  -4.572 -1.831 1.00 0.00 ? 3 TYR A HB3  9  
ATOM 907  H HD1  . TYR A 1 3 ? 3.393  -4.680 -4.307 1.00 0.00 ? 3 TYR A HD1  9  
ATOM 908  H HD2  . TYR A 1 3 ? 6.108  -1.948 -2.567 1.00 0.00 ? 3 TYR A HD2  9  
ATOM 909  H HE1  . TYR A 1 3 ? 4.450  -4.362 -6.513 1.00 0.00 ? 3 TYR A HE1  9  
ATOM 910  H HE2  . TYR A 1 3 ? 7.200  -1.608 -4.767 1.00 0.00 ? 3 TYR A HE2  9  
ATOM 911  H HH   . TYR A 1 3 ? 7.441  -2.823 -6.892 1.00 0.00 ? 3 TYR A HH   9  
ATOM 912  N N    . PRO A 1 4 ? 3.069  -2.144 0.711  1.00 0.00 ? 4 PRO A N    9  
ATOM 913  C CA   . PRO A 1 4 ? 2.605  -2.064 2.082  1.00 0.00 ? 4 PRO A CA   9  
ATOM 914  C C    . PRO A 1 4 ? 1.424  -1.080 2.170  1.00 0.00 ? 4 PRO A C    9  
ATOM 915  O O    . PRO A 1 4 ? 1.442  -0.011 1.538  1.00 0.00 ? 4 PRO A O    9  
ATOM 916  C CB   . PRO A 1 4 ? 3.830  -1.534 2.832  1.00 0.00 ? 4 PRO A CB   9  
ATOM 917  C CG   . PRO A 1 4 ? 4.533  -0.698 1.838  1.00 0.00 ? 4 PRO A CG   9  
ATOM 918  C CD   . PRO A 1 4 ? 4.376  -1.431 0.548  1.00 0.00 ? 4 PRO A CD   9  
ATOM 919  H HA   . PRO A 1 4 ? 2.307  -3.032 2.459  1.00 0.00 ? 4 PRO A HA   9  
ATOM 920  H HB2  . PRO A 1 4 ? 3.536  -0.971 3.703  1.00 0.00 ? 4 PRO A HB2  9  
ATOM 921  H HB3  . PRO A 1 4 ? 4.448  -2.373 3.111  1.00 0.00 ? 4 PRO A HB3  9  
ATOM 922  H HG2  . PRO A 1 4 ? 4.071  0.278  1.782  1.00 0.00 ? 4 PRO A HG2  9  
ATOM 923  H HG3  . PRO A 1 4 ? 5.578  -0.612 2.097  1.00 0.00 ? 4 PRO A HG3  9  
ATOM 924  H HD2  . PRO A 1 4 ? 4.348  -0.745 -0.285 1.00 0.00 ? 4 PRO A HD2  9  
ATOM 925  H HD3  . PRO A 1 4 ? 5.182  -2.139 0.434  1.00 0.00 ? 4 PRO A HD3  9  
ATOM 926  N N    . TYR A 1 5 ? 0.420  -1.437 2.926  1.00 0.00 ? 5 TYR A N    9  
ATOM 927  C CA   . TYR A 1 5 ? -0.786 -0.658 3.017  1.00 0.00 ? 5 TYR A CA   9  
ATOM 928  C C    . TYR A 1 5 ? -0.575 0.586  3.878  1.00 0.00 ? 5 TYR A C    9  
ATOM 929  O O    . TYR A 1 5 ? 0.350  0.609  4.708  1.00 0.00 ? 5 TYR A O    9  
ATOM 930  C CB   . TYR A 1 5 ? -1.940 -1.541 3.499  1.00 0.00 ? 5 TYR A CB   9  
ATOM 931  C CG   . TYR A 1 5 ? -2.236 -2.648 2.517  1.00 0.00 ? 5 TYR A CG   9  
ATOM 932  C CD1  . TYR A 1 5 ? -1.954 -3.972 2.813  1.00 0.00 ? 5 TYR A CD1  9  
ATOM 933  C CD2  . TYR A 1 5 ? -2.762 -2.352 1.269  1.00 0.00 ? 5 TYR A CD2  9  
ATOM 934  C CE1  . TYR A 1 5 ? -2.192 -4.971 1.890  1.00 0.00 ? 5 TYR A CE1  9  
ATOM 935  C CE2  . TYR A 1 5 ? -3.009 -3.340 0.347  1.00 0.00 ? 5 TYR A CE2  9  
ATOM 936  C CZ   . TYR A 1 5 ? -2.723 -4.646 0.658  1.00 0.00 ? 5 TYR A CZ   9  
ATOM 937  O OH   . TYR A 1 5 ? -2.961 -5.634 -0.276 1.00 0.00 ? 5 TYR A OH   9  
ATOM 938  H H    . TYR A 1 5 ? 0.489  -2.238 3.485  1.00 0.00 ? 5 TYR A H    9  
ATOM 939  H HA   . TYR A 1 5 ? -1.007 -0.321 2.016  1.00 0.00 ? 5 TYR A HA   9  
ATOM 940  H HB2  . TYR A 1 5 ? -1.672 -1.992 4.444  1.00 0.00 ? 5 TYR A HB2  9  
ATOM 941  H HB3  . TYR A 1 5 ? -2.837 -0.953 3.622  1.00 0.00 ? 5 TYR A HB3  9  
ATOM 942  H HD1  . TYR A 1 5 ? -1.543 -4.222 3.781  1.00 0.00 ? 5 TYR A HD1  9  
ATOM 943  H HD2  . TYR A 1 5 ? -2.987 -1.324 1.026  1.00 0.00 ? 5 TYR A HD2  9  
ATOM 944  H HE1  . TYR A 1 5 ? -1.968 -5.998 2.134  1.00 0.00 ? 5 TYR A HE1  9  
ATOM 945  H HE2  . TYR A 1 5 ? -3.423 -3.087 -0.617 1.00 0.00 ? 5 TYR A HE2  9  
ATOM 946  H HH   . TYR A 1 5 ? -2.566 -5.331 -1.105 1.00 0.00 ? 5 TYR A HH   9  
ATOM 947  N N    . PRO A 1 6 ? -1.410 1.649  3.737  1.00 0.00 ? 6 PRO A N    9  
ATOM 948  C CA   . PRO A 1 6 ? -2.620 1.698  2.861  1.00 0.00 ? 6 PRO A CA   9  
ATOM 949  C C    . PRO A 1 6 ? -2.370 1.496  1.348  1.00 0.00 ? 6 PRO A C    9  
ATOM 950  O O    . PRO A 1 6 ? -1.232 1.565  0.867  1.00 0.00 ? 6 PRO A O    9  
ATOM 951  C CB   . PRO A 1 6 ? -3.215 3.085  3.131  1.00 0.00 ? 6 PRO A CB   9  
ATOM 952  C CG   . PRO A 1 6 ? -2.604 3.514  4.420  1.00 0.00 ? 6 PRO A CG   9  
ATOM 953  C CD   . PRO A 1 6 ? -1.226 2.928  4.433  1.00 0.00 ? 6 PRO A CD   9  
ATOM 954  H HA   . PRO A 1 6 ? -3.318 0.944  3.190  1.00 0.00 ? 6 PRO A HA   9  
ATOM 955  H HB2  . PRO A 1 6 ? -2.950 3.752  2.324  1.00 0.00 ? 6 PRO A HB2  9  
ATOM 956  H HB3  . PRO A 1 6 ? -4.290 3.016  3.209  1.00 0.00 ? 6 PRO A HB3  9  
ATOM 957  H HG2  . PRO A 1 6 ? -2.557 4.592  4.466  1.00 0.00 ? 6 PRO A HG2  9  
ATOM 958  H HG3  . PRO A 1 6 ? -3.182 3.127  5.246  1.00 0.00 ? 6 PRO A HG3  9  
ATOM 959  H HD2  . PRO A 1 6 ? -0.538 3.564  3.897  1.00 0.00 ? 6 PRO A HD2  9  
ATOM 960  H HD3  . PRO A 1 6 ? -0.888 2.770  5.445  1.00 0.00 ? 6 PRO A HD3  9  
ATOM 961  N N    . ASP A 1 7 ? -3.459 1.225  0.630  1.00 0.00 ? 7 ASP A N    9  
ATOM 962  C CA   . ASP A 1 7 ? -3.451 0.928  -0.813 1.00 0.00 ? 7 ASP A CA   9  
ATOM 963  C C    . ASP A 1 7 ? -2.711 1.980  -1.611 1.00 0.00 ? 7 ASP A C    9  
ATOM 964  O O    . ASP A 1 7 ? -2.820 3.184  -1.342 1.00 0.00 ? 7 ASP A O    9  
ATOM 965  C CB   . ASP A 1 7 ? -4.878 0.786  -1.373 1.00 0.00 ? 7 ASP A CB   9  
ATOM 966  C CG   . ASP A 1 7 ? -5.665 -0.345 -0.756 1.00 0.00 ? 7 ASP A CG   9  
ATOM 967  O OD1  . ASP A 1 7 ? -5.391 -1.527 -1.058 1.00 0.00 ? 7 ASP A OD1  9  
ATOM 968  O OD2  . ASP A 1 7 ? -6.586 -0.069 0.041  1.00 0.00 ? 7 ASP A OD2  9  
ATOM 969  H H    . ASP A 1 7 ? -4.320 1.233  1.101  1.00 0.00 ? 7 ASP A H    9  
ATOM 970  H HA   . ASP A 1 7 ? -2.942 -0.015 -0.943 1.00 0.00 ? 7 ASP A HA   9  
ATOM 971  H HB2  . ASP A 1 7 ? -5.416 1.703  -1.189 1.00 0.00 ? 7 ASP A HB2  9  
ATOM 972  H HB3  . ASP A 1 7 ? -4.821 0.626  -2.440 1.00 0.00 ? 7 ASP A HB3  9  
ATOM 973  N N    . GLY A 1 1 ? -2.044 1.991  -2.559 1.00 0.00 ? 1 GLY A N    10 
ATOM 974  C CA   . GLY A 1 1 ? -1.152 2.363  -3.647 1.00 0.00 ? 1 GLY A CA   10 
ATOM 975  C C    . GLY A 1 1 ? 0.168  1.635  -3.592 1.00 0.00 ? 1 GLY A C    10 
ATOM 976  O O    . GLY A 1 1 ? 0.628  1.061  -4.583 1.00 0.00 ? 1 GLY A O    10 
ATOM 977  H H1   . GLY A 1 1 ? -2.702 1.280  -2.715 1.00 0.00 ? 1 GLY A H1   10 
ATOM 978  H HA2  . GLY A 1 1 ? -1.634 2.135  -4.586 1.00 0.00 ? 1 GLY A HA2  10 
ATOM 979  H HA3  . GLY A 1 1 ? -0.970 3.426  -3.599 1.00 0.00 ? 1 GLY A HA3  10 
ATOM 980  N N    . LEU A 1 2 ? 0.762  1.645  -2.439 1.00 0.00 ? 2 LEU A N    10 
ATOM 981  C CA   . LEU A 1 2 ? 2.028  1.013  -2.210 1.00 0.00 ? 2 LEU A CA   10 
ATOM 982  C C    . LEU A 1 2 ? 1.817  -0.467 -1.923 1.00 0.00 ? 2 LEU A C    10 
ATOM 983  O O    . LEU A 1 2 ? 0.687  -0.902 -1.677 1.00 0.00 ? 2 LEU A O    10 
ATOM 984  C CB   . LEU A 1 2 ? 2.744  1.696  -1.036 1.00 0.00 ? 2 LEU A CB   10 
ATOM 985  C CG   . LEU A 1 2 ? 2.973  3.210  -1.176 1.00 0.00 ? 2 LEU A CG   10 
ATOM 986  C CD1  . LEU A 1 2 ? 3.644  3.770  0.061  1.00 0.00 ? 2 LEU A CD1  10 
ATOM 987  C CD2  . LEU A 1 2 ? 3.799  3.526  -2.410 1.00 0.00 ? 2 LEU A CD2  10 
ATOM 988  H H    . LEU A 1 2 ? 0.304  2.095  -1.697 1.00 0.00 ? 2 LEU A H    10 
ATOM 989  H HA   . LEU A 1 2 ? 2.630  1.121  -3.099 1.00 0.00 ? 2 LEU A HA   10 
ATOM 990  H HB2  . LEU A 1 2 ? 2.168  1.521  -0.140 1.00 0.00 ? 2 LEU A HB2  10 
ATOM 991  H HB3  . LEU A 1 2 ? 3.709  1.225  -0.920 1.00 0.00 ? 2 LEU A HB3  10 
ATOM 992  H HG   . LEU A 1 2 ? 2.013  3.698  -1.276 1.00 0.00 ? 2 LEU A HG   10 
ATOM 993  H HD11 . LEU A 1 2 ? 3.813  4.828  -0.070 1.00 0.00 ? 2 LEU A HD11 10 
ATOM 994  H HD12 . LEU A 1 2 ? 4.587  3.268  0.222  1.00 0.00 ? 2 LEU A HD12 10 
ATOM 995  H HD13 . LEU A 1 2 ? 3.000  3.615  0.913  1.00 0.00 ? 2 LEU A HD13 10 
ATOM 996  H HD21 . LEU A 1 2 ? 3.273  3.195  -3.293 1.00 0.00 ? 2 LEU A HD21 10 
ATOM 997  H HD22 . LEU A 1 2 ? 4.749  3.017  -2.345 1.00 0.00 ? 2 LEU A HD22 10 
ATOM 998  H HD23 . LEU A 1 2 ? 3.965  4.590  -2.467 1.00 0.00 ? 2 LEU A HD23 10 
ATOM 999  N N    . TYR A 1 3 ? 2.871  -1.246 -2.025 1.00 0.00 ? 3 TYR A N    10 
ATOM 1000 C CA   . TYR A 1 3 ? 2.805  -2.679 -1.716 1.00 0.00 ? 3 TYR A CA   10 
ATOM 1001 C C    . TYR A 1 3 ? 2.429  -2.877 -0.230 1.00 0.00 ? 3 TYR A C    10 
ATOM 1002 O O    . TYR A 1 3 ? 1.528  -3.668 0.075  1.00 0.00 ? 3 TYR A O    10 
ATOM 1003 C CB   . TYR A 1 3 ? 4.127  -3.392 -2.028 1.00 0.00 ? 3 TYR A CB   10 
ATOM 1004 C CG   . TYR A 1 3 ? 4.757  -2.949 -3.310 1.00 0.00 ? 3 TYR A CG   10 
ATOM 1005 C CD1  . TYR A 1 3 ? 5.750  -1.990 -3.294 1.00 0.00 ? 3 TYR A CD1  10 
ATOM 1006 C CD2  . TYR A 1 3 ? 4.365  -3.475 -4.528 1.00 0.00 ? 3 TYR A CD2  10 
ATOM 1007 C CE1  . TYR A 1 3 ? 6.341  -1.561 -4.456 1.00 0.00 ? 3 TYR A CE1  10 
ATOM 1008 C CE2  . TYR A 1 3 ? 4.951  -3.052 -5.702 1.00 0.00 ? 3 TYR A CE2  10 
ATOM 1009 C CZ   . TYR A 1 3 ? 5.941  -2.094 -5.657 1.00 0.00 ? 3 TYR A CZ   10 
ATOM 1010 O OH   . TYR A 1 3 ? 6.533  -1.670 -6.813 1.00 0.00 ? 3 TYR A OH   10 
ATOM 1011 H H    . TYR A 1 3 ? 3.718  -0.850 -2.317 1.00 0.00 ? 3 TYR A H    10 
ATOM 1012 H HA   . TYR A 1 3 ? 2.014  -3.098 -2.320 1.00 0.00 ? 3 TYR A HA   10 
ATOM 1013 H HB2  . TYR A 1 3 ? 4.840  -3.251 -1.231 1.00 0.00 ? 3 TYR A HB2  10 
ATOM 1014 H HB3  . TYR A 1 3 ? 3.930  -4.450 -2.114 1.00 0.00 ? 3 TYR A HB3  10 
ATOM 1015 H HD1  . TYR A 1 3 ? 6.047  -1.584 -2.335 1.00 0.00 ? 3 TYR A HD1  10 
ATOM 1016 H HD2  . TYR A 1 3 ? 3.587  -4.224 -4.547 1.00 0.00 ? 3 TYR A HD2  10 
ATOM 1017 H HE1  . TYR A 1 3 ? 7.115  -0.810 -4.425 1.00 0.00 ? 3 TYR A HE1  10 
ATOM 1018 H HE2  . TYR A 1 3 ? 4.636  -3.471 -6.647 1.00 0.00 ? 3 TYR A HE2  10 
ATOM 1019 H HH   . TYR A 1 3 ? 5.849  -1.507 -7.475 1.00 0.00 ? 3 TYR A HH   10 
ATOM 1020 N N    . PRO A 1 4 ? 3.107  -2.173 0.737  1.00 0.00 ? 4 PRO A N    10 
ATOM 1021 C CA   . PRO A 1 4 ? 2.701  -2.208 2.128  1.00 0.00 ? 4 PRO A CA   10 
ATOM 1022 C C    . PRO A 1 4 ? 1.501  -1.278 2.329  1.00 0.00 ? 4 PRO A C    10 
ATOM 1023 O O    . PRO A 1 4 ? 1.097  -0.562 1.393  1.00 0.00 ? 4 PRO A O    10 
ATOM 1024 C CB   . PRO A 1 4 ? 3.940  -1.660 2.880  1.00 0.00 ? 4 PRO A CB   10 
ATOM 1025 C CG   . PRO A 1 4 ? 5.011  -1.572 1.863  1.00 0.00 ? 4 PRO A CG   10 
ATOM 1026 C CD   . PRO A 1 4 ? 4.308  -1.322 0.590  1.00 0.00 ? 4 PRO A CD   10 
ATOM 1027 H HA   . PRO A 1 4 ? 2.463  -3.208 2.459  1.00 0.00 ? 4 PRO A HA   10 
ATOM 1028 H HB2  . PRO A 1 4 ? 3.718  -0.680 3.273  1.00 0.00 ? 4 PRO A HB2  10 
ATOM 1029 H HB3  . PRO A 1 4 ? 4.218  -2.333 3.675  1.00 0.00 ? 4 PRO A HB3  10 
ATOM 1030 H HG2  . PRO A 1 4 ? 5.679  -0.759 2.105  1.00 0.00 ? 4 PRO A HG2  10 
ATOM 1031 H HG3  . PRO A 1 4 ? 5.556  -2.503 1.817  1.00 0.00 ? 4 PRO A HG3  10 
ATOM 1032 H HD2  . PRO A 1 4 ? 4.039  -0.278 0.525  1.00 0.00 ? 4 PRO A HD2  10 
ATOM 1033 H HD3  . PRO A 1 4 ? 4.906  -1.615 -0.258 1.00 0.00 ? 4 PRO A HD3  10 
ATOM 1034 N N    . TYR A 1 5 ? 0.924  -1.279 3.499  1.00 0.00 ? 5 TYR A N    10 
ATOM 1035 C CA   . TYR A 1 5 ? -0.201 -0.397 3.753  1.00 0.00 ? 5 TYR A CA   10 
ATOM 1036 C C    . TYR A 1 5 ? 0.315  1.029  3.989  1.00 0.00 ? 5 TYR A C    10 
ATOM 1037 O O    . TYR A 1 5 ? 1.493  1.205  4.332  1.00 0.00 ? 5 TYR A O    10 
ATOM 1038 C CB   . TYR A 1 5 ? -1.060 -0.894 4.955  1.00 0.00 ? 5 TYR A CB   10 
ATOM 1039 C CG   . TYR A 1 5 ? -0.385 -0.861 6.320  1.00 0.00 ? 5 TYR A CG   10 
ATOM 1040 C CD1  . TYR A 1 5 ? 0.241  -1.981 6.836  1.00 0.00 ? 5 TYR A CD1  10 
ATOM 1041 C CD2  . TYR A 1 5 ? -0.392 0.295  7.094  1.00 0.00 ? 5 TYR A CD2  10 
ATOM 1042 C CE1  . TYR A 1 5 ? 0.839  -1.957 8.080  1.00 0.00 ? 5 TYR A CE1  10 
ATOM 1043 C CE2  . TYR A 1 5 ? 0.205  0.330  8.332  1.00 0.00 ? 5 TYR A CE2  10 
ATOM 1044 C CZ   . TYR A 1 5 ? 0.820  -0.798 8.821  1.00 0.00 ? 5 TYR A CZ   10 
ATOM 1045 O OH   . TYR A 1 5 ? 1.408  -0.766 10.069 1.00 0.00 ? 5 TYR A OH   10 
ATOM 1046 H H    . TYR A 1 5 ? 1.264  -1.879 4.198  1.00 0.00 ? 5 TYR A H    10 
ATOM 1047 H HA   . TYR A 1 5 ? -0.803 -0.397 2.856  1.00 0.00 ? 5 TYR A HA   10 
ATOM 1048 H HB2  . TYR A 1 5 ? -1.949 -0.285 5.032  1.00 0.00 ? 5 TYR A HB2  10 
ATOM 1049 H HB3  . TYR A 1 5 ? -1.361 -1.914 4.761  1.00 0.00 ? 5 TYR A HB3  10 
ATOM 1050 H HD1  . TYR A 1 5 ? 0.252  -2.885 6.246  1.00 0.00 ? 5 TYR A HD1  10 
ATOM 1051 H HD2  . TYR A 1 5 ? -0.877 1.180  6.706  1.00 0.00 ? 5 TYR A HD2  10 
ATOM 1052 H HE1  . TYR A 1 5 ? 1.323  -2.843 8.464  1.00 0.00 ? 5 TYR A HE1  10 
ATOM 1053 H HE2  . TYR A 1 5 ? 0.189  1.239  8.914  1.00 0.00 ? 5 TYR A HE2  10 
ATOM 1054 H HH   . TYR A 1 5 ? 2.248  -1.240 10.020 1.00 0.00 ? 5 TYR A HH   10 
ATOM 1055 N N    . PRO A 1 6 ? -0.516 2.060  3.811  1.00 0.00 ? 6 PRO A N    10 
ATOM 1056 C CA   . PRO A 1 6 ? -1.881 1.947  3.319  1.00 0.00 ? 6 PRO A CA   10 
ATOM 1057 C C    . PRO A 1 6 ? -2.103 2.527  1.889  1.00 0.00 ? 6 PRO A C    10 
ATOM 1058 O O    . PRO A 1 6 ? -1.806 3.697  1.636  1.00 0.00 ? 6 PRO A O    10 
ATOM 1059 C CB   . PRO A 1 6 ? -2.618 2.823  4.343  1.00 0.00 ? 6 PRO A CB   10 
ATOM 1060 C CG   . PRO A 1 6 ? -1.578 3.820  4.842  1.00 0.00 ? 6 PRO A CG   10 
ATOM 1061 C CD   . PRO A 1 6 ? -0.251 3.427  4.220  1.00 0.00 ? 6 PRO A CD   10 
ATOM 1062 H HA   . PRO A 1 6 ? -2.273 0.944  3.384  1.00 0.00 ? 6 PRO A HA   10 
ATOM 1063 H HB2  . PRO A 1 6 ? -3.447 3.319  3.859  1.00 0.00 ? 6 PRO A HB2  10 
ATOM 1064 H HB3  . PRO A 1 6 ? -2.984 2.207  5.150  1.00 0.00 ? 6 PRO A HB3  10 
ATOM 1065 H HG2  . PRO A 1 6 ? -1.847 4.818  4.527  1.00 0.00 ? 6 PRO A HG2  10 
ATOM 1066 H HG3  . PRO A 1 6 ? -1.515 3.775  5.919  1.00 0.00 ? 6 PRO A HG3  10 
ATOM 1067 H HD2  . PRO A 1 6 ? -0.023 4.051  3.368  1.00 0.00 ? 6 PRO A HD2  10 
ATOM 1068 H HD3  . PRO A 1 6 ? 0.542  3.464  4.951  1.00 0.00 ? 6 PRO A HD3  10 
ATOM 1069 N N    . ASP A 1 7 ? -2.615 1.695  0.981  1.00 0.00 ? 7 ASP A N    10 
ATOM 1070 C CA   . ASP A 1 7 ? -3.084 2.122  -0.365 1.00 0.00 ? 7 ASP A CA   10 
ATOM 1071 C C    . ASP A 1 7 ? -1.985 2.562  -1.361 1.00 0.00 ? 7 ASP A C    10 
ATOM 1072 O O    . ASP A 1 7 ? -1.101 3.376  -1.053 1.00 0.00 ? 7 ASP A O    10 
ATOM 1073 C CB   . ASP A 1 7 ? -4.186 3.194  -0.240 1.00 0.00 ? 7 ASP A CB   10 
ATOM 1074 C CG   . ASP A 1 7 ? -4.532 3.874  -1.541 1.00 0.00 ? 7 ASP A CG   10 
ATOM 1075 O OD1  . ASP A 1 7 ? -5.181 3.257  -2.397 1.00 0.00 ? 7 ASP A OD1  10 
ATOM 1076 O OD2  . ASP A 1 7 ? -4.181 5.064  -1.713 1.00 0.00 ? 7 ASP A OD2  10 
ATOM 1077 H H    . ASP A 1 7 ? -2.680 0.741  1.205  1.00 0.00 ? 7 ASP A H    10 
ATOM 1078 H HA   . ASP A 1 7 ? -3.546 1.247  -0.797 1.00 0.00 ? 7 ASP A HA   10 
ATOM 1079 H HB2  . ASP A 1 7 ? -5.083 2.732  0.144  1.00 0.00 ? 7 ASP A HB2  10 
ATOM 1080 H HB3  . ASP A 1 7 ? -3.852 3.940  0.465  1.00 0.00 ? 7 ASP A HB3  10 
ATOM 1081 N N    . GLY A 1 1 ? -1.787 2.635  -2.349 1.00 0.00 ? 1 GLY A N    11 
ATOM 1082 C CA   . GLY A 1 1 ? -1.357 2.090  -3.636 1.00 0.00 ? 1 GLY A CA   11 
ATOM 1083 C C    . GLY A 1 1 ? 0.015  1.421  -3.606 1.00 0.00 ? 1 GLY A C    11 
ATOM 1084 O O    . GLY A 1 1 ? 0.422  0.763  -4.573 1.00 0.00 ? 1 GLY A O    11 
ATOM 1085 H H1   . GLY A 1 1 ? -1.788 3.603  -2.205 1.00 0.00 ? 1 GLY A H1   11 
ATOM 1086 H HA2  . GLY A 1 1 ? -2.081 1.352  -3.950 1.00 0.00 ? 1 GLY A HA2  11 
ATOM 1087 H HA3  . GLY A 1 1 ? -1.342 2.889  -4.362 1.00 0.00 ? 1 GLY A HA3  11 
ATOM 1088 N N    . LEU A 1 2 ? 0.736  1.604  -2.535 1.00 0.00 ? 2 LEU A N    11 
ATOM 1089 C CA   . LEU A 1 2 ? 2.012  0.960  -2.365 1.00 0.00 ? 2 LEU A CA   11 
ATOM 1090 C C    . LEU A 1 2 ? 1.860  -0.487 -1.924 1.00 0.00 ? 2 LEU A C    11 
ATOM 1091 O O    . LEU A 1 2 ? 0.772  -0.930 -1.549 1.00 0.00 ? 2 LEU A O    11 
ATOM 1092 C CB   . LEU A 1 2 ? 2.927  1.718  -1.415 1.00 0.00 ? 2 LEU A CB   11 
ATOM 1093 C CG   . LEU A 1 2 ? 3.446  3.066  -1.898 1.00 0.00 ? 2 LEU A CG   11 
ATOM 1094 C CD1  . LEU A 1 2 ? 4.343  3.678  -0.847 1.00 0.00 ? 2 LEU A CD1  11 
ATOM 1095 C CD2  . LEU A 1 2 ? 4.203  2.911  -3.210 1.00 0.00 ? 2 LEU A CD2  11 
ATOM 1096 H H    . LEU A 1 2 ? 0.409  2.207  -1.828 1.00 0.00 ? 2 LEU A H    11 
ATOM 1097 H HA   . LEU A 1 2 ? 2.475  0.941  -3.340 1.00 0.00 ? 2 LEU A HA   11 
ATOM 1098 H HB2  . LEU A 1 2 ? 2.377  1.884  -0.502 1.00 0.00 ? 2 LEU A HB2  11 
ATOM 1099 H HB3  . LEU A 1 2 ? 3.777  1.088  -1.198 1.00 0.00 ? 2 LEU A HB3  11 
ATOM 1100 H HG   . LEU A 1 2 ? 2.612  3.731  -2.063 1.00 0.00 ? 2 LEU A HG   11 
ATOM 1101 H HD11 . LEU A 1 2 ? 4.717  4.627  -1.201 1.00 0.00 ? 2 LEU A HD11 11 
ATOM 1102 H HD12 . LEU A 1 2 ? 5.174  3.016  -0.655 1.00 0.00 ? 2 LEU A HD12 11 
ATOM 1103 H HD13 . LEU A 1 2 ? 3.782  3.829  0.063  1.00 0.00 ? 2 LEU A HD13 11 
ATOM 1104 H HD21 . LEU A 1 2 ? 3.536  2.560  -3.984 1.00 0.00 ? 2 LEU A HD21 11 
ATOM 1105 H HD22 . LEU A 1 2 ? 5.002  2.196  -3.078 1.00 0.00 ? 2 LEU A HD22 11 
ATOM 1106 H HD23 . LEU A 1 2 ? 4.618  3.863  -3.496 1.00 0.00 ? 2 LEU A HD23 11 
ATOM 1107 N N    . TYR A 1 3 ? 2.944  -1.221 -2.061 1.00 0.00 ? 3 TYR A N    11 
ATOM 1108 C CA   . TYR A 1 3 ? 3.037  -2.633 -1.685 1.00 0.00 ? 3 TYR A CA   11 
ATOM 1109 C C    . TYR A 1 3 ? 2.581  -2.862 -0.223 1.00 0.00 ? 3 TYR A C    11 
ATOM 1110 O O    . TYR A 1 3 ? 1.792  -3.773 0.028  1.00 0.00 ? 3 TYR A O    11 
ATOM 1111 C CB   . TYR A 1 3 ? 4.476  -3.152 -1.870 1.00 0.00 ? 3 TYR A CB   11 
ATOM 1112 C CG   . TYR A 1 3 ? 5.155  -2.640 -3.114 1.00 0.00 ? 3 TYR A CG   11 
ATOM 1113 C CD1  . TYR A 1 3 ? 5.908  -1.478 -3.068 1.00 0.00 ? 3 TYR A CD1  11 
ATOM 1114 C CD2  . TYR A 1 3 ? 5.042  -3.299 -4.321 1.00 0.00 ? 3 TYR A CD2  11 
ATOM 1115 C CE1  . TYR A 1 3 ? 6.530  -0.991 -4.199 1.00 0.00 ? 3 TYR A CE1  11 
ATOM 1116 C CE2  . TYR A 1 3 ? 5.661  -2.820 -5.456 1.00 0.00 ? 3 TYR A CE2  11 
ATOM 1117 C CZ   . TYR A 1 3 ? 6.403  -1.665 -5.390 1.00 0.00 ? 3 TYR A CZ   11 
ATOM 1118 O OH   . TYR A 1 3 ? 7.029  -1.178 -6.520 1.00 0.00 ? 3 TYR A OH   11 
ATOM 1119 H H    . TYR A 1 3 ? 3.731  -0.793 -2.454 1.00 0.00 ? 3 TYR A H    11 
ATOM 1120 H HA   . TYR A 1 3 ? 2.380  -3.188 -2.339 1.00 0.00 ? 3 TYR A HA   11 
ATOM 1121 H HB2  . TYR A 1 3 ? 5.082  -2.880 -1.021 1.00 0.00 ? 3 TYR A HB2  11 
ATOM 1122 H HB3  . TYR A 1 3 ? 4.446  -4.230 -1.935 1.00 0.00 ? 3 TYR A HB3  11 
ATOM 1123 H HD1  . TYR A 1 3 ? 5.991  -0.969 -2.117 1.00 0.00 ? 3 TYR A HD1  11 
ATOM 1124 H HD2  . TYR A 1 3 ? 4.456  -4.204 -4.363 1.00 0.00 ? 3 TYR A HD2  11 
ATOM 1125 H HE1  . TYR A 1 3 ? 7.111  -0.084 -4.149 1.00 0.00 ? 3 TYR A HE1  11 
ATOM 1126 H HE2  . TYR A 1 3 ? 5.559  -3.351 -6.389 1.00 0.00 ? 3 TYR A HE2  11 
ATOM 1127 H HH   . TYR A 1 3 ? 6.421  -1.218 -7.268 1.00 0.00 ? 3 TYR A HH   11 
ATOM 1128 N N    . PRO A 1 4 ? 3.079  -2.072 0.788  1.00 0.00 ? 4 PRO A N    11 
ATOM 1129 C CA   . PRO A 1 4 ? 2.608  -2.216 2.144  1.00 0.00 ? 4 PRO A CA   11 
ATOM 1130 C C    . PRO A 1 4 ? 1.268  -1.499 2.308  1.00 0.00 ? 4 PRO A C    11 
ATOM 1131 O O    . PRO A 1 4 ? 1.199  -0.265 2.268  1.00 0.00 ? 4 PRO A O    11 
ATOM 1132 C CB   . PRO A 1 4 ? 3.705  -1.537 2.994  1.00 0.00 ? 4 PRO A CB   11 
ATOM 1133 C CG   . PRO A 1 4 ? 4.763  -1.101 2.038  1.00 0.00 ? 4 PRO A CG   11 
ATOM 1134 C CD   . PRO A 1 4 ? 4.106  -1.014 0.709  1.00 0.00 ? 4 PRO A CD   11 
ATOM 1135 H HA   . PRO A 1 4 ? 2.502  -3.255 2.420  1.00 0.00 ? 4 PRO A HA   11 
ATOM 1136 H HB2  . PRO A 1 4 ? 3.287  -0.683 3.505  1.00 0.00 ? 4 PRO A HB2  11 
ATOM 1137 H HB3  . PRO A 1 4 ? 4.099  -2.246 3.705  1.00 0.00 ? 4 PRO A HB3  11 
ATOM 1138 H HG2  . PRO A 1 4 ? 5.147  -0.134 2.328  1.00 0.00 ? 4 PRO A HG2  11 
ATOM 1139 H HG3  . PRO A 1 4 ? 5.562  -1.826 2.015  1.00 0.00 ? 4 PRO A HG3  11 
ATOM 1140 H HD2  . PRO A 1 4 ? 3.647  -0.043 0.591  1.00 0.00 ? 4 PRO A HD2  11 
ATOM 1141 H HD3  . PRO A 1 4 ? 4.806  -1.201 -0.089 1.00 0.00 ? 4 PRO A HD3  11 
ATOM 1142 N N    . TYR A 1 5 ? 0.223  -2.258 2.483  1.00 0.00 ? 5 TYR A N    11 
ATOM 1143 C CA   . TYR A 1 5 ? -1.121 -1.721 2.560  1.00 0.00 ? 5 TYR A CA   11 
ATOM 1144 C C    . TYR A 1 5 ? -1.414 -1.092 3.922  1.00 0.00 ? 5 TYR A C    11 
ATOM 1145 O O    . TYR A 1 5 ? -0.743 -1.413 4.912  1.00 0.00 ? 5 TYR A O    11 
ATOM 1146 C CB   . TYR A 1 5 ? -2.133 -2.813 2.192  1.00 0.00 ? 5 TYR A CB   11 
ATOM 1147 C CG   . TYR A 1 5 ? -2.088 -3.165 0.727  1.00 0.00 ? 5 TYR A CG   11 
ATOM 1148 C CD1  . TYR A 1 5 ? -1.396 -4.276 0.258  1.00 0.00 ? 5 TYR A CD1  11 
ATOM 1149 C CD2  . TYR A 1 5 ? -2.717 -2.356 -0.192 1.00 0.00 ? 5 TYR A CD2  11 
ATOM 1150 C CE1  . TYR A 1 5 ? -1.344 -4.560 -1.095 1.00 0.00 ? 5 TYR A CE1  11 
ATOM 1151 C CE2  . TYR A 1 5 ? -2.675 -2.633 -1.529 1.00 0.00 ? 5 TYR A CE2  11 
ATOM 1152 C CZ   . TYR A 1 5 ? -1.992 -3.729 -1.982 1.00 0.00 ? 5 TYR A CZ   11 
ATOM 1153 O OH   . TYR A 1 5 ? -1.946 -3.983 -3.341 1.00 0.00 ? 5 TYR A OH   11 
ATOM 1154 H H    . TYR A 1 5 ? 0.347  -3.227 2.574  1.00 0.00 ? 5 TYR A H    11 
ATOM 1155 H HA   . TYR A 1 5 ? -1.183 -0.940 1.815  1.00 0.00 ? 5 TYR A HA   11 
ATOM 1156 H HB2  . TYR A 1 5 ? -1.895 -3.701 2.755  1.00 0.00 ? 5 TYR A HB2  11 
ATOM 1157 H HB3  . TYR A 1 5 ? -3.138 -2.508 2.438  1.00 0.00 ? 5 TYR A HB3  11 
ATOM 1158 H HD1  . TYR A 1 5 ? -0.895 -4.923 0.962  1.00 0.00 ? 5 TYR A HD1  11 
ATOM 1159 H HD2  . TYR A 1 5 ? -3.257 -1.491 0.157  1.00 0.00 ? 5 TYR A HD2  11 
ATOM 1160 H HE1  . TYR A 1 5 ? -0.806 -5.426 -1.448 1.00 0.00 ? 5 TYR A HE1  11 
ATOM 1161 H HE2  . TYR A 1 5 ? -3.182 -1.979 -2.222 1.00 0.00 ? 5 TYR A HE2  11 
ATOM 1162 H HH   . TYR A 1 5 ? -2.095 -4.926 -3.498 1.00 0.00 ? 5 TYR A HH   11 
ATOM 1163 N N    . PRO A 1 6 ? -2.438 -0.210 4.017  1.00 0.00 ? 6 PRO A N    11 
ATOM 1164 C CA   . PRO A 1 6 ? -3.319 0.154  2.906  1.00 0.00 ? 6 PRO A CA   11 
ATOM 1165 C C    . PRO A 1 6 ? -2.996 1.494  2.205  1.00 0.00 ? 6 PRO A C    11 
ATOM 1166 O O    . PRO A 1 6 ? -2.944 2.554  2.846  1.00 0.00 ? 6 PRO A O    11 
ATOM 1167 C CB   . PRO A 1 6 ? -4.681 0.247  3.611  1.00 0.00 ? 6 PRO A CB   11 
ATOM 1168 C CG   . PRO A 1 6 ? -4.368 0.504  5.076  1.00 0.00 ? 6 PRO A CG   11 
ATOM 1169 C CD   . PRO A 1 6 ? -2.860 0.465  5.232  1.00 0.00 ? 6 PRO A CD   11 
ATOM 1170 H HA   . PRO A 1 6 ? -3.383 -0.616 2.154  1.00 0.00 ? 6 PRO A HA   11 
ATOM 1171 H HB2  . PRO A 1 6 ? -5.251 1.057  3.179  1.00 0.00 ? 6 PRO A HB2  11 
ATOM 1172 H HB3  . PRO A 1 6 ? -5.218 -0.681 3.484  1.00 0.00 ? 6 PRO A HB3  11 
ATOM 1173 H HG2  . PRO A 1 6 ? -4.743 1.476  5.363  1.00 0.00 ? 6 PRO A HG2  11 
ATOM 1174 H HG3  . PRO A 1 6 ? -4.828 -0.261 5.684  1.00 0.00 ? 6 PRO A HG3  11 
ATOM 1175 H HD2  . PRO A 1 6 ? -2.454 1.464  5.278  1.00 0.00 ? 6 PRO A HD2  11 
ATOM 1176 H HD3  . PRO A 1 6 ? -2.578 -0.102 6.107  1.00 0.00 ? 6 PRO A HD3  11 
ATOM 1177 N N    . ASP A 1 7 ? -2.781 1.393  0.898  1.00 0.00 ? 7 ASP A N    11 
ATOM 1178 C CA   . ASP A 1 7 ? -2.646 2.488  -0.073 1.00 0.00 ? 7 ASP A CA   11 
ATOM 1179 C C    . ASP A 1 7 ? -2.147 1.848  -1.354 1.00 0.00 ? 7 ASP A C    11 
ATOM 1180 O O    . ASP A 1 7 ? -2.109 0.619  -1.425 1.00 0.00 ? 7 ASP A O    11 
ATOM 1181 C CB   . ASP A 1 7 ? -1.746 3.712  0.365  1.00 0.00 ? 7 ASP A CB   11 
ATOM 1182 C CG   . ASP A 1 7 ? -0.245 3.531  0.290  1.00 0.00 ? 7 ASP A CG   11 
ATOM 1183 O OD1  . ASP A 1 7 ? 0.334  3.758  -0.800 1.00 0.00 ? 7 ASP A OD1  11 
ATOM 1184 O OD2  . ASP A 1 7 ? 0.389  3.265  1.323  1.00 0.00 ? 7 ASP A OD2  11 
ATOM 1185 H H    . ASP A 1 7 ? -2.697 0.508  0.481  1.00 0.00 ? 7 ASP A H    11 
ATOM 1186 H HA   . ASP A 1 7 ? -3.660 2.804  -0.269 1.00 0.00 ? 7 ASP A HA   11 
ATOM 1187 H HB2  . ASP A 1 7 ? -1.987 4.555  -0.264 1.00 0.00 ? 7 ASP A HB2  11 
ATOM 1188 H HB3  . ASP A 1 7 ? -2.010 3.970  1.380  1.00 0.00 ? 7 ASP A HB3  11 
ATOM 1189 N N    . GLY A 1 1 ? -1.981 1.915  -2.373 1.00 0.00 ? 1 GLY A N    12 
ATOM 1190 C CA   . GLY A 1 1 ? -1.248 2.342  -3.565 1.00 0.00 ? 1 GLY A CA   12 
ATOM 1191 C C    . GLY A 1 1 ? 0.204  1.850  -3.565 1.00 0.00 ? 1 GLY A C    12 
ATOM 1192 O O    . GLY A 1 1 ? 0.864  1.824  -4.601 1.00 0.00 ? 1 GLY A O    12 
ATOM 1193 H H1   . GLY A 1 1 ? -2.307 2.574  -1.725 1.00 0.00 ? 1 GLY A H1   12 
ATOM 1194 H HA2  . GLY A 1 1 ? -1.749 1.955  -4.440 1.00 0.00 ? 1 GLY A HA2  12 
ATOM 1195 H HA3  . GLY A 1 1 ? -1.250 3.421  -3.607 1.00 0.00 ? 1 GLY A HA3  12 
ATOM 1196 N N    . LEU A 1 2 ? 0.683  1.477  -2.402 1.00 0.00 ? 2 LEU A N    12 
ATOM 1197 C CA   . LEU A 1 2 ? 2.014  0.947  -2.215 1.00 0.00 ? 2 LEU A CA   12 
ATOM 1198 C C    . LEU A 1 2 ? 1.886  -0.550 -1.939 1.00 0.00 ? 2 LEU A C    12 
ATOM 1199 O O    . LEU A 1 2 ? 0.772  -1.029 -1.671 1.00 0.00 ? 2 LEU A O    12 
ATOM 1200 C CB   . LEU A 1 2 ? 2.692  1.626  -1.013 1.00 0.00 ? 2 LEU A CB   12 
ATOM 1201 C CG   . LEU A 1 2 ? 2.780  3.153  -1.030 1.00 0.00 ? 2 LEU A CG   12 
ATOM 1202 C CD1  . LEU A 1 2 ? 3.418  3.651  0.254  1.00 0.00 ? 2 LEU A CD1  12 
ATOM 1203 C CD2  . LEU A 1 2 ? 3.576  3.631  -2.226 1.00 0.00 ? 2 LEU A CD2  12 
ATOM 1204 H H    . LEU A 1 2 ? 0.110  1.519  -1.603 1.00 0.00 ? 2 LEU A H    12 
ATOM 1205 H HA   . LEU A 1 2 ? 2.596  1.113  -3.108 1.00 0.00 ? 2 LEU A HA   12 
ATOM 1206 H HB2  . LEU A 1 2 ? 2.155  1.336  -0.121 1.00 0.00 ? 2 LEU A HB2  12 
ATOM 1207 H HB3  . LEU A 1 2 ? 3.696  1.236  -0.938 1.00 0.00 ? 2 LEU A HB3  12 
ATOM 1208 H HG   . LEU A 1 2 ? 1.784  3.565  -1.091 1.00 0.00 ? 2 LEU A HG   12 
ATOM 1209 H HD11 . LEU A 1 2 ? 3.450  4.730  0.251  1.00 0.00 ? 2 LEU A HD11 12 
ATOM 1210 H HD12 . LEU A 1 2 ? 4.425  3.264  0.324  1.00 0.00 ? 2 LEU A HD12 12 
ATOM 1211 H HD13 . LEU A 1 2 ? 2.844  3.307  1.101  1.00 0.00 ? 2 LEU A HD13 12 
ATOM 1212 H HD21 . LEU A 1 2 ? 3.097  3.301  -3.135 1.00 0.00 ? 2 LEU A HD21 12 
ATOM 1213 H HD22 . LEU A 1 2 ? 4.575  3.226  -2.174 1.00 0.00 ? 2 LEU A HD22 12 
ATOM 1214 H HD23 . LEU A 1 2 ? 3.626  4.709  -2.216 1.00 0.00 ? 2 LEU A HD23 12 
ATOM 1215 N N    . TYR A 1 3 ? 2.986  -1.298 -2.059 1.00 0.00 ? 3 TYR A N    12 
ATOM 1216 C CA   . TYR A 1 3 ? 2.977  -2.735 -1.703 1.00 0.00 ? 3 TYR A CA   12 
ATOM 1217 C C    . TYR A 1 3 ? 2.471  -2.918 -0.266 1.00 0.00 ? 3 TYR A C    12 
ATOM 1218 O O    . TYR A 1 3 ? 1.557  -3.718 -0.044 1.00 0.00 ? 3 TYR A O    12 
ATOM 1219 C CB   . TYR A 1 3 ? 4.348  -3.413 -1.895 1.00 0.00 ? 3 TYR A CB   12 
ATOM 1220 C CG   . TYR A 1 3 ? 4.855  -3.328 -3.286 1.00 0.00 ? 3 TYR A CG   12 
ATOM 1221 C CD1  . TYR A 1 3 ? 5.591  -2.246 -3.684 1.00 0.00 ? 3 TYR A CD1  12 
ATOM 1222 C CD2  . TYR A 1 3 ? 4.578  -4.312 -4.199 1.00 0.00 ? 3 TYR A CD2  12 
ATOM 1223 C CE1  . TYR A 1 3 ? 6.048  -2.131 -4.984 1.00 0.00 ? 3 TYR A CE1  12 
ATOM 1224 C CE2  . TYR A 1 3 ? 5.027  -4.226 -5.496 1.00 0.00 ? 3 TYR A CE2  12 
ATOM 1225 C CZ   . TYR A 1 3 ? 5.760  -3.131 -5.889 1.00 0.00 ? 3 TYR A CZ   12 
ATOM 1226 O OH   . TYR A 1 3 ? 6.195  -3.030 -7.200 1.00 0.00 ? 3 TYR A OH   12 
ATOM 1227 H H    . TYR A 1 3 ? 3.808  -0.874 -2.381 1.00 0.00 ? 3 TYR A H    12 
ATOM 1228 H HA   . TYR A 1 3 ? 2.250  -3.195 -2.356 1.00 0.00 ? 3 TYR A HA   12 
ATOM 1229 H HB2  . TYR A 1 3 ? 5.080  -2.944 -1.259 1.00 0.00 ? 3 TYR A HB2  12 
ATOM 1230 H HB3  . TYR A 1 3 ? 4.265  -4.457 -1.632 1.00 0.00 ? 3 TYR A HB3  12 
ATOM 1231 H HD1  . TYR A 1 3 ? 5.782  -1.506 -2.918 1.00 0.00 ? 3 TYR A HD1  12 
ATOM 1232 H HD2  . TYR A 1 3 ? 4.002  -5.163 -3.863 1.00 0.00 ? 3 TYR A HD2  12 
ATOM 1233 H HE1  . TYR A 1 3 ? 6.628  -1.271 -5.281 1.00 0.00 ? 3 TYR A HE1  12 
ATOM 1234 H HE2  . TYR A 1 3 ? 4.798  -5.015 -6.196 1.00 0.00 ? 3 TYR A HE2  12 
ATOM 1235 H HH   . TYR A 1 3 ? 5.474  -3.340 -7.763 1.00 0.00 ? 3 TYR A HH   12 
ATOM 1236 N N    . PRO A 1 4 ? 3.047  -2.195 0.739  1.00 0.00 ? 4 PRO A N    12 
ATOM 1237 C CA   . PRO A 1 4 ? 2.483  -2.146 2.076  1.00 0.00 ? 4 PRO A CA   12 
ATOM 1238 C C    . PRO A 1 4 ? 1.474  -0.971 2.123  1.00 0.00 ? 4 PRO A C    12 
ATOM 1239 O O    . PRO A 1 4 ? 1.426  -0.195 1.197  1.00 0.00 ? 4 PRO A O    12 
ATOM 1240 C CB   . PRO A 1 4 ? 3.732  -1.858 2.896  1.00 0.00 ? 4 PRO A CB   12 
ATOM 1241 C CG   . PRO A 1 4 ? 4.462  -0.879 2.072  1.00 0.00 ? 4 PRO A CG   12 
ATOM 1242 C CD   . PRO A 1 4 ? 4.314  -1.388 0.678  1.00 0.00 ? 4 PRO A CD   12 
ATOM 1243 H HA   . PRO A 1 4 ? 2.013  -3.074 2.365  1.00 0.00 ? 4 PRO A HA   12 
ATOM 1244 H HB2  . PRO A 1 4 ? 3.502  -1.488 3.882  1.00 0.00 ? 4 PRO A HB2  12 
ATOM 1245 H HB3  . PRO A 1 4 ? 4.300  -2.777 2.929  1.00 0.00 ? 4 PRO A HB3  12 
ATOM 1246 H HG2  . PRO A 1 4 ? 4.007  0.096  2.167  1.00 0.00 ? 4 PRO A HG2  12 
ATOM 1247 H HG3  . PRO A 1 4 ? 5.504  -0.848 2.352  1.00 0.00 ? 4 PRO A HG3  12 
ATOM 1248 H HD2  . PRO A 1 4 ? 4.231  -0.573 -0.024 1.00 0.00 ? 4 PRO A HD2  12 
ATOM 1249 H HD3  . PRO A 1 4 ? 5.155  -2.019 0.437  1.00 0.00 ? 4 PRO A HD3  12 
ATOM 1250 N N    . TYR A 1 5 ? 0.658  -0.858 3.147  1.00 0.00 ? 5 TYR A N    12 
ATOM 1251 C CA   . TYR A 1 5 ? -0.328 0.220  3.206  1.00 0.00 ? 5 TYR A CA   12 
ATOM 1252 C C    . TYR A 1 5 ? 0.316  1.603  3.324  1.00 0.00 ? 5 TYR A C    12 
ATOM 1253 O O    . TYR A 1 5 ? 1.353  1.753  3.987  1.00 0.00 ? 5 TYR A O    12 
ATOM 1254 C CB   . TYR A 1 5 ? -1.374 -0.031 4.292  1.00 0.00 ? 5 TYR A CB   12 
ATOM 1255 C CG   . TYR A 1 5 ? -2.355 -1.113 3.911  1.00 0.00 ? 5 TYR A CG   12 
ATOM 1256 C CD1  . TYR A 1 5 ? -3.472 -0.806 3.153  1.00 0.00 ? 5 TYR A CD1  12 
ATOM 1257 C CD2  . TYR A 1 5 ? -2.166 -2.433 4.291  1.00 0.00 ? 5 TYR A CD2  12 
ATOM 1258 C CE1  . TYR A 1 5 ? -4.375 -1.773 2.781  1.00 0.00 ? 5 TYR A CE1  12 
ATOM 1259 C CE2  . TYR A 1 5 ? -3.066 -3.414 3.922  1.00 0.00 ? 5 TYR A CE2  12 
ATOM 1260 C CZ   . TYR A 1 5 ? -4.172 -3.076 3.165  1.00 0.00 ? 5 TYR A CZ   12 
ATOM 1261 O OH   . TYR A 1 5 ? -5.080 -4.052 2.786  1.00 0.00 ? 5 TYR A OH   12 
ATOM 1262 H H    . TYR A 1 5 ? 0.712  -1.474 3.904  1.00 0.00 ? 5 TYR A H    12 
ATOM 1263 H HA   . TYR A 1 5 ? -0.825 0.200  2.247  1.00 0.00 ? 5 TYR A HA   12 
ATOM 1264 H HB2  . TYR A 1 5 ? -0.878 -0.329 5.205  1.00 0.00 ? 5 TYR A HB2  12 
ATOM 1265 H HB3  . TYR A 1 5 ? -1.930 0.878  4.467  1.00 0.00 ? 5 TYR A HB3  12 
ATOM 1266 H HD1  . TYR A 1 5 ? -3.629 0.219  2.850  1.00 0.00 ? 5 TYR A HD1  12 
ATOM 1267 H HD2  . TYR A 1 5 ? -1.301 -2.693 4.884  1.00 0.00 ? 5 TYR A HD2  12 
ATOM 1268 H HE1  . TYR A 1 5 ? -5.238 -1.504 2.190  1.00 0.00 ? 5 TYR A HE1  12 
ATOM 1269 H HE2  . TYR A 1 5 ? -2.903 -4.436 4.227  1.00 0.00 ? 5 TYR A HE2  12 
ATOM 1270 H HH   . TYR A 1 5 ? -5.324 -3.886 1.864  1.00 0.00 ? 5 TYR A HH   12 
ATOM 1271 N N    . PRO A 1 6 ? -0.275 2.654  2.702  1.00 0.00 ? 6 PRO A N    12 
ATOM 1272 C CA   . PRO A 1 6 ? -1.569 2.586  1.962  1.00 0.00 ? 6 PRO A CA   12 
ATOM 1273 C C    . PRO A 1 6 ? -1.549 1.690  0.703  1.00 0.00 ? 6 PRO A C    12 
ATOM 1274 O O    . PRO A 1 6 ? -0.505 1.416  0.147  1.00 0.00 ? 6 PRO A O    12 
ATOM 1275 C CB   . PRO A 1 6 ? -1.836 4.045  1.586  1.00 0.00 ? 6 PRO A CB   12 
ATOM 1276 C CG   . PRO A 1 6 ? -0.493 4.676  1.569  1.00 0.00 ? 6 PRO A CG   12 
ATOM 1277 C CD   . PRO A 1 6 ? 0.281  4.014  2.667  1.00 0.00 ? 6 PRO A CD   12 
ATOM 1278 H HA   . PRO A 1 6 ? -2.344 2.231  2.624  1.00 0.00 ? 6 PRO A HA   12 
ATOM 1279 H HB2  . PRO A 1 6 ? -2.305 4.082  0.613  1.00 0.00 ? 6 PRO A HB2  12 
ATOM 1280 H HB3  . PRO A 1 6 ? -2.479 4.503  2.323  1.00 0.00 ? 6 PRO A HB3  12 
ATOM 1281 H HG2  . PRO A 1 6 ? -0.017 4.501  0.615  1.00 0.00 ? 6 PRO A HG2  12 
ATOM 1282 H HG3  . PRO A 1 6 ? -0.579 5.737  1.756  1.00 0.00 ? 6 PRO A HG3  12 
ATOM 1283 H HD2  . PRO A 1 6 ? 1.336  3.996  2.436  1.00 0.00 ? 6 PRO A HD2  12 
ATOM 1284 H HD3  . PRO A 1 6 ? 0.111  4.520  3.606  1.00 0.00 ? 6 PRO A HD3  12 
ATOM 1285 N N    . ASP A 1 7 ? -2.743 1.300  0.254  1.00 0.00 ? 7 ASP A N    12 
ATOM 1286 C CA   . ASP A 1 7 ? -2.957 0.298  -0.828 1.00 0.00 ? 7 ASP A CA   12 
ATOM 1287 C C    . ASP A 1 7 ? -2.253 0.636  -2.152 1.00 0.00 ? 7 ASP A C    12 
ATOM 1288 O O    . ASP A 1 7 ? -1.953 -0.258 -2.950 1.00 0.00 ? 7 ASP A O    12 
ATOM 1289 C CB   . ASP A 1 7 ? -4.457 0.057  -1.048 1.00 0.00 ? 7 ASP A CB   12 
ATOM 1290 C CG   . ASP A 1 7 ? -4.749 -1.060 -2.032 1.00 0.00 ? 7 ASP A CG   12 
ATOM 1291 O OD1  . ASP A 1 7 ? -5.105 -0.779 -3.194 1.00 0.00 ? 7 ASP A OD1  12 
ATOM 1292 O OD2  . ASP A 1 7 ? -4.645 -2.244 -1.650 1.00 0.00 ? 7 ASP A OD2  12 
ATOM 1293 H H    . ASP A 1 7 ? -3.537 1.713  0.657  1.00 0.00 ? 7 ASP A H    12 
ATOM 1294 H HA   . ASP A 1 7 ? -2.528 -0.625 -0.470 1.00 0.00 ? 7 ASP A HA   12 
ATOM 1295 H HB2  . ASP A 1 7 ? -4.910 -0.204 -0.103 1.00 0.00 ? 7 ASP A HB2  12 
ATOM 1296 H HB3  . ASP A 1 7 ? -4.912 0.965  -1.414 1.00 0.00 ? 7 ASP A HB3  12 
ATOM 1297 N N    . GLY A 1 1 ? -1.691 1.187  -2.595 1.00 0.00 ? 1 GLY A N    13 
ATOM 1298 C CA   . GLY A 1 1 ? -1.165 2.307  -3.317 1.00 0.00 ? 1 GLY A CA   13 
ATOM 1299 C C    . GLY A 1 1 ? 0.283  2.017  -3.466 1.00 0.00 ? 1 GLY A C    13 
ATOM 1300 O O    . GLY A 1 1 ? 0.881  2.146  -4.528 1.00 0.00 ? 1 GLY A O    13 
ATOM 1301 H H1   . GLY A 1 1 ? -1.262 0.320  -2.765 1.00 0.00 ? 1 GLY A H1   13 
ATOM 1302 H HA2  . GLY A 1 1 ? -1.645 2.383  -4.283 1.00 0.00 ? 1 GLY A HA2  13 
ATOM 1303 H HA3  . GLY A 1 1 ? -1.292 3.215  -2.748 1.00 0.00 ? 1 GLY A HA3  13 
ATOM 1304 N N    . LEU A 1 2 ? 0.824  1.619  -2.365 1.00 0.00 ? 2 LEU A N    13 
ATOM 1305 C CA   . LEU A 1 2 ? 2.111  1.029  -2.261 1.00 0.00 ? 2 LEU A CA   13 
ATOM 1306 C C    . LEU A 1 2 ? 1.833  -0.431 -1.962 1.00 0.00 ? 2 LEU A C    13 
ATOM 1307 O O    . LEU A 1 2 ? 0.668  -0.772 -1.667 1.00 0.00 ? 2 LEU A O    13 
ATOM 1308 C CB   . LEU A 1 2 ? 2.923  1.665  -1.127 1.00 0.00 ? 2 LEU A CB   13 
ATOM 1309 C CG   . LEU A 1 2 ? 3.212  3.166  -1.252 1.00 0.00 ? 2 LEU A CG   13 
ATOM 1310 C CD1  . LEU A 1 2 ? 3.958  3.668  -0.029 1.00 0.00 ? 2 LEU A CD1  13 
ATOM 1311 C CD2  . LEU A 1 2 ? 4.012  3.456  -2.512 1.00 0.00 ? 2 LEU A CD2  13 
ATOM 1312 H H    . LEU A 1 2 ? 0.303  1.704  -1.537 1.00 0.00 ? 2 LEU A H    13 
ATOM 1313 H HA   . LEU A 1 2 ? 2.623  1.124  -3.208 1.00 0.00 ? 2 LEU A HA   13 
ATOM 1314 H HB2  . LEU A 1 2 ? 2.399  1.496  -0.198 1.00 0.00 ? 2 LEU A HB2  13 
ATOM 1315 H HB3  . LEU A 1 2 ? 3.871  1.149  -1.081 1.00 0.00 ? 2 LEU A HB3  13 
ATOM 1316 H HG   . LEU A 1 2 ? 2.276  3.701  -1.314 1.00 0.00 ? 2 LEU A HG   13 
ATOM 1317 H HD11 . LEU A 1 2 ? 4.892  3.133  0.068  1.00 0.00 ? 2 LEU A HD11 13 
ATOM 1318 H HD12 . LEU A 1 2 ? 3.358  3.506  0.853  1.00 0.00 ? 2 LEU A HD12 13 
ATOM 1319 H HD13 . LEU A 1 2 ? 4.159  4.723  -0.138 1.00 0.00 ? 2 LEU A HD13 13 
ATOM 1320 H HD21 . LEU A 1 2 ? 4.209  4.515  -2.575 1.00 0.00 ? 2 LEU A HD21 13 
ATOM 1321 H HD22 . LEU A 1 2 ? 3.448  3.144  -3.380 1.00 0.00 ? 2 LEU A HD22 13 
ATOM 1322 H HD23 . LEU A 1 2 ? 4.948  2.917  -2.480 1.00 0.00 ? 2 LEU A HD23 13 
ATOM 1323 N N    . TYR A 1 3 ? 2.805  -1.303 -2.118 1.00 0.00 ? 3 TYR A N    13 
ATOM 1324 C CA   . TYR A 1 3 ? 2.596  -2.707 -1.736 1.00 0.00 ? 3 TYR A CA   13 
ATOM 1325 C C    . TYR A 1 3 ? 2.275  -2.779 -0.229 1.00 0.00 ? 3 TYR A C    13 
ATOM 1326 O O    . TYR A 1 3 ? 1.338  -3.483 0.161  1.00 0.00 ? 3 TYR A O    13 
ATOM 1327 C CB   . TYR A 1 3 ? 3.792  -3.606 -2.072 1.00 0.00 ? 3 TYR A CB   13 
ATOM 1328 C CG   . TYR A 1 3 ? 4.357  -3.382 -3.429 1.00 0.00 ? 3 TYR A CG   13 
ATOM 1329 C CD1  . TYR A 1 3 ? 5.406  -2.515 -3.593 1.00 0.00 ? 3 TYR A CD1  13 
ATOM 1330 C CD2  . TYR A 1 3 ? 3.857  -4.032 -4.537 1.00 0.00 ? 3 TYR A CD2  13 
ATOM 1331 C CE1  . TYR A 1 3 ? 5.957  -2.290 -4.832 1.00 0.00 ? 3 TYR A CE1  13 
ATOM 1332 C CE2  . TYR A 1 3 ? 4.396  -3.817 -5.784 1.00 0.00 ? 3 TYR A CE2  13 
ATOM 1333 C CZ   . TYR A 1 3 ? 5.448  -2.944 -5.924 1.00 0.00 ? 3 TYR A CZ   13 
ATOM 1334 O OH   . TYR A 1 3 ? 5.991  -2.721 -7.169 1.00 0.00 ? 3 TYR A OH   13 
ATOM 1335 H H    . TYR A 1 3 ? 3.663  -1.009 -2.487 1.00 0.00 ? 3 TYR A H    13 
ATOM 1336 H HA   . TYR A 1 3 ? 1.718  -3.041 -2.270 1.00 0.00 ? 3 TYR A HA   13 
ATOM 1337 H HB2  . TYR A 1 3 ? 4.587  -3.481 -1.356 1.00 0.00 ? 3 TYR A HB2  13 
ATOM 1338 H HB3  . TYR A 1 3 ? 3.462  -4.633 -2.027 1.00 0.00 ? 3 TYR A HB3  13 
ATOM 1339 H HD1  . TYR A 1 3 ? 5.772  -2.016 -2.705 1.00 0.00 ? 3 TYR A HD1  13 
ATOM 1340 H HD2  . TYR A 1 3 ? 3.029  -4.712 -4.411 1.00 0.00 ? 3 TYR A HD2  13 
ATOM 1341 H HE1  . TYR A 1 3 ? 6.783  -1.605 -4.942 1.00 0.00 ? 3 TYR A HE1  13 
ATOM 1342 H HE2  . TYR A 1 3 ? 3.993  -4.332 -6.643 1.00 0.00 ? 3 TYR A HE2  13 
ATOM 1343 H HH   . TYR A 1 3 ? 6.953  -2.750 -7.095 1.00 0.00 ? 3 TYR A HH   13 
ATOM 1344 N N    . PRO A 1 4 ? 3.079  -2.089 0.671  1.00 0.00 ? 4 PRO A N    13 
ATOM 1345 C CA   . PRO A 1 4 ? 2.699  -1.921 2.074  1.00 0.00 ? 4 PRO A CA   13 
ATOM 1346 C C    . PRO A 1 4 ? 1.345  -1.209 2.156  1.00 0.00 ? 4 PRO A C    13 
ATOM 1347 O O    . PRO A 1 4 ? 1.184  -0.089 1.641  1.00 0.00 ? 4 PRO A O    13 
ATOM 1348 C CB   . PRO A 1 4 ? 3.805  -1.010 2.620  1.00 0.00 ? 4 PRO A CB   13 
ATOM 1349 C CG   . PRO A 1 4 ? 4.977  -1.337 1.798  1.00 0.00 ? 4 PRO A CG   13 
ATOM 1350 C CD   . PRO A 1 4 ? 4.430  -1.493 0.425  1.00 0.00 ? 4 PRO A CD   13 
ATOM 1351 H HA   . PRO A 1 4 ? 2.670  -2.859 2.610  1.00 0.00 ? 4 PRO A HA   13 
ATOM 1352 H HB2  . PRO A 1 4 ? 3.520  0.017  2.448  1.00 0.00 ? 4 PRO A HB2  13 
ATOM 1353 H HB3  . PRO A 1 4 ? 3.986  -1.199 3.667  1.00 0.00 ? 4 PRO A HB3  13 
ATOM 1354 H HG2  . PRO A 1 4 ? 5.697  -0.531 1.835  1.00 0.00 ? 4 PRO A HG2  13 
ATOM 1355 H HG3  . PRO A 1 4 ? 5.421  -2.262 2.132  1.00 0.00 ? 4 PRO A HG3  13 
ATOM 1356 H HD2  . PRO A 1 4 ? 4.357  -0.530 -0.058 1.00 0.00 ? 4 PRO A HD2  13 
ATOM 1357 H HD3  . PRO A 1 4 ? 5.061  -2.158 -0.141 1.00 0.00 ? 4 PRO A HD3  13 
ATOM 1358 N N    . TYR A 1 5 ? 0.392  -1.853 2.779  1.00 0.00 ? 5 TYR A N    13 
ATOM 1359 C CA   . TYR A 1 5 ? -0.955 -1.359 2.849  1.00 0.00 ? 5 TYR A CA   13 
ATOM 1360 C C    . TYR A 1 5 ? -1.068 -0.202 3.851  1.00 0.00 ? 5 TYR A C    13 
ATOM 1361 O O    . TYR A 1 5 ? -0.258 -0.123 4.783  1.00 0.00 ? 5 TYR A O    13 
ATOM 1362 C CB   . TYR A 1 5 ? -1.907 -2.507 3.177  1.00 0.00 ? 5 TYR A CB   13 
ATOM 1363 C CG   . TYR A 1 5 ? -1.859 -3.625 2.156  1.00 0.00 ? 5 TYR A CG   13 
ATOM 1364 C CD1  . TYR A 1 5 ? -2.400 -3.457 0.892  1.00 0.00 ? 5 TYR A CD1  13 
ATOM 1365 C CD2  . TYR A 1 5 ? -1.270 -4.846 2.457  1.00 0.00 ? 5 TYR A CD2  13 
ATOM 1366 C CE1  . TYR A 1 5 ? -2.361 -4.468 -0.041 1.00 0.00 ? 5 TYR A CE1  13 
ATOM 1367 C CE2  . TYR A 1 5 ? -1.225 -5.864 1.527  1.00 0.00 ? 5 TYR A CE2  13 
ATOM 1368 C CZ   . TYR A 1 5 ? -1.772 -5.669 0.280  1.00 0.00 ? 5 TYR A CZ   13 
ATOM 1369 O OH   . TYR A 1 5 ? -1.735 -6.688 -0.649 1.00 0.00 ? 5 TYR A OH   13 
ATOM 1370 H H    . TYR A 1 5 ? 0.592  -2.695 3.235  1.00 0.00 ? 5 TYR A H    13 
ATOM 1371 H HA   . TYR A 1 5 ? -1.202 -0.977 1.869  1.00 0.00 ? 5 TYR A HA   13 
ATOM 1372 H HB2  . TYR A 1 5 ? -1.646 -2.922 4.139  1.00 0.00 ? 5 TYR A HB2  13 
ATOM 1373 H HB3  . TYR A 1 5 ? -2.920 -2.134 3.216  1.00 0.00 ? 5 TYR A HB3  13 
ATOM 1374 H HD1  . TYR A 1 5 ? -2.862 -2.512 0.642  1.00 0.00 ? 5 TYR A HD1  13 
ATOM 1375 H HD2  . TYR A 1 5 ? -0.843 -5.001 3.436  1.00 0.00 ? 5 TYR A HD2  13 
ATOM 1376 H HE1  . TYR A 1 5 ? -2.788 -4.312 -1.020 1.00 0.00 ? 5 TYR A HE1  13 
ATOM 1377 H HE2  . TYR A 1 5 ? -0.762 -6.807 1.780  1.00 0.00 ? 5 TYR A HE2  13 
ATOM 1378 H HH   . TYR A 1 5 ? -1.435 -6.317 -1.487 1.00 0.00 ? 5 TYR A HH   13 
ATOM 1379 N N    . PRO A 1 6 ? -2.068 0.712  3.708  1.00 0.00 ? 6 PRO A N    13 
ATOM 1380 C CA   . PRO A 1 6 ? -3.135 0.640  2.679  1.00 0.00 ? 6 PRO A CA   13 
ATOM 1381 C C    . PRO A 1 6 ? -2.602 0.691  1.244  1.00 0.00 ? 6 PRO A C    13 
ATOM 1382 O O    . PRO A 1 6 ? -1.552 1.288  0.977  1.00 0.00 ? 6 PRO A O    13 
ATOM 1383 C CB   . PRO A 1 6 ? -4.020 1.851  2.979  1.00 0.00 ? 6 PRO A CB   13 
ATOM 1384 C CG   . PRO A 1 6 ? -3.141 2.782  3.735  1.00 0.00 ? 6 PRO A CG   13 
ATOM 1385 C CD   . PRO A 1 6 ? -2.215 1.917  4.539  1.00 0.00 ? 6 PRO A CD   13 
ATOM 1386 H HA   . PRO A 1 6 ? -3.700 -0.270 2.805  1.00 0.00 ? 6 PRO A HA   13 
ATOM 1387 H HB2  . PRO A 1 6 ? -4.360 2.289  2.051  1.00 0.00 ? 6 PRO A HB2  13 
ATOM 1388 H HB3  . PRO A 1 6 ? -4.872 1.545  3.571  1.00 0.00 ? 6 PRO A HB3  13 
ATOM 1389 H HG2  . PRO A 1 6 ? -2.579 3.395  3.046  1.00 0.00 ? 6 PRO A HG2  13 
ATOM 1390 H HG3  . PRO A 1 6 ? -3.736 3.402  4.389  1.00 0.00 ? 6 PRO A HG3  13 
ATOM 1391 H HD2  . PRO A 1 6 ? -1.263 2.407  4.675  1.00 0.00 ? 6 PRO A HD2  13 
ATOM 1392 H HD3  . PRO A 1 6 ? -2.656 1.673  5.494  1.00 0.00 ? 6 PRO A HD3  13 
ATOM 1393 N N    . ASP A 1 7 ? -3.330 0.049  0.343  1.00 0.00 ? 7 ASP A N    13 
ATOM 1394 C CA   . ASP A 1 7 ? -2.905 -0.103 -1.044 1.00 0.00 ? 7 ASP A CA   13 
ATOM 1395 C C    . ASP A 1 7 ? -2.653 1.232  -1.743 1.00 0.00 ? 7 ASP A C    13 
ATOM 1396 O O    . ASP A 1 7 ? -3.322 2.261  -1.486 1.00 0.00 ? 7 ASP A O    13 
ATOM 1397 C CB   . ASP A 1 7 ? -3.867 -0.979 -1.863 1.00 0.00 ? 7 ASP A CB   13 
ATOM 1398 C CG   . ASP A 1 7 ? -5.142 -0.285 -2.262 1.00 0.00 ? 7 ASP A CG   13 
ATOM 1399 O OD1  . ASP A 1 7 ? -6.045 -0.148 -1.412 1.00 0.00 ? 7 ASP A OD1  13 
ATOM 1400 O OD2  . ASP A 1 7 ? -5.282 0.086  -3.450 1.00 0.00 ? 7 ASP A OD2  13 
ATOM 1401 H H    . ASP A 1 7 ? -4.181 -0.350 0.625  1.00 0.00 ? 7 ASP A H    13 
ATOM 1402 H HA   . ASP A 1 7 ? -1.951 -0.609 -0.998 1.00 0.00 ? 7 ASP A HA   13 
ATOM 1403 H HB2  . ASP A 1 7 ? -3.371 -1.309 -2.761 1.00 0.00 ? 7 ASP A HB2  13 
ATOM 1404 H HB3  . ASP A 1 7 ? -4.123 -1.849 -1.276 1.00 0.00 ? 7 ASP A HB3  13 
ATOM 1405 N N    . GLY A 1 1 ? -2.197 1.919  -2.743 1.00 0.00 ? 1 GLY A N    14 
ATOM 1406 C CA   . GLY A 1 1 ? -1.093 2.485  -3.475 1.00 0.00 ? 1 GLY A CA   14 
ATOM 1407 C C    . GLY A 1 1 ? 0.127  1.615  -3.472 1.00 0.00 ? 1 GLY A C    14 
ATOM 1408 O O    . GLY A 1 1 ? 0.373  0.872  -4.420 1.00 0.00 ? 1 GLY A O    14 
ATOM 1409 H H1   . GLY A 1 1 ? -2.849 1.370  -3.233 1.00 0.00 ? 1 GLY A H1   14 
ATOM 1410 H HA2  . GLY A 1 1 ? -1.397 2.649  -4.498 1.00 0.00 ? 1 GLY A HA2  14 
ATOM 1411 H HA3  . GLY A 1 1 ? -0.839 3.437  -3.032 1.00 0.00 ? 1 GLY A HA3  14 
ATOM 1412 N N    . LEU A 1 2 ? 0.871  1.688  -2.399 1.00 0.00 ? 2 LEU A N    14 
ATOM 1413 C CA   . LEU A 1 2 ? 2.118  0.966  -2.272 1.00 0.00 ? 2 LEU A CA   14 
ATOM 1414 C C    . LEU A 1 2 ? 1.844  -0.465 -1.881 1.00 0.00 ? 2 LEU A C    14 
ATOM 1415 O O    . LEU A 1 2 ? 0.730  -0.783 -1.449 1.00 0.00 ? 2 LEU A O    14 
ATOM 1416 C CB   . LEU A 1 2 ? 3.072  1.613  -1.237 1.00 0.00 ? 2 LEU A CB   14 
ATOM 1417 C CG   . LEU A 1 2 ? 3.547  3.058  -1.488 1.00 0.00 ? 2 LEU A CG   14 
ATOM 1418 C CD1  . LEU A 1 2 ? 2.454  4.077  -1.208 1.00 0.00 ? 2 LEU A CD1  14 
ATOM 1419 C CD2  . LEU A 1 2 ? 4.782  3.355  -0.660 1.00 0.00 ? 2 LEU A CD2  14 
ATOM 1420 H H    . LEU A 1 2 ? 0.548  2.223  -1.645 1.00 0.00 ? 2 LEU A H    14 
ATOM 1421 H HA   . LEU A 1 2 ? 2.597  0.973  -3.240 1.00 0.00 ? 2 LEU A HA   14 
ATOM 1422 H HB2  . LEU A 1 2 ? 2.591  1.587  -0.271 1.00 0.00 ? 2 LEU A HB2  14 
ATOM 1423 H HB3  . LEU A 1 2 ? 3.952  0.988  -1.185 1.00 0.00 ? 2 LEU A HB3  14 
ATOM 1424 H HG   . LEU A 1 2 ? 3.818  3.155  -2.529 1.00 0.00 ? 2 LEU A HG   14 
ATOM 1425 H HD11 . LEU A 1 2 ? 2.160  4.019  -0.170 1.00 0.00 ? 2 LEU A HD11 14 
ATOM 1426 H HD12 . LEU A 1 2 ? 1.601  3.865  -1.835 1.00 0.00 ? 2 LEU A HD12 14 
ATOM 1427 H HD13 . LEU A 1 2 ? 2.823  5.068  -1.425 1.00 0.00 ? 2 LEU A HD13 14 
ATOM 1428 H HD21 . LEU A 1 2 ? 5.093  4.373  -0.835 1.00 0.00 ? 2 LEU A HD21 14 
ATOM 1429 H HD22 . LEU A 1 2 ? 5.576  2.682  -0.946 1.00 0.00 ? 2 LEU A HD22 14 
ATOM 1430 H HD23 . LEU A 1 2 ? 4.553  3.223  0.388  1.00 0.00 ? 2 LEU A HD23 14 
ATOM 1431 N N    . TYR A 1 3 ? 2.838  -1.329 -2.063 1.00 0.00 ? 3 TYR A N    14 
ATOM 1432 C CA   . TYR A 1 3 ? 2.720  -2.745 -1.681 1.00 0.00 ? 3 TYR A CA   14 
ATOM 1433 C C    . TYR A 1 3 ? 2.414  -2.843 -0.180 1.00 0.00 ? 3 TYR A C    14 
ATOM 1434 O O    . TYR A 1 3 ? 1.499  -3.586 0.202  1.00 0.00 ? 3 TYR A O    14 
ATOM 1435 C CB   . TYR A 1 3 ? 3.978  -3.553 -2.044 1.00 0.00 ? 3 TYR A CB   14 
ATOM 1436 C CG   . TYR A 1 3 ? 4.478  -3.275 -3.420 1.00 0.00 ? 3 TYR A CG   14 
ATOM 1437 C CD1  . TYR A 1 3 ? 3.962  -3.930 -4.515 1.00 0.00 ? 3 TYR A CD1  14 
ATOM 1438 C CD2  . TYR A 1 3 ? 5.466  -2.338 -3.619 1.00 0.00 ? 3 TYR A CD2  14 
ATOM 1439 C CE1  . TYR A 1 3 ? 4.417  -3.659 -5.780 1.00 0.00 ? 3 TYR A CE1  14 
ATOM 1440 C CE2  . TYR A 1 3 ? 5.934  -2.057 -4.880 1.00 0.00 ? 3 TYR A CE2  14 
ATOM 1441 C CZ   . TYR A 1 3 ? 5.404  -2.720 -5.960 1.00 0.00 ? 3 TYR A CZ   14 
ATOM 1442 O OH   . TYR A 1 3 ? 5.860  -2.439 -7.232 1.00 0.00 ? 3 TYR A OH   14 
ATOM 1443 H H    . TYR A 1 3 ? 3.665  -1.007 -2.478 1.00 0.00 ? 3 TYR A H    14 
ATOM 1444 H HA   . TYR A 1 3 ? 1.866  -3.136 -2.213 1.00 0.00 ? 3 TYR A HA   14 
ATOM 1445 H HB2  . TYR A 1 3 ? 4.780  -3.349 -1.354 1.00 0.00 ? 3 TYR A HB2  14 
ATOM 1446 H HB3  . TYR A 1 3 ? 3.739  -4.605 -1.993 1.00 0.00 ? 3 TYR A HB3  14 
ATOM 1447 H HD1  . TYR A 1 3 ? 3.187  -4.664 -4.360 1.00 0.00 ? 3 TYR A HD1  14 
ATOM 1448 H HD2  . TYR A 1 3 ? 5.856  -1.829 -2.747 1.00 0.00 ? 3 TYR A HD2  14 
ATOM 1449 H HE1  . TYR A 1 3 ? 3.997  -4.182 -6.626 1.00 0.00 ? 3 TYR A HE1  14 
ATOM 1450 H HE2  . TYR A 1 3 ? 6.710  -1.319 -5.014 1.00 0.00 ? 3 TYR A HE2  14 
ATOM 1451 H HH   . TYR A 1 3 ? 6.829  -2.463 -7.207 1.00 0.00 ? 3 TYR A HH   14 
ATOM 1452 N N    . PRO A 1 4 ? 3.190  -2.117 0.716  1.00 0.00 ? 4 PRO A N    14 
ATOM 1453 C CA   . PRO A 1 4 ? 2.807  -1.957 2.106  1.00 0.00 ? 4 PRO A CA   14 
ATOM 1454 C C    . PRO A 1 4 ? 1.354  -1.498 2.200  1.00 0.00 ? 4 PRO A C    14 
ATOM 1455 O O    . PRO A 1 4 ? 0.952  -0.510 1.565  1.00 0.00 ? 4 PRO A O    14 
ATOM 1456 C CB   . PRO A 1 4 ? 3.734  -0.842 2.578  1.00 0.00 ? 4 PRO A CB   14 
ATOM 1457 C CG   . PRO A 1 4 ? 4.971  -1.074 1.829  1.00 0.00 ? 4 PRO A CG   14 
ATOM 1458 C CD   . PRO A 1 4 ? 4.519  -1.485 0.469  1.00 0.00 ? 4 PRO A CD   14 
ATOM 1459 H HA   . PRO A 1 4 ? 2.973  -2.856 2.678  1.00 0.00 ? 4 PRO A HA   14 
ATOM 1460 H HB2  . PRO A 1 4 ? 3.306  0.104  2.279  1.00 0.00 ? 4 PRO A HB2  14 
ATOM 1461 H HB3  . PRO A 1 4 ? 3.892  -0.889 3.644  1.00 0.00 ? 4 PRO A HB3  14 
ATOM 1462 H HG2  . PRO A 1 4 ? 5.551  -0.165 1.779  1.00 0.00 ? 4 PRO A HG2  14 
ATOM 1463 H HG3  . PRO A 1 4 ? 5.542  -1.866 2.289  1.00 0.00 ? 4 PRO A HG3  14 
ATOM 1464 H HD2  . PRO A 1 4 ? 4.438  -0.632 -0.187 1.00 0.00 ? 4 PRO A HD2  14 
ATOM 1465 H HD3  . PRO A 1 4 ? 5.214  -2.206 0.072  1.00 0.00 ? 4 PRO A HD3  14 
ATOM 1466 N N    . TYR A 1 5 ? 0.581  -2.210 2.948  1.00 0.00 ? 5 TYR A N    14 
ATOM 1467 C CA   . TYR A 1 5 ? -0.824 -1.935 3.060  1.00 0.00 ? 5 TYR A CA   14 
ATOM 1468 C C    . TYR A 1 5 ? -1.054 -0.723 3.948  1.00 0.00 ? 5 TYR A C    14 
ATOM 1469 O O    . TYR A 1 5 ? -0.258 -0.463 4.848  1.00 0.00 ? 5 TYR A O    14 
ATOM 1470 C CB   . TYR A 1 5 ? -1.564 -3.157 3.624  1.00 0.00 ? 5 TYR A CB   14 
ATOM 1471 C CG   . TYR A 1 5 ? -1.514 -4.373 2.731  1.00 0.00 ? 5 TYR A CG   14 
ATOM 1472 C CD1  . TYR A 1 5 ? -0.469 -5.290 2.814  1.00 0.00 ? 5 TYR A CD1  14 
ATOM 1473 C CD2  . TYR A 1 5 ? -2.513 -4.604 1.806  1.00 0.00 ? 5 TYR A CD2  14 
ATOM 1474 C CE1  . TYR A 1 5 ? -0.432 -6.397 1.993  1.00 0.00 ? 5 TYR A CE1  14 
ATOM 1475 C CE2  . TYR A 1 5 ? -2.481 -5.707 0.983  1.00 0.00 ? 5 TYR A CE2  14 
ATOM 1476 C CZ   . TYR A 1 5 ? -1.441 -6.600 1.079  1.00 0.00 ? 5 TYR A CZ   14 
ATOM 1477 O OH   . TYR A 1 5 ? -1.416 -7.711 0.258  1.00 0.00 ? 5 TYR A OH   14 
ATOM 1478 H H    . TYR A 1 5 ? 0.984  -2.933 3.475  1.00 0.00 ? 5 TYR A H    14 
ATOM 1479 H HA   . TYR A 1 5 ? -1.187 -1.739 2.064  1.00 0.00 ? 5 TYR A HA   14 
ATOM 1480 H HB2  . TYR A 1 5 ? -1.119 -3.430 4.570  1.00 0.00 ? 5 TYR A HB2  14 
ATOM 1481 H HB3  . TYR A 1 5 ? -2.600 -2.899 3.785  1.00 0.00 ? 5 TYR A HB3  14 
ATOM 1482 H HD1  . TYR A 1 5 ? 0.319  -5.124 3.532  1.00 0.00 ? 5 TYR A HD1  14 
ATOM 1483 H HD2  . TYR A 1 5 ? -3.329 -3.902 1.732  1.00 0.00 ? 5 TYR A HD2  14 
ATOM 1484 H HE1  . TYR A 1 5 ? 0.384  -7.100 2.069  1.00 0.00 ? 5 TYR A HE1  14 
ATOM 1485 H HE2  . TYR A 1 5 ? -3.273 -5.865 0.265  1.00 0.00 ? 5 TYR A HE2  14 
ATOM 1486 H HH   . TYR A 1 5 ? -1.079 -8.450 0.785  1.00 0.00 ? 5 TYR A HH   14 
ATOM 1487 N N    . PRO A 1 6 ? -2.124 0.053  3.711  1.00 0.00 ? 6 PRO A N    14 
ATOM 1488 C CA   . PRO A 1 6 ? -3.063 -0.137 2.609  1.00 0.00 ? 6 PRO A CA   14 
ATOM 1489 C C    . PRO A 1 6 ? -2.988 0.969  1.512  1.00 0.00 ? 6 PRO A C    14 
ATOM 1490 O O    . PRO A 1 6 ? -2.518 2.094  1.756  1.00 0.00 ? 6 PRO A O    14 
ATOM 1491 C CB   . PRO A 1 6 ? -4.391 -0.005 3.356  1.00 0.00 ? 6 PRO A CB   14 
ATOM 1492 C CG   . PRO A 1 6 ? -4.093 0.893  4.546  1.00 0.00 ? 6 PRO A CG   14 
ATOM 1493 C CD   . PRO A 1 6 ? -2.595 1.109  4.585  1.00 0.00 ? 6 PRO A CD   14 
ATOM 1494 H HA   . PRO A 1 6 ? -3.016 -1.118 2.163  1.00 0.00 ? 6 PRO A HA   14 
ATOM 1495 H HB2  . PRO A 1 6 ? -5.130 0.432  2.698  1.00 0.00 ? 6 PRO A HB2  14 
ATOM 1496 H HB3  . PRO A 1 6 ? -4.725 -0.981 3.677  1.00 0.00 ? 6 PRO A HB3  14 
ATOM 1497 H HG2  . PRO A 1 6 ? -4.592 1.842  4.412  1.00 0.00 ? 6 PRO A HG2  14 
ATOM 1498 H HG3  . PRO A 1 6 ? -4.431 0.422  5.457  1.00 0.00 ? 6 PRO A HG3  14 
ATOM 1499 H HD2  . PRO A 1 6 ? -2.335 2.081  4.193  1.00 0.00 ? 6 PRO A HD2  14 
ATOM 1500 H HD3  . PRO A 1 6 ? -2.211 0.985  5.586  1.00 0.00 ? 6 PRO A HD3  14 
ATOM 1501 N N    . ASP A 1 7 ? -3.447 0.612  0.312  1.00 0.00 ? 7 ASP A N    14 
ATOM 1502 C CA   . ASP A 1 7 ? -3.631 1.531  -0.843 1.00 0.00 ? 7 ASP A CA   14 
ATOM 1503 C C    . ASP A 1 7 ? -2.338 2.099  -1.448 1.00 0.00 ? 7 ASP A C    14 
ATOM 1504 O O    . ASP A 1 7 ? -1.489 2.681  -0.753 1.00 0.00 ? 7 ASP A O    14 
ATOM 1505 C CB   . ASP A 1 7 ? -4.620 2.668  -0.502 1.00 0.00 ? 7 ASP A CB   14 
ATOM 1506 C CG   . ASP A 1 7 ? -4.822 3.657  -1.632 1.00 0.00 ? 7 ASP A CG   14 
ATOM 1507 O OD1  . ASP A 1 7 ? -5.591 3.358  -2.583 1.00 0.00 ? 7 ASP A OD1  14 
ATOM 1508 O OD2  . ASP A 1 7 ? -4.247 4.762  -1.580 1.00 0.00 ? 7 ASP A OD2  14 
ATOM 1509 H H    . ASP A 1 7 ? -3.674 -0.331 0.176  1.00 0.00 ? 7 ASP A H    14 
ATOM 1510 H HA   . ASP A 1 7 ? -4.090 0.932  -1.615 1.00 0.00 ? 7 ASP A HA   14 
ATOM 1511 H HB2  . ASP A 1 7 ? -5.580 2.238  -0.256 1.00 0.00 ? 7 ASP A HB2  14 
ATOM 1512 H HB3  . ASP A 1 7 ? -4.246 3.202  0.359  1.00 0.00 ? 7 ASP A HB3  14 
ATOM 1513 N N    . GLY A 1 1 ? -1.825 1.380  -2.473 1.00 0.00 ? 1 GLY A N    15 
ATOM 1514 C CA   . GLY A 1 1 ? -1.183 2.338  -3.328 1.00 0.00 ? 1 GLY A CA   15 
ATOM 1515 C C    . GLY A 1 1 ? 0.216  1.877  -3.522 1.00 0.00 ? 1 GLY A C    15 
ATOM 1516 O O    . GLY A 1 1 ? 0.702  1.714  -4.645 1.00 0.00 ? 1 GLY A O    15 
ATOM 1517 H H1   . GLY A 1 1 ? -1.377 0.512  -2.352 1.00 0.00 ? 1 GLY A H1   15 
ATOM 1518 H HA2  . GLY A 1 1 ? -1.699 2.384  -4.276 1.00 0.00 ? 1 GLY A HA2  15 
ATOM 1519 H HA3  . GLY A 1 1 ? -1.172 3.310  -2.857 1.00 0.00 ? 1 GLY A HA3  15 
ATOM 1520 N N    . LEU A 1 2 ? 0.843  1.621  -2.415 1.00 0.00 ? 2 LEU A N    15 
ATOM 1521 C CA   . LEU A 1 2 ? 2.131  1.003  -2.358 1.00 0.00 ? 2 LEU A CA   15 
ATOM 1522 C C    . LEU A 1 2 ? 1.888  -0.424 -1.937 1.00 0.00 ? 2 LEU A C    15 
ATOM 1523 O O    . LEU A 1 2 ? 0.774  -0.734 -1.481 1.00 0.00 ? 2 LEU A O    15 
ATOM 1524 C CB   . LEU A 1 2 ? 3.035  1.698  -1.337 1.00 0.00 ? 2 LEU A CB   15 
ATOM 1525 C CG   . LEU A 1 2 ? 3.299  3.185  -1.571 1.00 0.00 ? 2 LEU A CG   15 
ATOM 1526 C CD1  . LEU A 1 2 ? 4.127  3.763  -0.442 1.00 0.00 ? 2 LEU A CD1  15 
ATOM 1527 C CD2  . LEU A 1 2 ? 3.992  3.417  -2.904 1.00 0.00 ? 2 LEU A CD2  15 
ATOM 1528 H H    . LEU A 1 2 ? 0.407  1.846  -1.566 1.00 0.00 ? 2 LEU A H    15 
ATOM 1529 H HA   . LEU A 1 2 ? 2.577  1.039  -3.341 1.00 0.00 ? 2 LEU A HA   15 
ATOM 1530 H HB2  . LEU A 1 2 ? 2.596  1.575  -0.358 1.00 0.00 ? 2 LEU A HB2  15 
ATOM 1531 H HB3  . LEU A 1 2 ? 3.986  1.183  -1.349 1.00 0.00 ? 2 LEU A HB3  15 
ATOM 1532 H HG   . LEU A 1 2 ? 2.350  3.696  -1.590 1.00 0.00 ? 2 LEU A HG   15 
ATOM 1533 H HD11 . LEU A 1 2 ? 4.310  4.811  -0.630 1.00 0.00 ? 2 LEU A HD11 15 
ATOM 1534 H HD12 . LEU A 1 2 ? 5.068  3.238  -0.383 1.00 0.00 ? 2 LEU A HD12 15 
ATOM 1535 H HD13 . LEU A 1 2 ? 3.595  3.654  0.492  1.00 0.00 ? 2 LEU A HD13 15 
ATOM 1536 H HD21 . LEU A 1 2 ? 4.175  4.472  -3.030 1.00 0.00 ? 2 LEU A HD21 15 
ATOM 1537 H HD22 . LEU A 1 2 ? 3.360  3.065  -3.707 1.00 0.00 ? 2 LEU A HD22 15 
ATOM 1538 H HD23 . LEU A 1 2 ? 4.931  2.884  -2.922 1.00 0.00 ? 2 LEU A HD23 15 
ATOM 1539 N N    . TYR A 1 3 ? 2.868  -1.293 -2.132 1.00 0.00 ? 3 TYR A N    15 
ATOM 1540 C CA   . TYR A 1 3 ? 2.746  -2.699 -1.718 1.00 0.00 ? 3 TYR A CA   15 
ATOM 1541 C C    . TYR A 1 3 ? 2.323  -2.789 -0.237 1.00 0.00 ? 3 TYR A C    15 
ATOM 1542 O O    . TYR A 1 3 ? 1.342  -3.465 0.080  1.00 0.00 ? 3 TYR A O    15 
ATOM 1543 C CB   . TYR A 1 3 ? 4.047  -3.473 -1.946 1.00 0.00 ? 3 TYR A CB   15 
ATOM 1544 C CG   . TYR A 1 3 ? 4.641  -3.274 -3.295 1.00 0.00 ? 3 TYR A CG   15 
ATOM 1545 C CD1  . TYR A 1 3 ? 4.095  -3.873 -4.408 1.00 0.00 ? 3 TYR A CD1  15 
ATOM 1546 C CD2  . TYR A 1 3 ? 5.758  -2.483 -3.452 1.00 0.00 ? 3 TYR A CD2  15 
ATOM 1547 C CE1  . TYR A 1 3 ? 4.647  -3.694 -5.647 1.00 0.00 ? 3 TYR A CE1  15 
ATOM 1548 C CE2  . TYR A 1 3 ? 6.320  -2.296 -4.694 1.00 0.00 ? 3 TYR A CE2  15 
ATOM 1549 C CZ   . TYR A 1 3 ? 5.759  -2.906 -5.788 1.00 0.00 ? 3 TYR A CZ   15 
ATOM 1550 O OH   . TYR A 1 3 ? 6.310  -2.729 -7.037 1.00 0.00 ? 3 TYR A OH   15 
ATOM 1551 H H    . TYR A 1 3 ? 3.691  -0.988 -2.566 1.00 0.00 ? 3 TYR A H    15 
ATOM 1552 H HA   . TYR A 1 3 ? 1.959  -3.134 -2.315 1.00 0.00 ? 3 TYR A HA   15 
ATOM 1553 H HB2  . TYR A 1 3 ? 4.784  -3.167 -1.219 1.00 0.00 ? 3 TYR A HB2  15 
ATOM 1554 H HB3  . TYR A 1 3 ? 3.855  -4.529 -1.823 1.00 0.00 ? 3 TYR A HB3  15 
ATOM 1555 H HD1  . TYR A 1 3 ? 3.219  -4.491 -4.288 1.00 0.00 ? 3 TYR A HD1  15 
ATOM 1556 H HD2  . TYR A 1 3 ? 6.173  -2.011 -2.571 1.00 0.00 ? 3 TYR A HD2  15 
ATOM 1557 H HE1  . TYR A 1 3 ? 4.203  -4.170 -6.509 1.00 0.00 ? 3 TYR A HE1  15 
ATOM 1558 H HE2  . TYR A 1 3 ? 7.194  -1.674 -4.806 1.00 0.00 ? 3 TYR A HE2  15 
ATOM 1559 H HH   . TYR A 1 3 ? 7.274  -2.795 -6.968 1.00 0.00 ? 3 TYR A HH   15 
ATOM 1560 N N    . PRO A 1 4 ? 3.032  -2.115 0.707  1.00 0.00 ? 4 PRO A N    15 
ATOM 1561 C CA   . PRO A 1 4 ? 2.578  -2.072 2.071  1.00 0.00 ? 4 PRO A CA   15 
ATOM 1562 C C    . PRO A 1 4 ? 1.374  -1.109 2.197  1.00 0.00 ? 4 PRO A C    15 
ATOM 1563 O O    . PRO A 1 4 ? 1.404  0.026  1.683  1.00 0.00 ? 4 PRO A O    15 
ATOM 1564 C CB   . PRO A 1 4 ? 3.811  -1.565 2.822  1.00 0.00 ? 4 PRO A CB   15 
ATOM 1565 C CG   . PRO A 1 4 ? 4.491  -0.688 1.849  1.00 0.00 ? 4 PRO A CG   15 
ATOM 1566 C CD   . PRO A 1 4 ? 4.325  -1.383 0.543  1.00 0.00 ? 4 PRO A CD   15 
ATOM 1567 H HA   . PRO A 1 4 ? 2.292  -3.052 2.417  1.00 0.00 ? 4 PRO A HA   15 
ATOM 1568 H HB2  . PRO A 1 4 ? 3.529  -1.043 3.720  1.00 0.00 ? 4 PRO A HB2  15 
ATOM 1569 H HB3  . PRO A 1 4 ? 4.439  -2.412 3.059  1.00 0.00 ? 4 PRO A HB3  15 
ATOM 1570 H HG2  . PRO A 1 4 ? 4.012  0.281  1.830  1.00 0.00 ? 4 PRO A HG2  15 
ATOM 1571 H HG3  . PRO A 1 4 ? 5.537  -0.591 2.096  1.00 0.00 ? 4 PRO A HG3  15 
ATOM 1572 H HD2  . PRO A 1 4 ? 4.274  -0.674 -0.268 1.00 0.00 ? 4 PRO A HD2  15 
ATOM 1573 H HD3  . PRO A 1 4 ? 5.140  -2.076 0.398  1.00 0.00 ? 4 PRO A HD3  15 
ATOM 1574 N N    . TYR A 1 5 ? 0.323  -1.578 2.846  1.00 0.00 ? 5 TYR A N    15 
ATOM 1575 C CA   . TYR A 1 5 ? -0.918 -0.839 3.003  1.00 0.00 ? 5 TYR A CA   15 
ATOM 1576 C C    . TYR A 1 5 ? -0.715 0.471  3.764  1.00 0.00 ? 5 TYR A C    15 
ATOM 1577 O O    . TYR A 1 5 ? 0.170  0.552  4.636  1.00 0.00 ? 5 TYR A O    15 
ATOM 1578 C CB   . TYR A 1 5 ? -1.973 -1.715 3.677  1.00 0.00 ? 5 TYR A CB   15 
ATOM 1579 C CG   . TYR A 1 5 ? -2.401 -2.886 2.829  1.00 0.00 ? 5 TYR A CG   15 
ATOM 1580 C CD1  . TYR A 1 5 ? -3.339 -2.721 1.821  1.00 0.00 ? 5 TYR A CD1  15 
ATOM 1581 C CD2  . TYR A 1 5 ? -1.871 -4.153 3.030  1.00 0.00 ? 5 TYR A CD2  15 
ATOM 1582 C CE1  . TYR A 1 5 ? -3.740 -3.782 1.042  1.00 0.00 ? 5 TYR A CE1  15 
ATOM 1583 C CE2  . TYR A 1 5 ? -2.267 -5.220 2.252  1.00 0.00 ? 5 TYR A CE2  15 
ATOM 1584 C CZ   . TYR A 1 5 ? -3.202 -5.027 1.261  1.00 0.00 ? 5 TYR A CZ   15 
ATOM 1585 O OH   . TYR A 1 5 ? -3.606 -6.089 0.484  1.00 0.00 ? 5 TYR A OH   15 
ATOM 1586 H H    . TYR A 1 5 ? 0.390  -2.467 3.256  1.00 0.00 ? 5 TYR A H    15 
ATOM 1587 H HA   . TYR A 1 5 ? -1.265 -0.595 2.010  1.00 0.00 ? 5 TYR A HA   15 
ATOM 1588 H HB2  . TYR A 1 5 ? -1.567 -2.104 4.599  1.00 0.00 ? 5 TYR A HB2  15 
ATOM 1589 H HB3  . TYR A 1 5 ? -2.846 -1.122 3.897  1.00 0.00 ? 5 TYR A HB3  15 
ATOM 1590 H HD1  . TYR A 1 5 ? -3.760 -1.741 1.653  1.00 0.00 ? 5 TYR A HD1  15 
ATOM 1591 H HD2  . TYR A 1 5 ? -1.138 -4.299 3.809  1.00 0.00 ? 5 TYR A HD2  15 
ATOM 1592 H HE1  . TYR A 1 5 ? -4.470 -3.635 0.261  1.00 0.00 ? 5 TYR A HE1  15 
ATOM 1593 H HE2  . TYR A 1 5 ? -1.845 -6.198 2.422  1.00 0.00 ? 5 TYR A HE2  15 
ATOM 1594 H HH   . TYR A 1 5 ? -3.671 -5.763 -0.424 1.00 0.00 ? 5 TYR A HH   15 
ATOM 1595 N N    . PRO A 1 6 ? -1.555 1.509  3.519  1.00 0.00 ? 6 PRO A N    15 
ATOM 1596 C CA   . PRO A 1 6 ? -2.760 1.448  2.637  1.00 0.00 ? 6 PRO A CA   15 
ATOM 1597 C C    . PRO A 1 6 ? -2.467 1.196  1.146  1.00 0.00 ? 6 PRO A C    15 
ATOM 1598 O O    . PRO A 1 6 ? -1.329 1.335  0.683  1.00 0.00 ? 6 PRO A O    15 
ATOM 1599 C CB   . PRO A 1 6 ? -3.426 2.819  2.828  1.00 0.00 ? 6 PRO A CB   15 
ATOM 1600 C CG   . PRO A 1 6 ? -2.789 3.391  4.048  1.00 0.00 ? 6 PRO A CG   15 
ATOM 1601 C CD   . PRO A 1 6 ? -1.393 2.851  4.073  1.00 0.00 ? 6 PRO A CD   15 
ATOM 1602 H HA   . PRO A 1 6 ? -3.429 0.676  2.981  1.00 0.00 ? 6 PRO A HA   15 
ATOM 1603 H HB2  . PRO A 1 6 ? -3.240 3.434  1.959  1.00 0.00 ? 6 PRO A HB2  15 
ATOM 1604 H HB3  . PRO A 1 6 ? -4.490 2.693  2.962  1.00 0.00 ? 6 PRO A HB3  15 
ATOM 1605 H HG2  . PRO A 1 6 ? -2.773 4.469  3.986  1.00 0.00 ? 6 PRO A HG2  15 
ATOM 1606 H HG3  . PRO A 1 6 ? -3.328 3.074  4.928  1.00 0.00 ? 6 PRO A HG3  15 
ATOM 1607 H HD2  . PRO A 1 6 ? -0.745 3.448  3.448  1.00 0.00 ? 6 PRO A HD2  15 
ATOM 1608 H HD3  . PRO A 1 6 ? -1.013 2.807  5.083  1.00 0.00 ? 6 PRO A HD3  15 
ATOM 1609 N N    . ASP A 1 7 ? -3.516 0.823  0.421  1.00 0.00 ? 7 ASP A N    15 
ATOM 1610 C CA   . ASP A 1 7 ? -3.436 0.453  -0.996 1.00 0.00 ? 7 ASP A CA   15 
ATOM 1611 C C    . ASP A 1 7 ? -2.942 1.608  -1.857 1.00 0.00 ? 7 ASP A C    15 
ATOM 1612 O O    . ASP A 1 7 ? -3.570 2.670  -1.942 1.00 0.00 ? 7 ASP A O    15 
ATOM 1613 C CB   . ASP A 1 7 ? -4.798 -0.043 -1.506 1.00 0.00 ? 7 ASP A CB   15 
ATOM 1614 C CG   . ASP A 1 7 ? -4.768 -0.521 -2.951 1.00 0.00 ? 7 ASP A CG   15 
ATOM 1615 O OD1  . ASP A 1 7 ? -4.640 -1.746 -3.180 1.00 0.00 ? 7 ASP A OD1  15 
ATOM 1616 O OD2  . ASP A 1 7 ? -4.882 0.313  -3.885 1.00 0.00 ? 7 ASP A OD2  15 
ATOM 1617 H H    . ASP A 1 7 ? -4.398 0.823  0.851  1.00 0.00 ? 7 ASP A H    15 
ATOM 1618 H HA   . ASP A 1 7 ? -2.728 -0.357 -1.076 1.00 0.00 ? 7 ASP A HA   15 
ATOM 1619 H HB2  . ASP A 1 7 ? -5.124 -0.866 -0.886 1.00 0.00 ? 7 ASP A HB2  15 
ATOM 1620 H HB3  . ASP A 1 7 ? -5.512 0.763  -1.423 1.00 0.00 ? 7 ASP A HB3  15 
ATOM 1621 N N    . GLY A 1 1 ? -1.906 1.781  -2.478 1.00 0.00 ? 1 GLY A N    16 
ATOM 1622 C CA   . GLY A 1 1 ? -1.211 2.367  -3.587 1.00 0.00 ? 1 GLY A CA   16 
ATOM 1623 C C    . GLY A 1 1 ? 0.215  1.896  -3.596 1.00 0.00 ? 1 GLY A C    16 
ATOM 1624 O O    . GLY A 1 1 ? 0.880  1.885  -4.629 1.00 0.00 ? 1 GLY A O    16 
ATOM 1625 H H1   . GLY A 1 1 ? -2.170 0.837  -2.520 1.00 0.00 ? 1 GLY A H1   16 
ATOM 1626 H HA2  . GLY A 1 1 ? -1.696 2.072  -4.507 1.00 0.00 ? 1 GLY A HA2  16 
ATOM 1627 H HA3  . GLY A 1 1 ? -1.225 3.444  -3.496 1.00 0.00 ? 1 GLY A HA3  16 
ATOM 1628 N N    . LEU A 1 2 ? 0.674  1.515  -2.434 1.00 0.00 ? 2 LEU A N    16 
ATOM 1629 C CA   . LEU A 1 2 ? 1.993  0.976  -2.216 1.00 0.00 ? 2 LEU A CA   16 
ATOM 1630 C C    . LEU A 1 2 ? 1.840  -0.508 -1.951 1.00 0.00 ? 2 LEU A C    16 
ATOM 1631 O O    . LEU A 1 2 ? 0.711  -0.975 -1.721 1.00 0.00 ? 2 LEU A O    16 
ATOM 1632 C CB   . LEU A 1 2 ? 2.648  1.641  -1.002 1.00 0.00 ? 2 LEU A CB   16 
ATOM 1633 C CG   . LEU A 1 2 ? 2.749  3.170  -1.026 1.00 0.00 ? 2 LEU A CG   16 
ATOM 1634 C CD1  . LEU A 1 2 ? 3.331  3.677  0.278  1.00 0.00 ? 2 LEU A CD1  16 
ATOM 1635 C CD2  . LEU A 1 2 ? 3.593  3.643  -2.200 1.00 0.00 ? 2 LEU A CD2  16 
ATOM 1636 H H    . LEU A 1 2 ? 0.086  1.585  -1.651 1.00 0.00 ? 2 LEU A H    16 
ATOM 1637 H HA   . LEU A 1 2 ? 2.596  1.138  -3.097 1.00 0.00 ? 2 LEU A HA   16 
ATOM 1638 H HB2  . LEU A 1 2 ? 2.092  1.350  -0.123 1.00 0.00 ? 2 LEU A HB2  16 
ATOM 1639 H HB3  . LEU A 1 2 ? 3.646  1.236  -0.919 1.00 0.00 ? 2 LEU A HB3  16 
ATOM 1640 H HG   . LEU A 1 2 ? 1.755  3.582  -1.130 1.00 0.00 ? 2 LEU A HG   16 
ATOM 1641 H HD11 . LEU A 1 2 ? 3.389  4.755  0.254  1.00 0.00 ? 2 LEU A HD11 16 
ATOM 1642 H HD12 . LEU A 1 2 ? 4.320  3.265  0.412  1.00 0.00 ? 2 LEU A HD12 16 
ATOM 1643 H HD13 . LEU A 1 2 ? 2.699  3.370  1.099  1.00 0.00 ? 2 LEU A HD13 16 
ATOM 1644 H HD21 . LEU A 1 2 ? 3.651  4.722  -2.191 1.00 0.00 ? 2 LEU A HD21 16 
ATOM 1645 H HD22 . LEU A 1 2 ? 3.139  3.317  -3.124 1.00 0.00 ? 2 LEU A HD22 16 
ATOM 1646 H HD23 . LEU A 1 2 ? 4.585  3.228  -2.118 1.00 0.00 ? 2 LEU A HD23 16 
ATOM 1647 N N    . TYR A 1 3 ? 2.923  -1.258 -2.040 1.00 0.00 ? 3 TYR A N    16 
ATOM 1648 C CA   . TYR A 1 3 ? 2.875  -2.689 -1.724 1.00 0.00 ? 3 TYR A CA   16 
ATOM 1649 C C    . TYR A 1 3 ? 2.410  -2.880 -0.250 1.00 0.00 ? 3 TYR A C    16 
ATOM 1650 O O    . TYR A 1 3 ? 1.442  -3.614 -0.001 1.00 0.00 ? 3 TYR A O    16 
ATOM 1651 C CB   . TYR A 1 3 ? 4.224  -3.381 -1.982 1.00 0.00 ? 3 TYR A CB   16 
ATOM 1652 C CG   . TYR A 1 3 ? 4.843  -3.030 -3.302 1.00 0.00 ? 3 TYR A CG   16 
ATOM 1653 C CD1  . TYR A 1 3 ? 5.831  -2.072 -3.367 1.00 0.00 ? 3 TYR A CD1  16 
ATOM 1654 C CD2  . TYR A 1 3 ? 4.443  -3.642 -4.471 1.00 0.00 ? 3 TYR A CD2  16 
ATOM 1655 C CE1  . TYR A 1 3 ? 6.412  -1.726 -4.564 1.00 0.00 ? 3 TYR A CE1  16 
ATOM 1656 C CE2  . TYR A 1 3 ? 5.013  -3.308 -5.682 1.00 0.00 ? 3 TYR A CE2  16 
ATOM 1657 C CZ   . TYR A 1 3 ? 5.999  -2.349 -5.721 1.00 0.00 ? 3 TYR A CZ   16 
ATOM 1658 O OH   . TYR A 1 3 ? 6.576  -2.004 -6.924 1.00 0.00 ? 3 TYR A OH   16 
ATOM 1659 H H    . TYR A 1 3 ? 3.771  -0.840 -2.294 1.00 0.00 ? 3 TYR A H    16 
ATOM 1660 H HA   . TYR A 1 3 ? 2.115  -3.113 -2.365 1.00 0.00 ? 3 TYR A HA   16 
ATOM 1661 H HB2  . TYR A 1 3 ? 4.926  -3.113 -1.208 1.00 0.00 ? 3 TYR A HB2  16 
ATOM 1662 H HB3  . TYR A 1 3 ? 4.075  -4.449 -1.960 1.00 0.00 ? 3 TYR A HB3  16 
ATOM 1663 H HD1  . TYR A 1 3 ? 6.134  -1.599 -2.443 1.00 0.00 ? 3 TYR A HD1  16 
ATOM 1664 H HD2  . TYR A 1 3 ? 3.668  -4.392 -4.420 1.00 0.00 ? 3 TYR A HD2  16 
ATOM 1665 H HE1  . TYR A 1 3 ? 7.185  -0.972 -4.593 1.00 0.00 ? 3 TYR A HE1  16 
ATOM 1666 H HE2  . TYR A 1 3 ? 4.689  -3.799 -6.587 1.00 0.00 ? 3 TYR A HE2  16 
ATOM 1667 H HH   . TYR A 1 3 ? 5.884  -1.929 -7.595 1.00 0.00 ? 3 TYR A HH   16 
ATOM 1668 N N    . PRO A 1 4 ? 3.075  -2.212 0.751  1.00 0.00 ? 4 PRO A N    16 
ATOM 1669 C CA   . PRO A 1 4 ? 2.591  -2.181 2.127  1.00 0.00 ? 4 PRO A CA   16 
ATOM 1670 C C    . PRO A 1 4 ? 1.516  -1.086 2.252  1.00 0.00 ? 4 PRO A C    16 
ATOM 1671 O O    . PRO A 1 4 ? 1.194  -0.427 1.264  1.00 0.00 ? 4 PRO A O    16 
ATOM 1672 C CB   . PRO A 1 4 ? 3.839  -1.782 2.906  1.00 0.00 ? 4 PRO A CB   16 
ATOM 1673 C CG   . PRO A 1 4 ? 4.542  -0.859 1.994  1.00 0.00 ? 4 PRO A CG   16 
ATOM 1674 C CD   . PRO A 1 4 ? 4.365  -1.450 0.639  1.00 0.00 ? 4 PRO A CD   16 
ATOM 1675 H HA   . PRO A 1 4 ? 2.206  -3.135 2.458  1.00 0.00 ? 4 PRO A HA   16 
ATOM 1676 H HB2  . PRO A 1 4 ? 3.561  -1.291 3.827  1.00 0.00 ? 4 PRO A HB2  16 
ATOM 1677 H HB3  . PRO A 1 4 ? 4.437  -2.659 3.100  1.00 0.00 ? 4 PRO A HB3  16 
ATOM 1678 H HG2  . PRO A 1 4 ? 4.095  0.123  2.042  1.00 0.00 ? 4 PRO A HG2  16 
ATOM 1679 H HG3  . PRO A 1 4 ? 5.590  -0.813 2.248  1.00 0.00 ? 4 PRO A HG3  16 
ATOM 1680 H HD2  . PRO A 1 4 ? 4.294  -0.675 -0.111 1.00 0.00 ? 4 PRO A HD2  16 
ATOM 1681 H HD3  . PRO A 1 4 ? 5.188  -2.116 0.428  1.00 0.00 ? 4 PRO A HD3  16 
ATOM 1682 N N    . TYR A 1 5 ? 0.923  -0.917 3.410  1.00 0.00 ? 5 TYR A N    16 
ATOM 1683 C CA   . TYR A 1 5 ? -0.026 0.165  3.573  1.00 0.00 ? 5 TYR A CA   16 
ATOM 1684 C C    . TYR A 1 5 ? 0.766  1.458  3.836  1.00 0.00 ? 5 TYR A C    16 
ATOM 1685 O O    . TYR A 1 5 ? 1.903  1.383  4.333  1.00 0.00 ? 5 TYR A O    16 
ATOM 1686 C CB   . TYR A 1 5 ? -1.057 -0.132 4.693  1.00 0.00 ? 5 TYR A CB   16 
ATOM 1687 C CG   . TYR A 1 5 ? -0.555 -0.090 6.126  1.00 0.00 ? 5 TYR A CG   16 
ATOM 1688 C CD1  . TYR A 1 5 ? 0.216  -1.115 6.666  1.00 0.00 ? 5 TYR A CD1  16 
ATOM 1689 C CD2  . TYR A 1 5 ? -0.892 0.975  6.949  1.00 0.00 ? 5 TYR A CD2  16 
ATOM 1690 C CE1  . TYR A 1 5 ? 0.638  -1.067 7.987  1.00 0.00 ? 5 TYR A CE1  16 
ATOM 1691 C CE2  . TYR A 1 5 ? -0.474 1.030  8.258  1.00 0.00 ? 5 TYR A CE2  16 
ATOM 1692 C CZ   . TYR A 1 5 ? 0.286  0.012  8.777  1.00 0.00 ? 5 TYR A CZ   16 
ATOM 1693 O OH   . TYR A 1 5 ? 0.702  0.078  10.090 1.00 0.00 ? 5 TYR A OH   16 
ATOM 1694 H H    . TYR A 1 5 ? 1.135  -1.485 4.177  1.00 0.00 ? 5 TYR A H    16 
ATOM 1695 H HA   . TYR A 1 5 ? -0.531 0.283  2.625  1.00 0.00 ? 5 TYR A HA   16 
ATOM 1696 H HB2  . TYR A 1 5 ? -1.861 0.587  4.627  1.00 0.00 ? 5 TYR A HB2  16 
ATOM 1697 H HB3  . TYR A 1 5 ? -1.467 -1.113 4.514  1.00 0.00 ? 5 TYR A HB3  16 
ATOM 1698 H HD1  . TYR A 1 5 ? 0.487  -1.954 6.043  1.00 0.00 ? 5 TYR A HD1  16 
ATOM 1699 H HD2  . TYR A 1 5 ? -1.490 1.777  6.545  1.00 0.00 ? 5 TYR A HD2  16 
ATOM 1700 H HE1  . TYR A 1 5 ? 1.235  -1.872 8.394  1.00 0.00 ? 5 TYR A HE1  16 
ATOM 1701 H HE2  . TYR A 1 5 ? -0.747 1.873  8.875  1.00 0.00 ? 5 TYR A HE2  16 
ATOM 1702 H HH   . TYR A 1 5 ? 1.608  -0.244 10.158 1.00 0.00 ? 5 TYR A HH   16 
ATOM 1703 N N    . PRO A 1 6 ? 0.235  2.655  3.516  1.00 0.00 ? 6 PRO A N    16 
ATOM 1704 C CA   . PRO A 1 6 ? -1.118 2.873  2.947  1.00 0.00 ? 6 PRO A CA   16 
ATOM 1705 C C    . PRO A 1 6 ? -1.274 2.363  1.497  1.00 0.00 ? 6 PRO A C    16 
ATOM 1706 O O    . PRO A 1 6 ? -0.284 2.074  0.821  1.00 0.00 ? 6 PRO A O    16 
ATOM 1707 C CB   . PRO A 1 6 ? -1.293 4.399  3.008  1.00 0.00 ? 6 PRO A CB   16 
ATOM 1708 C CG   . PRO A 1 6 ? -0.181 4.893  3.867  1.00 0.00 ? 6 PRO A CG   16 
ATOM 1709 C CD   . PRO A 1 6 ? 0.939  3.929  3.671  1.00 0.00 ? 6 PRO A CD   16 
ATOM 1710 H HA   . PRO A 1 6 ? -1.862 2.395  3.567  1.00 0.00 ? 6 PRO A HA   16 
ATOM 1711 H HB2  . PRO A 1 6 ? -1.222 4.801  2.010  1.00 0.00 ? 6 PRO A HB2  16 
ATOM 1712 H HB3  . PRO A 1 6 ? -2.254 4.640  3.435  1.00 0.00 ? 6 PRO A HB3  16 
ATOM 1713 H HG2  . PRO A 1 6 ? 0.117  5.883  3.555  1.00 0.00 ? 6 PRO A HG2  16 
ATOM 1714 H HG3  . PRO A 1 6 ? -0.489 4.903  4.902  1.00 0.00 ? 6 PRO A HG3  16 
ATOM 1715 H HD2  . PRO A 1 6 ? 1.500  4.174  2.782  1.00 0.00 ? 6 PRO A HD2  16 
ATOM 1716 H HD3  . PRO A 1 6 ? 1.582  3.908  4.537  1.00 0.00 ? 6 PRO A HD3  16 
ATOM 1717 N N    . ASP A 1 7 ? -2.533 2.251  1.039  1.00 0.00 ? 7 ASP A N    16 
ATOM 1718 C CA   . ASP A 1 7 ? -2.848 1.686  -0.288 1.00 0.00 ? 7 ASP A CA   16 
ATOM 1719 C C    . ASP A 1 7 ? -2.181 2.468  -1.408 1.00 0.00 ? 7 ASP A C    16 
ATOM 1720 O O    . ASP A 1 7 ? -1.905 3.667  -1.284 1.00 0.00 ? 7 ASP A O    16 
ATOM 1721 C CB   . ASP A 1 7 ? -4.370 1.583  -0.559 1.00 0.00 ? 7 ASP A CB   16 
ATOM 1722 C CG   . ASP A 1 7 ? -5.026 2.885  -1.000 1.00 0.00 ? 7 ASP A CG   16 
ATOM 1723 O OD1  . ASP A 1 7 ? -5.370 3.713  -0.144 1.00 0.00 ? 7 ASP A OD1  16 
ATOM 1724 O OD2  . ASP A 1 7 ? -5.244 3.082  -2.217 1.00 0.00 ? 7 ASP A OD2  16 
ATOM 1725 H H    . ASP A 1 7 ? -3.265 2.578  1.601  1.00 0.00 ? 7 ASP A H    16 
ATOM 1726 H HA   . ASP A 1 7 ? -2.430 0.691  -0.295 1.00 0.00 ? 7 ASP A HA   16 
ATOM 1727 H HB2  . ASP A 1 7 ? -4.538 0.851  -1.334 1.00 0.00 ? 7 ASP A HB2  16 
ATOM 1728 H HB3  . ASP A 1 7 ? -4.854 1.246  0.346  1.00 0.00 ? 7 ASP A HB3  16 
ATOM 1729 N N    . GLY A 1 1 ? -1.914 1.398  -2.704 1.00 0.00 ? 1 GLY A N    17 
ATOM 1730 C CA   . GLY A 1 1 ? -1.170 2.426  -3.372 1.00 0.00 ? 1 GLY A CA   17 
ATOM 1731 C C    . GLY A 1 1 ? 0.247  1.967  -3.493 1.00 0.00 ? 1 GLY A C    17 
ATOM 1732 O O    . GLY A 1 1 ? 0.818  1.921  -4.575 1.00 0.00 ? 1 GLY A O    17 
ATOM 1733 H H1   . GLY A 1 1 ? -1.813 0.473  -3.017 1.00 0.00 ? 1 GLY A H1   17 
ATOM 1734 H HA2  . GLY A 1 1 ? -1.596 2.596  -4.351 1.00 0.00 ? 1 GLY A HA2  17 
ATOM 1735 H HA3  . GLY A 1 1 ? -1.200 3.335  -2.792 1.00 0.00 ? 1 GLY A HA3  17 
ATOM 1736 N N    . LEU A 1 2 ? 0.799  1.615  -2.367 1.00 0.00 ? 2 LEU A N    17 
ATOM 1737 C CA   . LEU A 1 2 ? 2.104  1.009  -2.276 1.00 0.00 ? 2 LEU A CA   17 
ATOM 1738 C C    . LEU A 1 2 ? 1.859  -0.445 -1.916 1.00 0.00 ? 2 LEU A C    17 
ATOM 1739 O O    . LEU A 1 2 ? 0.735  -0.772 -1.506 1.00 0.00 ? 2 LEU A O    17 
ATOM 1740 C CB   . LEU A 1 2 ? 2.942  1.685  -1.178 1.00 0.00 ? 2 LEU A CB   17 
ATOM 1741 C CG   . LEU A 1 2 ? 3.175  3.198  -1.313 1.00 0.00 ? 2 LEU A CG   17 
ATOM 1742 C CD1  . LEU A 1 2 ? 4.016  3.711  -0.157 1.00 0.00 ? 2 LEU A CD1  17 
ATOM 1743 C CD2  . LEU A 1 2 ? 3.838  3.542  -2.639 1.00 0.00 ? 2 LEU A CD2  17 
ATOM 1744 H H    . LEU A 1 2 ? 0.295  1.723  -1.534 1.00 0.00 ? 2 LEU A H    17 
ATOM 1745 H HA   . LEU A 1 2 ? 2.599  1.075  -3.233 1.00 0.00 ? 2 LEU A HA   17 
ATOM 1746 H HB2  . LEU A 1 2 ? 2.456  1.504  -0.231 1.00 0.00 ? 2 LEU A HB2  17 
ATOM 1747 H HB3  . LEU A 1 2 ? 3.908  1.203  -1.150 1.00 0.00 ? 2 LEU A HB3  17 
ATOM 1748 H HG   . LEU A 1 2 ? 2.217  3.696  -1.270 1.00 0.00 ? 2 LEU A HG   17 
ATOM 1749 H HD11 . LEU A 1 2 ? 4.970  3.204  -0.153 1.00 0.00 ? 2 LEU A HD11 17 
ATOM 1750 H HD12 . LEU A 1 2 ? 3.504  3.521  0.774  1.00 0.00 ? 2 LEU A HD12 17 
ATOM 1751 H HD13 . LEU A 1 2 ? 4.175  4.772  -0.270 1.00 0.00 ? 2 LEU A HD13 17 
ATOM 1752 H HD21 . LEU A 1 2 ? 3.196  3.228  -3.450 1.00 0.00 ? 2 LEU A HD21 17 
ATOM 1753 H HD22 . LEU A 1 2 ? 4.789  3.036  -2.712 1.00 0.00 ? 2 LEU A HD22 17 
ATOM 1754 H HD23 . LEU A 1 2 ? 3.993  4.609  -2.697 1.00 0.00 ? 2 LEU A HD23 17 
ATOM 1755 N N    . TYR A 1 3 ? 2.842  -1.321 -2.091 1.00 0.00 ? 3 TYR A N    17 
ATOM 1756 C CA   . TYR A 1 3 ? 2.660  -2.736 -1.704 1.00 0.00 ? 3 TYR A CA   17 
ATOM 1757 C C    . TYR A 1 3 ? 2.323  -2.816 -0.206 1.00 0.00 ? 3 TYR A C    17 
ATOM 1758 O O    . TYR A 1 3 ? 1.363  -3.494 0.171  1.00 0.00 ? 3 TYR A O    17 
ATOM 1759 C CB   . TYR A 1 3 ? 3.880  -3.628 -2.030 1.00 0.00 ? 3 TYR A CB   17 
ATOM 1760 C CG   . TYR A 1 3 ? 4.425  -3.438 -3.405 1.00 0.00 ? 3 TYR A CG   17 
ATOM 1761 C CD1  . TYR A 1 3 ? 5.367  -2.467 -3.637 1.00 0.00 ? 3 TYR A CD1  17 
ATOM 1762 C CD2  . TYR A 1 3 ? 4.002  -4.216 -4.463 1.00 0.00 ? 3 TYR A CD2  17 
ATOM 1763 C CE1  . TYR A 1 3 ? 5.884  -2.261 -4.897 1.00 0.00 ? 3 TYR A CE1  17 
ATOM 1764 C CE2  . TYR A 1 3 ? 4.508  -4.027 -5.728 1.00 0.00 ? 3 TYR A CE2  17 
ATOM 1765 C CZ   . TYR A 1 3 ? 5.450  -3.045 -5.941 1.00 0.00 ? 3 TYR A CZ   17 
ATOM 1766 O OH   . TYR A 1 3 ? 5.960  -2.848 -7.207 1.00 0.00 ? 3 TYR A OH   17 
ATOM 1767 H H    . TYR A 1 3 ? 3.691  -1.009 -2.471 1.00 0.00 ? 3 TYR A H    17 
ATOM 1768 H HA   . TYR A 1 3 ? 1.791  -3.087 -2.242 1.00 0.00 ? 3 TYR A HA   17 
ATOM 1769 H HB2  . TYR A 1 3 ? 4.685  -3.480 -1.329 1.00 0.00 ? 3 TYR A HB2  17 
ATOM 1770 H HB3  . TYR A 1 3 ? 3.564  -4.658 -1.954 1.00 0.00 ? 3 TYR A HB3  17 
ATOM 1771 H HD1  . TYR A 1 3 ? 5.673  -1.878 -2.781 1.00 0.00 ? 3 TYR A HD1  17 
ATOM 1772 H HD2  . TYR A 1 3 ? 3.264  -4.983 -4.281 1.00 0.00 ? 3 TYR A HD2  17 
ATOM 1773 H HE1  . TYR A 1 3 ? 6.624  -1.490 -5.059 1.00 0.00 ? 3 TYR A HE1  17 
ATOM 1774 H HE2  . TYR A 1 3 ? 4.166  -4.645 -6.543 1.00 0.00 ? 3 TYR A HE2  17 
ATOM 1775 H HH   . TYR A 1 3 ? 6.922  -2.798 -7.125 1.00 0.00 ? 3 TYR A HH   17 
ATOM 1776 N N    . PRO A 1 4 ? 3.106  -2.139 0.693  1.00 0.00 ? 4 PRO A N    17 
ATOM 1777 C CA   . PRO A 1 4 ? 2.723  -2.015 2.091  1.00 0.00 ? 4 PRO A CA   17 
ATOM 1778 C C    . PRO A 1 4 ? 1.416  -1.220 2.199  1.00 0.00 ? 4 PRO A C    17 
ATOM 1779 O O    . PRO A 1 4 ? 1.328  -0.096 1.688  1.00 0.00 ? 4 PRO A O    17 
ATOM 1780 C CB   . PRO A 1 4 ? 3.878  -1.196 2.686  1.00 0.00 ? 4 PRO A CB   17 
ATOM 1781 C CG   . PRO A 1 4 ? 5.018  -1.472 1.806  1.00 0.00 ? 4 PRO A CG   17 
ATOM 1782 C CD   . PRO A 1 4 ? 4.425  -1.482 0.454  1.00 0.00 ? 4 PRO A CD   17 
ATOM 1783 H HA   . PRO A 1 4 ? 2.636  -2.971 2.586  1.00 0.00 ? 4 PRO A HA   17 
ATOM 1784 H HB2  . PRO A 1 4 ? 3.624  -0.150 2.612  1.00 0.00 ? 4 PRO A HB2  17 
ATOM 1785 H HB3  . PRO A 1 4 ? 4.075  -1.491 3.703  1.00 0.00 ? 4 PRO A HB3  17 
ATOM 1786 H HG2  . PRO A 1 4 ? 5.760  -0.693 1.899  1.00 0.00 ? 4 PRO A HG2  17 
ATOM 1787 H HG3  . PRO A 1 4 ? 5.444  -2.437 2.035  1.00 0.00 ? 4 PRO A HG3  17 
ATOM 1788 H HD2  . PRO A 1 4 ? 4.303  -0.468 0.101  1.00 0.00 ? 4 PRO A HD2  17 
ATOM 1789 H HD3  . PRO A 1 4 ? 5.042  -2.050 -0.221 1.00 0.00 ? 4 PRO A HD3  17 
ATOM 1790 N N    . TYR A 1 5 ? 0.416  -1.809 2.838  1.00 0.00 ? 5 TYR A N    17 
ATOM 1791 C CA   . TYR A 1 5 ? -0.894 -1.190 2.999  1.00 0.00 ? 5 TYR A CA   17 
ATOM 1792 C C    . TYR A 1 5 ? -0.776 0.110  3.804  1.00 0.00 ? 5 TYR A C    17 
ATOM 1793 O O    . TYR A 1 5 ? 0.127  0.228  4.657  1.00 0.00 ? 5 TYR A O    17 
ATOM 1794 C CB   . TYR A 1 5 ? -1.863 -2.162 3.679  1.00 0.00 ? 5 TYR A CB   17 
ATOM 1795 C CG   . TYR A 1 5 ? -2.139 -3.424 2.885  1.00 0.00 ? 5 TYR A CG   17 
ATOM 1796 C CD1  . TYR A 1 5 ? -3.197 -3.489 1.991  1.00 0.00 ? 5 TYR A CD1  17 
ATOM 1797 C CD2  . TYR A 1 5 ? -1.345 -4.549 3.042  1.00 0.00 ? 5 TYR A CD2  17 
ATOM 1798 C CE1  . TYR A 1 5 ? -3.451 -4.643 1.275  1.00 0.00 ? 5 TYR A CE1  17 
ATOM 1799 C CE2  . TYR A 1 5 ? -1.591 -5.705 2.330  1.00 0.00 ? 5 TYR A CE2  17 
ATOM 1800 C CZ   . TYR A 1 5 ? -2.643 -5.747 1.450  1.00 0.00 ? 5 TYR A CZ   17 
ATOM 1801 O OH   . TYR A 1 5 ? -2.897 -6.898 0.733  1.00 0.00 ? 5 TYR A OH   17 
ATOM 1802 H H    . TYR A 1 5 ? 0.565  -2.692 3.232  1.00 0.00 ? 5 TYR A H    17 
ATOM 1803 H HA   . TYR A 1 5 ? -1.267 -0.950 2.013  1.00 0.00 ? 5 TYR A HA   17 
ATOM 1804 H HB2  . TYR A 1 5 ? -1.447 -2.462 4.628  1.00 0.00 ? 5 TYR A HB2  17 
ATOM 1805 H HB3  . TYR A 1 5 ? -2.805 -1.662 3.851  1.00 0.00 ? 5 TYR A HB3  17 
ATOM 1806 H HD1  . TYR A 1 5 ? -3.826 -2.623 1.856  1.00 0.00 ? 5 TYR A HD1  17 
ATOM 1807 H HD2  . TYR A 1 5 ? -0.521 -4.503 3.736  1.00 0.00 ? 5 TYR A HD2  17 
ATOM 1808 H HE1  . TYR A 1 5 ? -4.277 -4.679 0.581  1.00 0.00 ? 5 TYR A HE1  17 
ATOM 1809 H HE2  . TYR A 1 5 ? -0.956 -6.570 2.467  1.00 0.00 ? 5 TYR A HE2  17 
ATOM 1810 H HH   . TYR A 1 5 ? -3.084 -6.605 -0.167 1.00 0.00 ? 5 TYR A HH   17 
ATOM 1811 N N    . PRO A 1 6 ? -1.667 1.102  3.593  1.00 0.00 ? 6 PRO A N    17 
ATOM 1812 C CA   . PRO A 1 6 ? -2.848 1.016  2.695  1.00 0.00 ? 6 PRO A CA   17 
ATOM 1813 C C    . PRO A 1 6 ? -2.499 0.927  1.199  1.00 0.00 ? 6 PRO A C    17 
ATOM 1814 O O    . PRO A 1 6 ? -1.352 1.154  0.805  1.00 0.00 ? 6 PRO A O    17 
ATOM 1815 C CB   . PRO A 1 6 ? -3.632 2.306  2.981  1.00 0.00 ? 6 PRO A CB   17 
ATOM 1816 C CG   . PRO A 1 6 ? -2.985 2.921  4.179  1.00 0.00 ? 6 PRO A CG   17 
ATOM 1817 C CD   . PRO A 1 6 ? -1.571 2.429  4.201  1.00 0.00 ? 6 PRO A CD   17 
ATOM 1818 H HA   . PRO A 1 6 ? -3.452 0.162  2.957  1.00 0.00 ? 6 PRO A HA   17 
ATOM 1819 H HB2  . PRO A 1 6 ? -3.562 2.959  2.124  1.00 0.00 ? 6 PRO A HB2  17 
ATOM 1820 H HB3  . PRO A 1 6 ? -4.668 2.068  3.171  1.00 0.00 ? 6 PRO A HB3  17 
ATOM 1821 H HG2  . PRO A 1 6 ? -3.002 3.997  4.090  1.00 0.00 ? 6 PRO A HG2  17 
ATOM 1822 H HG3  . PRO A 1 6 ? -3.503 2.618  5.076  1.00 0.00 ? 6 PRO A HG3  17 
ATOM 1823 H HD2  . PRO A 1 6 ? -0.935 3.075  3.614  1.00 0.00 ? 6 PRO A HD2  17 
ATOM 1824 H HD3  . PRO A 1 6 ? -1.207 2.361  5.215  1.00 0.00 ? 6 PRO A HD3  17 
ATOM 1825 N N    . ASP A 1 7 ? -3.493 0.558  0.390  1.00 0.00 ? 7 ASP A N    17 
ATOM 1826 C CA   . ASP A 1 7 ? -3.332 0.411  -1.070 1.00 0.00 ? 7 ASP A CA   17 
ATOM 1827 C C    . ASP A 1 7 ? -2.699 1.640  -1.708 1.00 0.00 ? 7 ASP A C    17 
ATOM 1828 O O    . ASP A 1 7 ? -2.915 2.783  -1.275 1.00 0.00 ? 7 ASP A O    17 
ATOM 1829 C CB   . ASP A 1 7 ? -4.661 0.088  -1.776 1.00 0.00 ? 7 ASP A CB   17 
ATOM 1830 C CG   . ASP A 1 7 ? -5.175 -1.311 -1.514 1.00 0.00 ? 7 ASP A CG   17 
ATOM 1831 O OD1  . ASP A 1 7 ? -5.916 -1.517 -0.523 1.00 0.00 ? 7 ASP A OD1  17 
ATOM 1832 O OD2  . ASP A 1 7 ? -4.862 -2.235 -2.300 1.00 0.00 ? 7 ASP A OD2  17 
ATOM 1833 H H    . ASP A 1 7 ? -4.373 0.395  0.790  1.00 0.00 ? 7 ASP A H    17 
ATOM 1834 H HA   . ASP A 1 7 ? -2.656 -0.420 -1.217 1.00 0.00 ? 7 ASP A HA   17 
ATOM 1835 H HB2  . ASP A 1 7 ? -5.410 0.785  -1.433 1.00 0.00 ? 7 ASP A HB2  17 
ATOM 1836 H HB3  . ASP A 1 7 ? -4.529 0.213  -2.840 1.00 0.00 ? 7 ASP A HB3  17 
ATOM 1837 N N    . GLY A 1 1 ? -1.657 2.464  -2.171 1.00 0.00 ? 1 GLY A N    18 
ATOM 1838 C CA   . GLY A 1 1 ? -1.370 1.993  -3.510 1.00 0.00 ? 1 GLY A CA   18 
ATOM 1839 C C    . GLY A 1 1 ? -0.007 1.330  -3.566 1.00 0.00 ? 1 GLY A C    18 
ATOM 1840 O O    . GLY A 1 1 ? 0.295  0.567  -4.496 1.00 0.00 ? 1 GLY A O    18 
ATOM 1841 H H1   . GLY A 1 1 ? -1.606 3.424  -1.978 1.00 0.00 ? 1 GLY A H1   18 
ATOM 1842 H HA2  . GLY A 1 1 ? -2.126 1.279  -3.801 1.00 0.00 ? 1 GLY A HA2  18 
ATOM 1843 H HA3  . GLY A 1 1 ? -1.382 2.826  -4.195 1.00 0.00 ? 1 GLY A HA3  18 
ATOM 1844 N N    . LEU A 1 2 ? 0.825  1.645  -2.581 1.00 0.00 ? 2 LEU A N    18 
ATOM 1845 C CA   . LEU A 1 2 ? 2.116  1.008  -2.419 1.00 0.00 ? 2 LEU A CA   18 
ATOM 1846 C C    . LEU A 1 2 ? 1.923  -0.432 -1.969 1.00 0.00 ? 2 LEU A C    18 
ATOM 1847 O O    . LEU A 1 2 ? 0.828  -0.810 -1.531 1.00 0.00 ? 2 LEU A O    18 
ATOM 1848 C CB   . LEU A 1 2 ? 2.991  1.743  -1.398 1.00 0.00 ? 2 LEU A CB   18 
ATOM 1849 C CG   . LEU A 1 2 ? 3.382  3.176  -1.727 1.00 0.00 ? 2 LEU A CG   18 
ATOM 1850 C CD1  . LEU A 1 2 ? 4.249  3.748  -0.616 1.00 0.00 ? 2 LEU A CD1  18 
ATOM 1851 C CD2  . LEU A 1 2 ? 4.107  3.247  -3.065 1.00 0.00 ? 2 LEU A CD2  18 
ATOM 1852 H H    . LEU A 1 2 ? 0.545  2.339  -1.942 1.00 0.00 ? 2 LEU A H    18 
ATOM 1853 H HA   . LEU A 1 2 ? 2.612  1.007  -3.378 1.00 0.00 ? 2 LEU A HA   18 
ATOM 1854 H HB2  . LEU A 1 2 ? 2.472  1.749  -0.450 1.00 0.00 ? 2 LEU A HB2  18 
ATOM 1855 H HB3  . LEU A 1 2 ? 3.901  1.174  -1.278 1.00 0.00 ? 2 LEU A HB3  18 
ATOM 1856 H HG   . LEU A 1 2 ? 2.485  3.771  -1.788 1.00 0.00 ? 2 LEU A HG   18 
ATOM 1857 H HD11 . LEU A 1 2 ? 5.140  3.147  -0.509 1.00 0.00 ? 2 LEU A HD11 18 
ATOM 1858 H HD12 . LEU A 1 2 ? 3.697  3.744  0.313  1.00 0.00 ? 2 LEU A HD12 18 
ATOM 1859 H HD13 . LEU A 1 2 ? 4.530  4.762  -0.861 1.00 0.00 ? 2 LEU A HD13 18 
ATOM 1860 H HD21 . LEU A 1 2 ? 4.379  4.270  -3.273 1.00 0.00 ? 2 LEU A HD21 18 
ATOM 1861 H HD22 . LEU A 1 2 ? 3.459  2.887  -3.849 1.00 0.00 ? 2 LEU A HD22 18 
ATOM 1862 H HD23 . LEU A 1 2 ? 5.000  2.639  -3.023 1.00 0.00 ? 2 LEU A HD23 18 
ATOM 1863 N N    . TYR A 1 3 ? 2.971  -1.226 -2.104 1.00 0.00 ? 3 TYR A N    18 
ATOM 1864 C CA   . TYR A 1 3 ? 2.958  -2.633 -1.702 1.00 0.00 ? 3 TYR A CA   18 
ATOM 1865 C C    . TYR A 1 3 ? 2.490  -2.793 -0.228 1.00 0.00 ? 3 TYR A C    18 
ATOM 1866 O O    . TYR A 1 3 ? 1.645  -3.649 0.047  1.00 0.00 ? 3 TYR A O    18 
ATOM 1867 C CB   . TYR A 1 3 ? 4.332  -3.286 -1.859 1.00 0.00 ? 3 TYR A CB   18 
ATOM 1868 C CG   . TYR A 1 3 ? 5.080  -2.938 -3.112 1.00 0.00 ? 3 TYR A CG   18 
ATOM 1869 C CD1  . TYR A 1 3 ? 6.134  -2.054 -3.051 1.00 0.00 ? 3 TYR A CD1  18 
ATOM 1870 C CD2  . TYR A 1 3 ? 4.758  -3.496 -4.337 1.00 0.00 ? 3 TYR A CD2  18 
ATOM 1871 C CE1  . TYR A 1 3 ? 6.859  -1.730 -4.166 1.00 0.00 ? 3 TYR A CE1  18 
ATOM 1872 C CE2  . TYR A 1 3 ? 5.476  -3.172 -5.469 1.00 0.00 ? 3 TYR A CE2  18 
ATOM 1873 C CZ   . TYR A 1 3 ? 6.528  -2.288 -5.373 1.00 0.00 ? 3 TYR A CZ   18 
ATOM 1874 O OH   . TYR A 1 3 ? 7.279  -1.979 -6.489 1.00 0.00 ? 3 TYR A OH   18 
ATOM 1875 H H    . TYR A 1 3 ? 3.786  -0.856 -2.502 1.00 0.00 ? 3 TYR A H    18 
ATOM 1876 H HA   . TYR A 1 3 ? 2.249  -3.143 -2.339 1.00 0.00 ? 3 TYR A HA   18 
ATOM 1877 H HB2  . TYR A 1 3 ? 4.951  -2.984 -1.029 1.00 0.00 ? 3 TYR A HB2  18 
ATOM 1878 H HB3  . TYR A 1 3 ? 4.211  -4.359 -1.828 1.00 0.00 ? 3 TYR A HB3  18 
ATOM 1879 H HD1  . TYR A 1 3 ? 6.381  -1.623 -2.092 1.00 0.00 ? 3 TYR A HD1  18 
ATOM 1880 H HD2  . TYR A 1 3 ? 3.931  -4.185 -4.398 1.00 0.00 ? 3 TYR A HD2  18 
ATOM 1881 H HE1  . TYR A 1 3 ? 7.681  -1.035 -4.091 1.00 0.00 ? 3 TYR A HE1  18 
ATOM 1882 H HE2  . TYR A 1 3 ? 5.214  -3.612 -6.420 1.00 0.00 ? 3 TYR A HE2  18 
ATOM 1883 H HH   . TYR A 1 3 ? 6.683  -1.876 -7.244 1.00 0.00 ? 3 TYR A HH   18 
ATOM 1884 N N    . PRO A 1 4 ? 3.060  -2.028 0.765  1.00 0.00 ? 4 PRO A N    18 
ATOM 1885 C CA   . PRO A 1 4 ? 2.562  -2.074 2.132  1.00 0.00 ? 4 PRO A CA   18 
ATOM 1886 C C    . PRO A 1 4 ? 1.126  -1.534 2.204  1.00 0.00 ? 4 PRO A C    18 
ATOM 1887 O O    . PRO A 1 4 ? 0.862  -0.359 1.912  1.00 0.00 ? 4 PRO A O    18 
ATOM 1888 C CB   . PRO A 1 4 ? 3.531  -1.173 2.910  1.00 0.00 ? 4 PRO A CB   18 
ATOM 1889 C CG   . PRO A 1 4 ? 4.125  -0.281 1.884  1.00 0.00 ? 4 PRO A CG   18 
ATOM 1890 C CD   . PRO A 1 4 ? 4.233  -1.122 0.659  1.00 0.00 ? 4 PRO A CD   18 
ATOM 1891 H HA   . PRO A 1 4 ? 2.586  -3.082 2.519  1.00 0.00 ? 4 PRO A HA   18 
ATOM 1892 H HB2  . PRO A 1 4 ? 2.996  -0.617 3.665  1.00 0.00 ? 4 PRO A HB2  18 
ATOM 1893 H HB3  . PRO A 1 4 ? 4.290  -1.789 3.368  1.00 0.00 ? 4 PRO A HB3  18 
ATOM 1894 H HG2  . PRO A 1 4 ? 3.474  0.563  1.709  1.00 0.00 ? 4 PRO A HG2  18 
ATOM 1895 H HG3  . PRO A 1 4 ? 5.102  0.052  2.200  1.00 0.00 ? 4 PRO A HG3  18 
ATOM 1896 H HD2  . PRO A 1 4 ? 4.178  -0.520 -0.236 1.00 0.00 ? 4 PRO A HD2  18 
ATOM 1897 H HD3  . PRO A 1 4 ? 5.149  -1.691 0.679  1.00 0.00 ? 4 PRO A HD3  18 
ATOM 1898 N N    . TYR A 1 5 ? 0.219  -2.386 2.578  1.00 0.00 ? 5 TYR A N    18 
ATOM 1899 C CA   . TYR A 1 5 ? -1.180 -2.047 2.611  1.00 0.00 ? 5 TYR A CA   18 
ATOM 1900 C C    . TYR A 1 5 ? -1.560 -1.476 3.979  1.00 0.00 ? 5 TYR A C    18 
ATOM 1901 O O    . TYR A 1 5 ? -0.878 -1.746 4.969  1.00 0.00 ? 5 TYR A O    18 
ATOM 1902 C CB   . TYR A 1 5 ? -2.043 -3.286 2.250  1.00 0.00 ? 5 TYR A CB   18 
ATOM 1903 C CG   . TYR A 1 5 ? -1.836 -4.504 3.137  1.00 0.00 ? 5 TYR A CG   18 
ATOM 1904 C CD1  . TYR A 1 5 ? -2.653 -4.737 4.235  1.00 0.00 ? 5 TYR A CD1  18 
ATOM 1905 C CD2  . TYR A 1 5 ? -0.830 -5.423 2.866  1.00 0.00 ? 5 TYR A CD2  18 
ATOM 1906 C CE1  . TYR A 1 5 ? -2.473 -5.845 5.037  1.00 0.00 ? 5 TYR A CE1  18 
ATOM 1907 C CE2  . TYR A 1 5 ? -0.643 -6.531 3.663  1.00 0.00 ? 5 TYR A CE2  18 
ATOM 1908 C CZ   . TYR A 1 5 ? -1.466 -6.740 4.748  1.00 0.00 ? 5 TYR A CZ   18 
ATOM 1909 O OH   . TYR A 1 5 ? -1.282 -7.854 5.550  1.00 0.00 ? 5 TYR A OH   18 
ATOM 1910 H H    . TYR A 1 5 ? 0.504  -3.276 2.878  1.00 0.00 ? 5 TYR A H    18 
ATOM 1911 H HA   . TYR A 1 5 ? -1.341 -1.284 1.864  1.00 0.00 ? 5 TYR A HA   18 
ATOM 1912 H HB2  . TYR A 1 5 ? -3.086 -3.024 2.318  1.00 0.00 ? 5 TYR A HB2  18 
ATOM 1913 H HB3  . TYR A 1 5 ? -1.821 -3.575 1.234  1.00 0.00 ? 5 TYR A HB3  18 
ATOM 1914 H HD1  . TYR A 1 5 ? -3.440 -4.033 4.461  1.00 0.00 ? 5 TYR A HD1  18 
ATOM 1915 H HD2  . TYR A 1 5 ? -0.184 -5.259 2.015  1.00 0.00 ? 5 TYR A HD2  18 
ATOM 1916 H HE1  . TYR A 1 5 ? -3.121 -6.004 5.886  1.00 0.00 ? 5 TYR A HE1  18 
ATOM 1917 H HE2  . TYR A 1 5 ? 0.147  -7.231 3.436  1.00 0.00 ? 5 TYR A HE2  18 
ATOM 1918 H HH   . TYR A 1 5 ? -2.156 -8.203 5.764  1.00 0.00 ? 5 TYR A HH   18 
ATOM 1919 N N    . PRO A 1 6 ? -2.621 -0.658 4.057  1.00 0.00 ? 6 PRO A N    18 
ATOM 1920 C CA   . PRO A 1 6 ? -3.407 -0.228 2.907  1.00 0.00 ? 6 PRO A CA   18 
ATOM 1921 C C    . PRO A 1 6 ? -2.905 1.093  2.299  1.00 0.00 ? 6 PRO A C    18 
ATOM 1922 O O    . PRO A 1 6 ? -2.781 2.113  3.001  1.00 0.00 ? 6 PRO A O    18 
ATOM 1923 C CB   . PRO A 1 6 ? -4.820 -0.037 3.502  1.00 0.00 ? 6 PRO A CB   18 
ATOM 1924 C CG   . PRO A 1 6 ? -4.663 -0.181 4.999  1.00 0.00 ? 6 PRO A CG   18 
ATOM 1925 C CD   . PRO A 1 6 ? -3.187 -0.129 5.286  1.00 0.00 ? 6 PRO A CD   18 
ATOM 1926 H HA   . PRO A 1 6 ? -3.444 -0.984 2.138  1.00 0.00 ? 6 PRO A HA   18 
ATOM 1927 H HB2  . PRO A 1 6 ? -5.187 0.945  3.240  1.00 0.00 ? 6 PRO A HB2  18 
ATOM 1928 H HB3  . PRO A 1 6 ? -5.485 -0.788 3.104  1.00 0.00 ? 6 PRO A HB3  18 
ATOM 1929 H HG2  . PRO A 1 6 ? -5.169 0.628  5.502  1.00 0.00 ? 6 PRO A HG2  18 
ATOM 1930 H HG3  . PRO A 1 6 ? -5.073 -1.129 5.318  1.00 0.00 ? 6 PRO A HG3  18 
ATOM 1931 H HD2  . PRO A 1 6 ? -2.870 0.890  5.456  1.00 0.00 ? 6 PRO A HD2  18 
ATOM 1932 H HD3  . PRO A 1 6 ? -2.937 -0.754 6.129  1.00 0.00 ? 6 PRO A HD3  18 
ATOM 1933 N N    . ASP A 1 7 ? -2.597 1.044  1.013  1.00 0.00 ? 7 ASP A N    18 
ATOM 1934 C CA   . ASP A 1 7 ? -2.178 2.191  0.195  1.00 0.00 ? 7 ASP A CA   18 
ATOM 1935 C C    . ASP A 1 7 ? -1.948 1.629  -1.197 1.00 0.00 ? 7 ASP A C    18 
ATOM 1936 O O    . ASP A 1 7 ? -2.062 0.412  -1.371 1.00 0.00 ? 7 ASP A O    18 
ATOM 1937 C CB   . ASP A 1 7 ? -0.868 2.861  0.728  1.00 0.00 ? 7 ASP A CB   18 
ATOM 1938 C CG   . ASP A 1 7 ? -0.526 4.172  0.011  1.00 0.00 ? 7 ASP A CG   18 
ATOM 1939 O OD1  . ASP A 1 7 ? -1.015 5.242  0.427  1.00 0.00 ? 7 ASP A OD1  18 
ATOM 1940 O OD2  . ASP A 1 7 ? 0.201  4.147  -1.006 1.00 0.00 ? 7 ASP A OD2  18 
ATOM 1941 H H    . ASP A 1 7 ? -2.638 0.188  0.532  1.00 0.00 ? 7 ASP A H    18 
ATOM 1942 H HA   . ASP A 1 7 ? -2.993 2.901  0.160  1.00 0.00 ? 7 ASP A HA   18 
ATOM 1943 H HB2  . ASP A 1 7 ? -0.986 3.073  1.780  1.00 0.00 ? 7 ASP A HB2  18 
ATOM 1944 H HB3  . ASP A 1 7 ? -0.045 2.173  0.598  1.00 0.00 ? 7 ASP A HB3  18 
ATOM 1945 N N    . GLY A 1 1 ? -1.890 1.683  -2.494 1.00 0.00 ? 1 GLY A N    19 
ATOM 1946 C CA   . GLY A 1 1 ? -1.189 2.368  -3.544 1.00 0.00 ? 1 GLY A CA   19 
ATOM 1947 C C    . GLY A 1 1 ? 0.228  1.894  -3.567 1.00 0.00 ? 1 GLY A C    19 
ATOM 1948 O O    . GLY A 1 1 ? 0.876  1.840  -4.610 1.00 0.00 ? 1 GLY A O    19 
ATOM 1949 H H1   . GLY A 1 1 ? -1.894 0.703  -2.501 1.00 0.00 ? 1 GLY A H1   19 
ATOM 1950 H HA2  . GLY A 1 1 ? -1.664 2.160  -4.491 1.00 0.00 ? 1 GLY A HA2  19 
ATOM 1951 H HA3  . GLY A 1 1 ? -1.203 3.431  -3.352 1.00 0.00 ? 1 GLY A HA3  19 
ATOM 1952 N N    . LEU A 1 2 ? 0.695  1.531  -2.406 1.00 0.00 ? 2 LEU A N    19 
ATOM 1953 C CA   . LEU A 1 2 ? 2.008  0.985  -2.219 1.00 0.00 ? 2 LEU A CA   19 
ATOM 1954 C C    . LEU A 1 2 ? 1.838  -0.496 -1.947 1.00 0.00 ? 2 LEU A C    19 
ATOM 1955 O O    . LEU A 1 2 ? 0.705  -0.945 -1.700 1.00 0.00 ? 2 LEU A O    19 
ATOM 1956 C CB   . LEU A 1 2 ? 2.705  1.648  -1.025 1.00 0.00 ? 2 LEU A CB   19 
ATOM 1957 C CG   . LEU A 1 2 ? 2.763  3.182  -1.017 1.00 0.00 ? 2 LEU A CG   19 
ATOM 1958 C CD1  . LEU A 1 2 ? 3.473  3.671  0.227  1.00 0.00 ? 2 LEU A CD1  19 
ATOM 1959 C CD2  . LEU A 1 2 ? 3.448  3.720  -2.265 1.00 0.00 ? 2 LEU A CD2  19 
ATOM 1960 H H    . LEU A 1 2 ? 0.121  1.619  -1.615 1.00 0.00 ? 2 LEU A H    19 
ATOM 1961 H HA   . LEU A 1 2 ? 2.589  1.134  -3.116 1.00 0.00 ? 2 LEU A HA   19 
ATOM 1962 H HB2  . LEU A 1 2 ? 2.202  1.325  -0.124 1.00 0.00 ? 2 LEU A HB2  19 
ATOM 1963 H HB3  . LEU A 1 2 ? 3.718  1.274  -0.997 1.00 0.00 ? 2 LEU A HB3  19 
ATOM 1964 H HG   . LEU A 1 2 ? 1.753  3.564  -0.988 1.00 0.00 ? 2 LEU A HG   19 
ATOM 1965 H HD11 . LEU A 1 2 ? 4.474  3.267  0.251  1.00 0.00 ? 2 LEU A HD11 19 
ATOM 1966 H HD12 . LEU A 1 2 ? 2.930  3.349  1.104  1.00 0.00 ? 2 LEU A HD12 19 
ATOM 1967 H HD13 . LEU A 1 2 ? 3.524  4.749  0.208  1.00 0.00 ? 2 LEU A HD13 19 
ATOM 1968 H HD21 . LEU A 1 2 ? 3.455  4.800  -2.228 1.00 0.00 ? 2 LEU A HD21 19 
ATOM 1969 H HD22 . LEU A 1 2 ? 2.908  3.396  -3.142 1.00 0.00 ? 2 LEU A HD22 19 
ATOM 1970 H HD23 . LEU A 1 2 ? 4.462  3.354  -2.305 1.00 0.00 ? 2 LEU A HD23 19 
ATOM 1971 N N    . TYR A 1 3 ? 2.907  -1.264 -2.056 1.00 0.00 ? 3 TYR A N    19 
ATOM 1972 C CA   . TYR A 1 3 ? 2.850  -2.699 -1.734 1.00 0.00 ? 3 TYR A CA   19 
ATOM 1973 C C    . TYR A 1 3 ? 2.411  -2.887 -0.255 1.00 0.00 ? 3 TYR A C    19 
ATOM 1974 O O    . TYR A 1 3 ? 1.489  -3.675 0.022  1.00 0.00 ? 3 TYR A O    19 
ATOM 1975 C CB   . TYR A 1 3 ? 4.195  -3.404 -2.014 1.00 0.00 ? 3 TYR A CB   19 
ATOM 1976 C CG   . TYR A 1 3 ? 4.783  -3.048 -3.348 1.00 0.00 ? 3 TYR A CG   19 
ATOM 1977 C CD1  . TYR A 1 3 ? 5.773  -2.090 -3.433 1.00 0.00 ? 3 TYR A CD1  19 
ATOM 1978 C CD2  . TYR A 1 3 ? 4.336  -3.640 -4.519 1.00 0.00 ? 3 TYR A CD2  19 
ATOM 1979 C CE1  . TYR A 1 3 ? 6.308  -1.721 -4.650 1.00 0.00 ? 3 TYR A CE1  19 
ATOM 1980 C CE2  . TYR A 1 3 ? 4.869  -3.285 -5.742 1.00 0.00 ? 3 TYR A CE2  19 
ATOM 1981 C CZ   . TYR A 1 3 ? 5.855  -2.322 -5.800 1.00 0.00 ? 3 TYR A CZ   19 
ATOM 1982 O OH   . TYR A 1 3 ? 6.372  -1.941 -7.023 1.00 0.00 ? 3 TYR A OH   19 
ATOM 1983 H H    . TYR A 1 3 ? 3.751  -0.864 -2.353 1.00 0.00 ? 3 TYR A H    19 
ATOM 1984 H HA   . TYR A 1 3 ? 2.076  -3.124 -2.357 1.00 0.00 ? 3 TYR A HA   19 
ATOM 1985 H HB2  . TYR A 1 3 ? 4.914  -3.143 -1.254 1.00 0.00 ? 3 TYR A HB2  19 
ATOM 1986 H HB3  . TYR A 1 3 ? 4.038  -4.473 -1.996 1.00 0.00 ? 3 TYR A HB3  19 
ATOM 1987 H HD1  . TYR A 1 3 ? 6.110  -1.632 -2.513 1.00 0.00 ? 3 TYR A HD1  19 
ATOM 1988 H HD2  . TYR A 1 3 ? 3.562  -4.392 -4.461 1.00 0.00 ? 3 TYR A HD2  19 
ATOM 1989 H HE1  . TYR A 1 3 ? 7.084  -0.972 -4.694 1.00 0.00 ? 3 TYR A HE1  19 
ATOM 1990 H HE2  . TYR A 1 3 ? 4.511  -3.756 -6.646 1.00 0.00 ? 3 TYR A HE2  19 
ATOM 1991 H HH   . TYR A 1 3 ? 7.334  -1.917 -6.957 1.00 0.00 ? 3 TYR A HH   19 
ATOM 1992 N N    . PRO A 1 4 ? 3.055  -2.179 0.732  1.00 0.00 ? 4 PRO A N    19 
ATOM 1993 C CA   . PRO A 1 4 ? 2.563  -2.167 2.095  1.00 0.00 ? 4 PRO A CA   19 
ATOM 1994 C C    . PRO A 1 4 ? 1.518  -1.050 2.249  1.00 0.00 ? 4 PRO A C    19 
ATOM 1995 O O    . PRO A 1 4 ? 1.252  -0.311 1.289  1.00 0.00 ? 4 PRO A O    19 
ATOM 1996 C CB   . PRO A 1 4 ? 3.824  -1.833 2.889  1.00 0.00 ? 4 PRO A CB   19 
ATOM 1997 C CG   . PRO A 1 4 ? 4.552  -0.881 2.016  1.00 0.00 ? 4 PRO A CG   19 
ATOM 1998 C CD   . PRO A 1 4 ? 4.319  -1.372 0.618  1.00 0.00 ? 4 PRO A CD   19 
ATOM 1999 H HA   . PRO A 1 4 ? 2.154  -3.118 2.397  1.00 0.00 ? 4 PRO A HA   19 
ATOM 2000 H HB2  . PRO A 1 4 ? 3.568  -1.397 3.842  1.00 0.00 ? 4 PRO A HB2  19 
ATOM 2001 H HB3  . PRO A 1 4 ? 4.403  -2.735 3.025  1.00 0.00 ? 4 PRO A HB3  19 
ATOM 2002 H HG2  . PRO A 1 4 ? 4.147  0.114  2.141  1.00 0.00 ? 4 PRO A HG2  19 
ATOM 2003 H HG3  . PRO A 1 4 ? 5.606  -0.892 2.248  1.00 0.00 ? 4 PRO A HG3  19 
ATOM 2004 H HD2  . PRO A 1 4 ? 4.192  -0.543 -0.061 1.00 0.00 ? 4 PRO A HD2  19 
ATOM 2005 H HD3  . PRO A 1 4 ? 5.144  -1.994 0.309  1.00 0.00 ? 4 PRO A HD3  19 
ATOM 2006 N N    . TYR A 1 5 ? 0.914  -0.938 3.410  1.00 0.00 ? 5 TYR A N    19 
ATOM 2007 C CA   . TYR A 1 5 ? -0.037 0.144  3.658  1.00 0.00 ? 5 TYR A CA   19 
ATOM 2008 C C    . TYR A 1 5 ? 0.693  1.498  3.637  1.00 0.00 ? 5 TYR A C    19 
ATOM 2009 O O    . TYR A 1 5 ? 1.888  1.566  3.991  1.00 0.00 ? 5 TYR A O    19 
ATOM 2010 C CB   . TYR A 1 5 ? -0.788 -0.063 4.997  1.00 0.00 ? 5 TYR A CB   19 
ATOM 2011 C CG   . TYR A 1 5 ? 0.103  -0.184 6.220  1.00 0.00 ? 5 TYR A CG   19 
ATOM 2012 C CD1  . TYR A 1 5 ? 0.499  -1.422 6.676  1.00 0.00 ? 5 TYR A CD1  19 
ATOM 2013 C CD2  . TYR A 1 5 ? 0.543  0.936  6.910  1.00 0.00 ? 5 TYR A CD2  19 
ATOM 2014 C CE1  . TYR A 1 5 ? 1.304  -1.557 7.778  1.00 0.00 ? 5 TYR A CE1  19 
ATOM 2015 C CE2  . TYR A 1 5 ? 1.352  0.813  8.017  1.00 0.00 ? 5 TYR A CE2  19 
ATOM 2016 C CZ   . TYR A 1 5 ? 1.728  -0.438 8.443  1.00 0.00 ? 5 TYR A CZ   19 
ATOM 2017 O OH   . TYR A 1 5 ? 2.525  -0.570 9.546  1.00 0.00 ? 5 TYR A OH   19 
ATOM 2018 H H    . TYR A 1 5 ? 1.100  -1.598 4.111  1.00 0.00 ? 5 TYR A H    19 
ATOM 2019 H HA   . TYR A 1 5 ? -0.747 0.136  2.844  1.00 0.00 ? 5 TYR A HA   19 
ATOM 2020 H HB2  . TYR A 1 5 ? -1.443 0.779  5.164  1.00 0.00 ? 5 TYR A HB2  19 
ATOM 2021 H HB3  . TYR A 1 5 ? -1.385 -0.961 4.927  1.00 0.00 ? 5 TYR A HB3  19 
ATOM 2022 H HD1  . TYR A 1 5 ? 0.157  -2.295 6.145  1.00 0.00 ? 5 TYR A HD1  19 
ATOM 2023 H HD2  . TYR A 1 5 ? 0.241  1.913  6.564  1.00 0.00 ? 5 TYR A HD2  19 
ATOM 2024 H HE1  . TYR A 1 5 ? 1.600  -2.538 8.115  1.00 0.00 ? 5 TYR A HE1  19 
ATOM 2025 H HE2  . TYR A 1 5 ? 1.688  1.695  8.541  1.00 0.00 ? 5 TYR A HE2  19 
ATOM 2026 H HH   . TYR A 1 5 ? 2.087  -0.110 10.274 1.00 0.00 ? 5 TYR A HH   19 
ATOM 2027 N N    . PRO A 1 6 ? 0.021  2.589  3.220  1.00 0.00 ? 6 PRO A N    19 
ATOM 2028 C CA   . PRO A 1 6 ? -1.380 2.589  2.769  1.00 0.00 ? 6 PRO A CA   19 
ATOM 2029 C C    . PRO A 1 6 ? -1.531 2.201  1.286  1.00 0.00 ? 6 PRO A C    19 
ATOM 2030 O O    . PRO A 1 6 ? -0.540 2.199  0.523  1.00 0.00 ? 6 PRO A O    19 
ATOM 2031 C CB   . PRO A 1 6 ? -1.825 4.050  2.982  1.00 0.00 ? 6 PRO A CB   19 
ATOM 2032 C CG   . PRO A 1 6 ? -0.623 4.774  3.521  1.00 0.00 ? 6 PRO A CG   19 
ATOM 2033 C CD   . PRO A 1 6 ? 0.570  3.932  3.172  1.00 0.00 ? 6 PRO A CD   19 
ATOM 2034 H HA   . PRO A 1 6 ? -1.991 1.934  3.371  1.00 0.00 ? 6 PRO A HA   19 
ATOM 2035 H HB2  . PRO A 1 6 ? -2.146 4.464  2.037  1.00 0.00 ? 6 PRO A HB2  19 
ATOM 2036 H HB3  . PRO A 1 6 ? -2.648 4.078  3.681  1.00 0.00 ? 6 PRO A HB3  19 
ATOM 2037 H HG2  . PRO A 1 6 ? -0.541 5.747  3.060  1.00 0.00 ? 6 PRO A HG2  19 
ATOM 2038 H HG3  . PRO A 1 6 ? -0.709 4.877  4.592  1.00 0.00 ? 6 PRO A HG3  19 
ATOM 2039 H HD2  . PRO A 1 6 ? 0.928  4.169  2.182  1.00 0.00 ? 6 PRO A HD2  19 
ATOM 2040 H HD3  . PRO A 1 6 ? 1.356  4.057  3.903  1.00 0.00 ? 6 PRO A HD3  19 
ATOM 2041 N N    . ASP A 1 7 ? -2.774 1.883  0.896  1.00 0.00 ? 7 ASP A N    19 
ATOM 2042 C CA   . ASP A 1 7 ? -3.138 1.450  -0.472 1.00 0.00 ? 7 ASP A CA   19 
ATOM 2043 C C    . ASP A 1 7 ? -2.511 2.324  -1.548 1.00 0.00 ? 7 ASP A C    19 
ATOM 2044 O O    . ASP A 1 7 ? -2.579 3.560  -1.497 1.00 0.00 ? 7 ASP A O    19 
ATOM 2045 C CB   . ASP A 1 7 ? -4.658 1.423  -0.654 1.00 0.00 ? 7 ASP A CB   19 
ATOM 2046 C CG   . ASP A 1 7 ? -5.065 0.942  -2.027 1.00 0.00 ? 7 ASP A CG   19 
ATOM 2047 O OD1  . ASP A 1 7 ? -5.314 1.760  -2.909 1.00 0.00 ? 7 ASP A OD1  19 
ATOM 2048 O OD2  . ASP A 1 7 ? -5.135 -0.292 -2.247 1.00 0.00 ? 7 ASP A OD2  19 
ATOM 2049 H H    . ASP A 1 7 ? -3.492 1.927  1.562  1.00 0.00 ? 7 ASP A H    19 
ATOM 2050 H HA   . ASP A 1 7 ? -2.766 0.447  -0.606 1.00 0.00 ? 7 ASP A HA   19 
ATOM 2051 H HB2  . ASP A 1 7 ? -5.090 0.756  0.078  1.00 0.00 ? 7 ASP A HB2  19 
ATOM 2052 H HB3  . ASP A 1 7 ? -5.051 2.417  -0.507 1.00 0.00 ? 7 ASP A HB3  19 
ATOM 2053 N N    . GLY A 1 1 ? -1.879 1.479  -2.512 1.00 0.00 ? 1 GLY A N    20 
ATOM 2054 C CA   . GLY A 1 1 ? -1.172 2.411  -3.338 1.00 0.00 ? 1 GLY A CA   20 
ATOM 2055 C C    . GLY A 1 1 ? 0.210  1.901  -3.513 1.00 0.00 ? 1 GLY A C    20 
ATOM 2056 O O    . GLY A 1 1 ? 0.722  1.770  -4.625 1.00 0.00 ? 1 GLY A O    20 
ATOM 2057 H H1   . GLY A 1 1 ? -1.711 0.523  -2.668 1.00 0.00 ? 1 GLY A H1   20 
ATOM 2058 H HA2  . GLY A 1 1 ? -1.662 2.504  -4.297 1.00 0.00 ? 1 GLY A HA2  20 
ATOM 2059 H HA3  . GLY A 1 1 ? -1.128 3.370  -2.849 1.00 0.00 ? 1 GLY A HA3  20 
ATOM 2060 N N    . LEU A 1 2 ? 0.794  1.575  -2.405 1.00 0.00 ? 2 LEU A N    20 
ATOM 2061 C CA   . LEU A 1 2 ? 2.089  0.973  -2.346 1.00 0.00 ? 2 LEU A CA   20 
ATOM 2062 C C    . LEU A 1 2 ? 1.880  -0.475 -1.949 1.00 0.00 ? 2 LEU A C    20 
ATOM 2063 O O    . LEU A 1 2 ? 0.768  -0.825 -1.519 1.00 0.00 ? 2 LEU A O    20 
ATOM 2064 C CB   . LEU A 1 2 ? 2.974  1.690  -1.315 1.00 0.00 ? 2 LEU A CB   20 
ATOM 2065 C CG   . LEU A 1 2 ? 3.209  3.192  -1.544 1.00 0.00 ? 2 LEU A CG   20 
ATOM 2066 C CD1  . LEU A 1 2 ? 4.080  3.767  -0.442 1.00 0.00 ? 2 LEU A CD1  20 
ATOM 2067 C CD2  . LEU A 1 2 ? 3.844  3.441  -2.905 1.00 0.00 ? 2 LEU A CD2  20 
ATOM 2068 H H    . LEU A 1 2 ? 0.310  1.702  -1.563 1.00 0.00 ? 2 LEU A H    20 
ATOM 2069 H HA   . LEU A 1 2 ? 2.537  1.033  -3.326 1.00 0.00 ? 2 LEU A HA   20 
ATOM 2070 H HB2  . LEU A 1 2 ? 2.526  1.565  -0.341 1.00 0.00 ? 2 LEU A HB2  20 
ATOM 2071 H HB3  . LEU A 1 2 ? 3.936  1.202  -1.311 1.00 0.00 ? 2 LEU A HB3  20 
ATOM 2072 H HG   . LEU A 1 2 ? 2.257  3.702  -1.513 1.00 0.00 ? 2 LEU A HG   20 
ATOM 2073 H HD11 . LEU A 1 2 ? 4.239  4.821  -0.623 1.00 0.00 ? 2 LEU A HD11 20 
ATOM 2074 H HD12 . LEU A 1 2 ? 5.032  3.257  -0.429 1.00 0.00 ? 2 LEU A HD12 20 
ATOM 2075 H HD13 . LEU A 1 2 ? 3.590  3.638  0.512  1.00 0.00 ? 2 LEU A HD13 20 
ATOM 2076 H HD21 . LEU A 1 2 ? 4.019  4.499  -3.030 1.00 0.00 ? 2 LEU A HD21 20 
ATOM 2077 H HD22 . LEU A 1 2 ? 3.177  3.096  -3.682 1.00 0.00 ? 2 LEU A HD22 20 
ATOM 2078 H HD23 . LEU A 1 2 ? 4.781  2.909  -2.971 1.00 0.00 ? 2 LEU A HD23 20 
ATOM 2079 N N    . TYR A 1 3 ? 2.888  -1.320 -2.157 1.00 0.00 ? 3 TYR A N    20 
ATOM 2080 C CA   . TYR A 1 3 ? 2.831  -2.728 -1.721 1.00 0.00 ? 3 TYR A CA   20 
ATOM 2081 C C    . TYR A 1 3 ? 2.378  -2.822 -0.241 1.00 0.00 ? 3 TYR A C    20 
ATOM 2082 O O    . TYR A 1 3 ? 1.428  -3.552 0.058  1.00 0.00 ? 3 TYR A O    20 
ATOM 2083 C CB   . TYR A 1 3 ? 4.179  -3.456 -1.898 1.00 0.00 ? 3 TYR A CB   20 
ATOM 2084 C CG   . TYR A 1 3 ? 4.833  -3.282 -3.238 1.00 0.00 ? 3 TYR A CG   20 
ATOM 2085 C CD1  . TYR A 1 3 ? 5.890  -2.398 -3.382 1.00 0.00 ? 3 TYR A CD1  20 
ATOM 2086 C CD2  . TYR A 1 3 ? 4.415  -3.999 -4.349 1.00 0.00 ? 3 TYR A CD2  20 
ATOM 2087 C CE1  . TYR A 1 3 ? 6.517  -2.232 -4.599 1.00 0.00 ? 3 TYR A CE1  20 
ATOM 2088 C CE2  . TYR A 1 3 ? 5.031  -3.837 -5.574 1.00 0.00 ? 3 TYR A CE2  20 
ATOM 2089 C CZ   . TYR A 1 3 ? 6.084  -2.954 -5.692 1.00 0.00 ? 3 TYR A CZ   20 
ATOM 2090 O OH   . TYR A 1 3 ? 6.712  -2.797 -6.909 1.00 0.00 ? 3 TYR A OH   20 
ATOM 2091 H H    . TYR A 1 3 ? 3.662  -0.994 -2.661 1.00 0.00 ? 3 TYR A H    20 
ATOM 2092 H HA   . TYR A 1 3 ? 2.079  -3.212 -2.328 1.00 0.00 ? 3 TYR A HA   20 
ATOM 2093 H HB2  . TYR A 1 3 ? 4.879  -3.103 -1.156 1.00 0.00 ? 3 TYR A HB2  20 
ATOM 2094 H HB3  . TYR A 1 3 ? 4.023  -4.513 -1.742 1.00 0.00 ? 3 TYR A HB3  20 
ATOM 2095 H HD1  . TYR A 1 3 ? 6.210  -1.845 -2.511 1.00 0.00 ? 3 TYR A HD1  20 
ATOM 2096 H HD2  . TYR A 1 3 ? 3.589  -4.686 -4.246 1.00 0.00 ? 3 TYR A HD2  20 
ATOM 2097 H HE1  . TYR A 1 3 ? 7.339  -1.538 -4.694 1.00 0.00 ? 3 TYR A HE1  20 
ATOM 2098 H HE2  . TYR A 1 3 ? 4.692  -4.403 -6.429 1.00 0.00 ? 3 TYR A HE2  20 
ATOM 2099 H HH   . TYR A 1 3 ? 7.662  -2.848 -6.737 1.00 0.00 ? 3 TYR A HH   20 
ATOM 2100 N N    . PRO A 1 4 ? 3.041  -2.095 0.719  1.00 0.00 ? 4 PRO A N    20 
ATOM 2101 C CA   . PRO A 1 4 ? 2.572  -2.061 2.092  1.00 0.00 ? 4 PRO A CA   20 
ATOM 2102 C C    . PRO A 1 4 ? 1.361  -1.117 2.227  1.00 0.00 ? 4 PRO A C    20 
ATOM 2103 O O    . PRO A 1 4 ? 1.280  -0.083 1.535  1.00 0.00 ? 4 PRO A O    20 
ATOM 2104 C CB   . PRO A 1 4 ? 3.783  -1.523 2.852  1.00 0.00 ? 4 PRO A CB   20 
ATOM 2105 C CG   . PRO A 1 4 ? 4.445  -0.616 1.887  1.00 0.00 ? 4 PRO A CG   20 
ATOM 2106 C CD   . PRO A 1 4 ? 4.296  -1.287 0.563  1.00 0.00 ? 4 PRO A CD   20 
ATOM 2107 H HA   . PRO A 1 4 ? 2.306  -3.046 2.446  1.00 0.00 ? 4 PRO A HA   20 
ATOM 2108 H HB2  . PRO A 1 4 ? 3.470  -1.006 3.746  1.00 0.00 ? 4 PRO A HB2  20 
ATOM 2109 H HB3  . PRO A 1 4 ? 4.434  -2.348 3.097  1.00 0.00 ? 4 PRO A HB3  20 
ATOM 2110 H HG2  . PRO A 1 4 ? 3.949  0.345  1.883  1.00 0.00 ? 4 PRO A HG2  20 
ATOM 2111 H HG3  . PRO A 1 4 ? 5.489  -0.503 2.137  1.00 0.00 ? 4 PRO A HG3  20 
ATOM 2112 H HD2  . PRO A 1 4 ? 4.198  -0.559 -0.228 1.00 0.00 ? 4 PRO A HD2  20 
ATOM 2113 H HD3  . PRO A 1 4 ? 5.145  -1.929 0.389  1.00 0.00 ? 4 PRO A HD3  20 
ATOM 2114 N N    . TYR A 1 5 ? 0.453  -1.455 3.117  1.00 0.00 ? 5 TYR A N    20 
ATOM 2115 C CA   . TYR A 1 5 ? -0.784 -0.708 3.296  1.00 0.00 ? 5 TYR A CA   20 
ATOM 2116 C C    . TYR A 1 5 ? -0.496 0.657  3.928  1.00 0.00 ? 5 TYR A C    20 
ATOM 2117 O O    . TYR A 1 5 ? 0.480  0.788  4.670  1.00 0.00 ? 5 TYR A O    20 
ATOM 2118 C CB   . TYR A 1 5 ? -1.759 -1.522 4.155  1.00 0.00 ? 5 TYR A CB   20 
ATOM 2119 C CG   . TYR A 1 5 ? -2.021 -2.903 3.593  1.00 0.00 ? 5 TYR A CG   20 
ATOM 2120 C CD1  . TYR A 1 5 ? -2.646 -3.065 2.366  1.00 0.00 ? 5 TYR A CD1  20 
ATOM 2121 C CD2  . TYR A 1 5 ? -1.636 -4.045 4.289  1.00 0.00 ? 5 TYR A CD2  20 
ATOM 2122 C CE1  . TYR A 1 5 ? -2.878 -4.319 1.846  1.00 0.00 ? 5 TYR A CE1  20 
ATOM 2123 C CE2  . TYR A 1 5 ? -1.868 -5.305 3.772  1.00 0.00 ? 5 TYR A CE2  20 
ATOM 2124 C CZ   . TYR A 1 5 ? -2.489 -5.433 2.550  1.00 0.00 ? 5 TYR A CZ   20 
ATOM 2125 O OH   . TYR A 1 5 ? -2.729 -6.691 2.022  1.00 0.00 ? 5 TYR A OH   20 
ATOM 2126 H H    . TYR A 1 5 ? 0.623  -2.219 3.706  1.00 0.00 ? 5 TYR A H    20 
ATOM 2127 H HA   . TYR A 1 5 ? -1.220 -0.552 2.320  1.00 0.00 ? 5 TYR A HA   20 
ATOM 2128 H HB2  . TYR A 1 5 ? -1.346 -1.636 5.146  1.00 0.00 ? 5 TYR A HB2  20 
ATOM 2129 H HB3  . TYR A 1 5 ? -2.705 -1.003 4.221  1.00 0.00 ? 5 TYR A HB3  20 
ATOM 2130 H HD1  . TYR A 1 5 ? -2.951 -2.188 1.813  1.00 0.00 ? 5 TYR A HD1  20 
ATOM 2131 H HD2  . TYR A 1 5 ? -1.151 -3.939 5.249  1.00 0.00 ? 5 TYR A HD2  20 
ATOM 2132 H HE1  . TYR A 1 5 ? -3.364 -4.428 0.889  1.00 0.00 ? 5 TYR A HE1  20 
ATOM 2133 H HE2  . TYR A 1 5 ? -1.562 -6.181 4.324  1.00 0.00 ? 5 TYR A HE2  20 
ATOM 2134 H HH   . TYR A 1 5 ? -2.410 -6.652 1.110  1.00 0.00 ? 5 TYR A HH   20 
ATOM 2135 N N    . PRO A 1 6 ? -1.326 1.700  3.674  1.00 0.00 ? 6 PRO A N    20 
ATOM 2136 C CA   . PRO A 1 6 ? -2.561 1.616  2.861  1.00 0.00 ? 6 PRO A CA   20 
ATOM 2137 C C    . PRO A 1 6 ? -2.304 1.399  1.362  1.00 0.00 ? 6 PRO A C    20 
ATOM 2138 O O    . PRO A 1 6 ? -1.178 1.575  0.875  1.00 0.00 ? 6 PRO A O    20 
ATOM 2139 C CB   . PRO A 1 6 ? -3.230 2.973  3.096  1.00 0.00 ? 6 PRO A CB   20 
ATOM 2140 C CG   . PRO A 1 6 ? -2.103 3.891  3.403  1.00 0.00 ? 6 PRO A CG   20 
ATOM 2141 C CD   . PRO A 1 6 ? -1.104 3.069  4.167  1.00 0.00 ? 6 PRO A CD   20 
ATOM 2142 H HA   . PRO A 1 6 ? -3.204 0.830  3.226  1.00 0.00 ? 6 PRO A HA   20 
ATOM 2143 H HB2  . PRO A 1 6 ? -3.760 3.274  2.203  1.00 0.00 ? 6 PRO A HB2  20 
ATOM 2144 H HB3  . PRO A 1 6 ? -3.918 2.904  3.925  1.00 0.00 ? 6 PRO A HB3  20 
ATOM 2145 H HG2  . PRO A 1 6 ? -1.668 4.256  2.483  1.00 0.00 ? 6 PRO A HG2  20 
ATOM 2146 H HG3  . PRO A 1 6 ? -2.451 4.717  4.005  1.00 0.00 ? 6 PRO A HG3  20 
ATOM 2147 H HD2  . PRO A 1 6 ? -0.098 3.397  3.948  1.00 0.00 ? 6 PRO A HD2  20 
ATOM 2148 H HD3  . PRO A 1 6 ? -1.296 3.130  5.228  1.00 0.00 ? 6 PRO A HD3  20 
ATOM 2149 N N    . ASP A 1 7 ? -3.357 1.011  0.662  1.00 0.00 ? 7 ASP A N    20 
ATOM 2150 C CA   . ASP A 1 7 ? -3.328 0.711  -0.774 1.00 0.00 ? 7 ASP A CA   20 
ATOM 2151 C C    . ASP A 1 7 ? -2.710 1.844  -1.581 1.00 0.00 ? 7 ASP A C    20 
ATOM 2152 O O    . ASP A 1 7 ? -2.984 3.021  -1.332 1.00 0.00 ? 7 ASP A O    20 
ATOM 2153 C CB   . ASP A 1 7 ? -4.742 0.412  -1.289 1.00 0.00 ? 7 ASP A CB   20 
ATOM 2154 C CG   . ASP A 1 7 ? -4.774 0.095  -2.770 1.00 0.00 ? 7 ASP A CG   20 
ATOM 2155 O OD1  . ASP A 1 7 ? -4.369 -1.019 -3.154 1.00 0.00 ? 7 ASP A OD1  20 
ATOM 2156 O OD2  . ASP A 1 7 ? -5.218 0.957  -3.571 1.00 0.00 ? 7 ASP A OD2  20 
ATOM 2157 H H    . ASP A 1 7 ? -4.212 0.930  1.138  1.00 0.00 ? 7 ASP A H    20 
ATOM 2158 H HA   . ASP A 1 7 ? -2.722 -0.173 -0.910 1.00 0.00 ? 7 ASP A HA   20 
ATOM 2159 H HB2  . ASP A 1 7 ? -5.142 -0.435 -0.750 1.00 0.00 ? 7 ASP A HB2  20 
ATOM 2160 H HB3  . ASP A 1 7 ? -5.367 1.273  -1.106 1.00 0.00 ? 7 ASP A HB3  20 
# 
